data_7OAY
#
_entry.id   7OAY
#
_cell.length_a   108.420
_cell.length_b   108.420
_cell.length_c   165.538
_cell.angle_alpha   90.000
_cell.angle_beta   90.000
_cell.angle_gamma   120.000
#
_symmetry.space_group_name_H-M   'P 31'
#
loop_
_entity.id
_entity.type
_entity.pdbx_description
1 polymer 'Spike protein S1'
2 polymer 'F2 nanobody'
3 non-polymer 2-acetamido-2-deoxy-beta-D-glucopyranose
4 water water
#
loop_
_entity_poly.entity_id
_entity_poly.type
_entity_poly.pdbx_seq_one_letter_code
_entity_poly.pdbx_strand_id
1 'polypeptide(L)'
;PNITNLCPFGEVFNATRFASVYAWNRKRISNCVADYSVLYNSASFSTFKCYGVSPTKLNDLCFTNVYADSFVIRGDEVRQ
IAPGQTGKIADYNYKLPDDFTGCVIAWNSNNLDSKVGGNYNYLYRLFRKSNLKPFERDISTEIYQAGSTPCNGVEGFNCY
FPLQSYGFQPTNGVGYQPYRVVVLSFELLHAPATVCGPKKSTNKHHHHHH
;
AAA,CCC,EEE,GGG,III,KKK
2 'polypeptide(L)'
;QVQLVESGGGLVQAGGSLRLACIASGRTFHSYVMAWFRQAPGKEREFVAAISWSSTPTYYGESVKGRFTISRDNAKNTVY
LQMNRLKPEDTAVYFCAADRGESYYYTRPTEYEFWGQGTQVTVSSKHHHHHH
;
BBB,DDD,FFF,HHH,JJJ,LLL
#
# COMPACT_ATOMS: atom_id res chain seq x y z
N ASN A 2 2.01 30.36 -43.32
CA ASN A 2 3.36 29.73 -43.22
C ASN A 2 4.26 30.53 -42.26
N ILE A 3 4.66 29.88 -41.16
CA ILE A 3 5.69 30.36 -40.19
C ILE A 3 7.06 30.42 -40.92
N THR A 4 7.71 31.59 -40.90
CA THR A 4 8.79 32.01 -41.84
C THR A 4 9.87 32.80 -41.09
N ASN A 5 9.49 33.52 -40.03
CA ASN A 5 10.41 34.26 -39.12
C ASN A 5 11.18 33.27 -38.23
N LEU A 6 12.48 33.46 -38.07
CA LEU A 6 13.34 32.60 -37.22
C LEU A 6 13.00 32.76 -35.74
N CYS A 7 13.08 31.68 -34.98
CA CYS A 7 12.85 31.67 -33.52
C CYS A 7 13.98 32.49 -32.91
N PRO A 8 13.67 33.40 -31.96
CA PRO A 8 14.65 34.35 -31.46
C PRO A 8 15.56 33.71 -30.39
N PHE A 9 16.43 32.79 -30.80
CA PHE A 9 17.38 32.09 -29.89
C PHE A 9 18.39 33.08 -29.28
N GLY A 10 18.78 34.11 -30.01
CA GLY A 10 19.64 35.20 -29.50
C GLY A 10 19.12 35.80 -28.21
N GLU A 11 17.82 36.08 -28.15
CA GLU A 11 17.16 36.70 -26.97
C GLU A 11 17.22 35.77 -25.76
N VAL A 12 17.37 34.46 -25.97
CA VAL A 12 17.47 33.44 -24.89
C VAL A 12 18.93 33.32 -24.43
N PHE A 13 19.81 32.94 -25.35
CA PHE A 13 21.22 32.54 -25.03
C PHE A 13 22.04 33.77 -24.65
N ASN A 14 21.72 34.93 -25.22
CA ASN A 14 22.46 36.21 -25.04
C ASN A 14 21.57 37.26 -24.35
N ALA A 15 20.55 36.85 -23.61
CA ALA A 15 19.76 37.75 -22.73
C ALA A 15 20.72 38.56 -21.87
N THR A 16 20.44 39.84 -21.67
CA THR A 16 21.34 40.74 -20.91
C THR A 16 21.32 40.34 -19.43
N ARG A 17 20.23 39.77 -18.95
CA ARG A 17 20.08 39.26 -17.56
C ARG A 17 19.74 37.78 -17.58
N PHE A 18 20.22 37.03 -16.59
CA PHE A 18 19.84 35.61 -16.35
C PHE A 18 19.29 35.47 -14.94
N ALA A 19 18.30 34.58 -14.77
CA ALA A 19 17.60 34.38 -13.49
C ALA A 19 18.45 33.58 -12.51
N SER A 20 18.21 33.78 -11.21
CA SER A 20 18.54 32.78 -10.16
C SER A 20 17.79 31.49 -10.47
N VAL A 21 18.42 30.36 -10.21
CA VAL A 21 17.83 29.02 -10.49
C VAL A 21 16.48 28.85 -9.79
N TYR A 22 16.32 29.32 -8.55
CA TYR A 22 15.06 29.09 -7.77
C TYR A 22 13.91 29.84 -8.48
N ALA A 23 14.23 30.96 -9.13
CA ALA A 23 13.28 31.84 -9.85
C ALA A 23 13.52 31.73 -11.35
N TRP A 24 13.70 30.52 -11.85
CA TRP A 24 14.12 30.25 -13.24
C TRP A 24 13.13 30.90 -14.21
N ASN A 25 13.67 31.43 -15.30
CA ASN A 25 12.92 32.21 -16.32
C ASN A 25 12.46 31.24 -17.42
N ARG A 26 11.22 31.41 -17.87
CA ARG A 26 10.60 30.72 -19.04
C ARG A 26 10.37 31.73 -20.17
N LYS A 27 10.86 31.45 -21.36
CA LYS A 27 10.38 32.13 -22.58
C LYS A 27 9.68 31.08 -23.41
N ARG A 28 8.47 31.39 -23.86
CA ARG A 28 7.73 30.55 -24.84
C ARG A 28 8.29 30.81 -26.22
N ILE A 29 8.56 29.75 -26.96
CA ILE A 29 8.97 29.85 -28.40
C ILE A 29 7.85 29.21 -29.22
N SER A 30 7.26 29.96 -30.14
CA SER A 30 6.17 29.47 -31.01
C SER A 30 6.04 30.32 -32.27
N ASN A 31 5.36 29.77 -33.26
CA ASN A 31 5.03 30.47 -34.54
C ASN A 31 6.32 31.03 -35.10
N CYS A 32 7.31 30.16 -35.25
CA CYS A 32 8.65 30.52 -35.74
C CYS A 32 9.40 29.28 -36.24
N VAL A 33 10.36 29.48 -37.13
CA VAL A 33 11.31 28.47 -37.66
C VAL A 33 12.49 28.36 -36.70
N ALA A 34 12.71 27.20 -36.10
CA ALA A 34 13.83 26.91 -35.16
C ALA A 34 15.06 26.50 -35.97
N ASP A 35 15.92 27.45 -36.28
CA ASP A 35 17.23 27.15 -36.92
C ASP A 35 18.28 26.98 -35.83
N TYR A 36 18.74 25.75 -35.66
CA TYR A 36 19.70 25.37 -34.59
C TYR A 36 21.14 25.50 -35.10
N SER A 37 21.37 25.88 -36.36
CA SER A 37 22.74 25.89 -36.92
C SER A 37 23.60 26.92 -36.18
N VAL A 38 22.99 27.96 -35.60
CA VAL A 38 23.74 28.95 -34.77
C VAL A 38 24.34 28.19 -33.55
N LEU A 39 23.58 27.29 -32.91
CA LEU A 39 24.04 26.49 -31.76
C LEU A 39 25.04 25.41 -32.22
N TYR A 40 24.87 24.82 -33.39
CA TYR A 40 25.73 23.74 -33.95
C TYR A 40 27.16 24.25 -34.14
N ASN A 41 27.31 25.55 -34.42
CA ASN A 41 28.60 26.18 -34.81
C ASN A 41 29.30 26.80 -33.59
N SER A 42 28.79 26.56 -32.38
CA SER A 42 29.37 26.99 -31.09
C SER A 42 30.28 25.87 -30.58
N ALA A 43 31.47 26.26 -30.11
CA ALA A 43 32.47 25.35 -29.49
C ALA A 43 32.51 25.56 -27.97
N SER A 44 31.93 26.64 -27.42
CA SER A 44 32.18 27.03 -26.00
C SER A 44 31.13 26.45 -25.05
N PHE A 45 30.06 25.83 -25.53
CA PHE A 45 29.09 25.13 -24.65
C PHE A 45 29.81 23.98 -23.92
N SER A 46 29.64 23.90 -22.60
CA SER A 46 30.24 22.84 -21.73
C SER A 46 29.48 21.52 -21.91
N THR A 47 28.19 21.60 -22.24
CA THR A 47 27.32 20.43 -22.47
C THR A 47 26.22 20.83 -23.46
N PHE A 48 25.79 19.89 -24.27
CA PHE A 48 24.70 20.07 -25.25
C PHE A 48 24.16 18.67 -25.48
N LYS A 49 23.15 18.29 -24.69
CA LYS A 49 22.53 16.97 -24.80
C LYS A 49 21.04 17.11 -25.06
N CYS A 50 20.50 16.21 -25.88
CA CYS A 50 19.03 16.10 -26.09
C CYS A 50 18.57 14.75 -25.54
N TYR A 51 17.29 14.72 -25.17
CA TYR A 51 16.57 13.58 -24.58
C TYR A 51 15.30 13.36 -25.41
N GLY A 52 15.07 12.16 -25.92
CA GLY A 52 13.86 11.84 -26.69
C GLY A 52 13.95 12.26 -28.16
N VAL A 53 14.96 13.04 -28.55
CA VAL A 53 15.28 13.34 -29.97
C VAL A 53 16.79 13.44 -30.12
N SER A 54 17.31 13.11 -31.28
CA SER A 54 18.75 13.24 -31.58
C SER A 54 19.04 14.71 -31.88
N PRO A 55 20.14 15.28 -31.34
CA PRO A 55 20.57 16.63 -31.72
C PRO A 55 20.74 16.82 -33.23
N THR A 56 21.05 15.72 -33.93
CA THR A 56 21.27 15.72 -35.40
C THR A 56 19.96 15.96 -36.14
N LYS A 57 18.81 15.85 -35.47
CA LYS A 57 17.50 15.94 -36.18
C LYS A 57 16.77 17.22 -35.80
N LEU A 58 17.33 18.10 -34.98
CA LEU A 58 16.59 19.30 -34.48
C LEU A 58 16.09 20.16 -35.65
N ASN A 59 16.84 20.25 -36.74
CA ASN A 59 16.44 21.11 -37.89
C ASN A 59 15.35 20.45 -38.73
N ASP A 60 14.91 19.23 -38.42
CA ASP A 60 13.92 18.46 -39.22
C ASP A 60 12.63 18.23 -38.45
N LEU A 61 12.51 18.68 -37.20
CA LEU A 61 11.39 18.27 -36.33
C LEU A 61 10.46 19.44 -36.05
N CYS A 62 9.18 19.11 -35.88
CA CYS A 62 8.06 20.04 -35.59
C CYS A 62 7.51 19.70 -34.21
N PHE A 63 7.18 20.73 -33.43
CA PHE A 63 6.67 20.61 -32.05
C PHE A 63 5.45 21.52 -31.91
N THR A 64 4.55 21.13 -31.00
CA THR A 64 3.32 21.88 -30.69
C THR A 64 3.68 23.13 -29.91
N ASN A 65 4.73 23.03 -29.09
CA ASN A 65 5.18 24.12 -28.19
C ASN A 65 6.64 23.92 -27.86
N VAL A 66 7.39 25.01 -27.71
CA VAL A 66 8.77 24.94 -27.18
C VAL A 66 8.87 25.94 -26.04
N TYR A 67 9.50 25.55 -24.93
CA TYR A 67 9.83 26.47 -23.82
C TYR A 67 11.35 26.52 -23.67
N ALA A 68 11.86 27.72 -23.42
CA ALA A 68 13.28 27.97 -23.08
C ALA A 68 13.33 28.45 -21.63
N ASP A 69 13.77 27.58 -20.74
CA ASP A 69 14.03 27.85 -19.31
C ASP A 69 15.52 28.17 -19.18
N SER A 70 15.87 29.23 -18.47
CA SER A 70 17.28 29.64 -18.32
C SER A 70 17.52 30.14 -16.91
N PHE A 71 18.75 29.97 -16.45
CA PHE A 71 19.17 30.36 -15.08
C PHE A 71 20.69 30.17 -14.95
N VAL A 72 21.22 30.53 -13.78
CA VAL A 72 22.63 30.33 -13.41
C VAL A 72 22.72 29.35 -12.23
N ILE A 73 23.69 28.44 -12.30
CA ILE A 73 24.08 27.50 -11.21
C ILE A 73 25.62 27.37 -11.23
N ARG A 74 26.19 26.65 -10.28
CA ARG A 74 27.64 26.28 -10.26
C ARG A 74 27.92 25.23 -11.33
N GLY A 75 29.15 25.20 -11.82
CA GLY A 75 29.63 24.20 -12.78
C GLY A 75 29.28 22.79 -12.38
N ASP A 76 29.56 22.38 -11.15
CA ASP A 76 29.40 20.95 -10.79
C ASP A 76 27.93 20.64 -10.42
N GLU A 77 27.01 21.59 -10.56
CA GLU A 77 25.56 21.34 -10.43
C GLU A 77 24.92 21.13 -11.80
N VAL A 78 25.63 21.42 -12.91
CA VAL A 78 25.04 21.30 -14.28
C VAL A 78 24.61 19.85 -14.52
N ARG A 79 25.33 18.84 -14.01
CA ARG A 79 24.95 17.40 -14.11
C ARG A 79 23.54 17.16 -13.54
N GLN A 80 22.99 18.02 -12.69
CA GLN A 80 21.65 17.86 -12.06
C GLN A 80 20.56 18.26 -13.04
N ILE A 81 20.89 18.99 -14.09
CA ILE A 81 19.87 19.45 -15.09
C ILE A 81 19.75 18.34 -16.13
N ALA A 82 19.14 17.24 -15.71
CA ALA A 82 19.05 16.00 -16.50
C ALA A 82 18.01 15.11 -15.84
N PRO A 83 17.27 14.29 -16.63
CA PRO A 83 16.30 13.38 -16.05
C PRO A 83 16.97 12.42 -15.06
N GLY A 84 16.31 12.18 -13.92
CA GLY A 84 16.68 11.13 -12.95
C GLY A 84 17.75 11.57 -11.97
N GLN A 85 18.03 12.87 -11.88
CA GLN A 85 19.10 13.42 -10.99
C GLN A 85 18.51 13.81 -9.64
N THR A 86 19.32 13.79 -8.58
CA THR A 86 19.03 14.37 -7.26
C THR A 86 20.15 15.32 -6.85
N GLY A 87 19.91 16.12 -5.80
CA GLY A 87 20.77 17.20 -5.29
C GLY A 87 19.95 18.44 -5.02
N LYS A 88 20.56 19.46 -4.40
CA LYS A 88 19.86 20.72 -4.02
C LYS A 88 19.10 21.23 -5.25
N ILE A 89 19.74 21.22 -6.42
CA ILE A 89 19.17 21.91 -7.63
C ILE A 89 18.02 21.07 -8.19
N ALA A 90 18.23 19.80 -8.49
CA ALA A 90 17.19 18.90 -9.02
C ALA A 90 16.01 18.83 -8.04
N ASP A 91 16.27 18.80 -6.73
CA ASP A 91 15.23 18.53 -5.72
C ASP A 91 14.44 19.80 -5.40
N TYR A 92 15.10 20.96 -5.27
CA TYR A 92 14.53 22.16 -4.62
C TYR A 92 14.44 23.37 -5.55
N ASN A 93 15.01 23.33 -6.76
CA ASN A 93 15.15 24.55 -7.61
C ASN A 93 14.56 24.32 -9.01
N TYR A 94 15.05 23.32 -9.73
CA TYR A 94 14.61 23.03 -11.13
C TYR A 94 14.68 21.53 -11.38
N LYS A 95 13.53 20.91 -11.65
CA LYS A 95 13.39 19.44 -11.79
C LYS A 95 12.94 19.12 -13.22
N LEU A 96 13.70 18.29 -13.93
CA LEU A 96 13.28 17.74 -15.23
C LEU A 96 12.54 16.44 -14.98
N PRO A 97 11.52 16.13 -15.82
CA PRO A 97 10.81 14.85 -15.75
C PRO A 97 11.71 13.68 -16.19
N ASP A 98 11.36 12.49 -15.78
CA ASP A 98 12.13 11.26 -16.11
C ASP A 98 12.12 11.00 -17.63
N ASP A 99 11.05 11.35 -18.32
CA ASP A 99 10.82 11.09 -19.78
C ASP A 99 11.06 12.39 -20.56
N PHE A 100 11.87 13.30 -20.03
CA PHE A 100 12.10 14.62 -20.66
C PHE A 100 12.31 14.50 -22.17
N THR A 101 11.61 15.34 -22.93
CA THR A 101 11.86 15.56 -24.37
C THR A 101 12.36 16.99 -24.57
N GLY A 102 13.63 17.14 -24.96
CA GLY A 102 14.24 18.45 -25.16
C GLY A 102 15.75 18.40 -25.04
N CYS A 103 16.37 19.57 -24.93
CA CYS A 103 17.85 19.69 -24.90
C CYS A 103 18.26 20.58 -23.71
N VAL A 104 19.42 20.27 -23.16
CA VAL A 104 20.05 21.04 -22.05
C VAL A 104 21.41 21.52 -22.54
N ILE A 105 21.60 22.84 -22.55
CA ILE A 105 22.85 23.51 -23.00
C ILE A 105 23.32 24.37 -21.84
N ALA A 106 24.62 24.33 -21.55
CA ALA A 106 25.23 25.16 -20.51
C ALA A 106 26.58 25.66 -21.04
N TRP A 107 27.05 26.77 -20.45
CA TRP A 107 28.39 27.32 -20.72
C TRP A 107 28.87 28.08 -19.48
N ASN A 108 30.16 28.05 -19.28
CA ASN A 108 30.87 28.82 -18.24
C ASN A 108 30.57 30.32 -18.49
N SER A 109 30.11 31.03 -17.46
CA SER A 109 29.80 32.48 -17.53
C SER A 109 30.63 33.24 -16.51
N ASN A 110 31.80 32.70 -16.14
CA ASN A 110 32.69 33.34 -15.16
C ASN A 110 32.95 34.79 -15.60
N ASN A 111 33.20 35.04 -16.89
CA ASN A 111 33.61 36.40 -17.35
C ASN A 111 32.47 37.41 -17.16
N LEU A 112 31.20 36.97 -17.14
CA LEU A 112 30.04 37.89 -17.04
C LEU A 112 29.47 37.89 -15.62
N ASP A 113 29.47 36.75 -14.92
CA ASP A 113 28.64 36.54 -13.72
C ASP A 113 29.47 36.48 -12.42
N SER A 114 30.78 36.70 -12.47
CA SER A 114 31.59 36.71 -11.24
C SER A 114 32.21 38.11 -11.10
N LYS A 115 32.41 38.60 -9.88
CA LYS A 115 32.97 39.95 -9.63
C LYS A 115 34.09 39.84 -8.60
N VAL A 116 34.98 40.82 -8.56
CA VAL A 116 36.13 40.89 -7.62
C VAL A 116 35.68 40.78 -6.16
N GLY A 117 34.56 41.42 -5.74
CA GLY A 117 34.08 41.28 -4.36
C GLY A 117 33.35 39.97 -4.09
N GLY A 118 33.12 39.18 -5.14
CA GLY A 118 32.09 38.12 -5.20
C GLY A 118 30.76 38.67 -5.68
N ASN A 119 30.11 37.97 -6.62
CA ASN A 119 28.74 38.29 -7.06
C ASN A 119 27.76 37.47 -6.21
N TYR A 120 26.96 38.15 -5.38
CA TYR A 120 26.01 37.51 -4.43
C TYR A 120 24.58 37.65 -4.97
N ASN A 121 24.40 38.09 -6.22
CA ASN A 121 23.05 38.30 -6.82
C ASN A 121 22.34 36.97 -7.11
N TYR A 122 23.06 35.89 -7.41
CA TYR A 122 22.45 34.60 -7.80
C TYR A 122 22.20 33.77 -6.53
N LEU A 123 20.95 33.32 -6.38
CA LEU A 123 20.45 32.58 -5.20
C LEU A 123 20.02 31.17 -5.63
N TYR A 124 20.01 30.24 -4.68
CA TYR A 124 19.42 28.88 -4.84
C TYR A 124 18.66 28.52 -3.56
N ARG A 125 17.60 27.73 -3.68
CA ARG A 125 16.83 27.22 -2.52
C ARG A 125 17.65 26.09 -1.89
N LEU A 126 17.96 26.21 -0.60
CA LEU A 126 18.81 25.27 0.16
C LEU A 126 17.93 24.26 0.91
N PHE A 127 16.74 24.68 1.36
CA PHE A 127 15.80 23.86 2.17
C PHE A 127 14.41 23.89 1.53
N ARG A 128 13.72 22.76 1.54
CA ARG A 128 12.28 22.69 1.16
C ARG A 128 11.66 21.44 1.79
N LYS A 129 10.37 21.51 2.14
CA LYS A 129 9.64 20.44 2.87
C LYS A 129 9.56 19.17 2.00
N SER A 130 9.58 19.33 0.68
CA SER A 130 9.46 18.19 -0.27
C SER A 130 10.06 18.60 -1.61
N ASN A 131 10.34 17.62 -2.45
CA ASN A 131 10.99 17.83 -3.77
C ASN A 131 10.01 18.49 -4.72
N LEU A 132 10.52 19.32 -5.62
CA LEU A 132 9.75 19.90 -6.74
C LEU A 132 9.22 18.76 -7.62
N LYS A 133 7.99 18.90 -8.10
CA LYS A 133 7.46 18.17 -9.29
C LYS A 133 8.19 18.69 -10.52
N PRO A 134 8.26 17.90 -11.61
CA PRO A 134 8.89 18.37 -12.84
C PRO A 134 8.31 19.72 -13.29
N PHE A 135 9.19 20.67 -13.63
CA PHE A 135 8.84 22.02 -14.14
C PHE A 135 8.12 22.85 -13.07
N GLU A 136 8.15 22.44 -11.82
CA GLU A 136 7.58 23.26 -10.71
C GLU A 136 8.57 24.39 -10.38
N ARG A 137 8.03 25.51 -9.90
CA ARG A 137 8.80 26.73 -9.58
C ARG A 137 8.37 27.23 -8.22
N ASP A 138 9.31 27.45 -7.30
CA ASP A 138 9.01 27.94 -5.94
C ASP A 138 9.80 29.21 -5.72
N ILE A 139 9.13 30.35 -5.57
CA ILE A 139 9.78 31.67 -5.31
C ILE A 139 9.41 32.17 -3.91
N SER A 140 8.82 31.30 -3.08
CA SER A 140 8.45 31.64 -1.68
C SER A 140 9.73 31.85 -0.87
N THR A 141 9.62 32.65 0.19
CA THR A 141 10.71 32.97 1.12
C THR A 141 10.17 32.78 2.54
N GLU A 142 9.35 31.76 2.77
CA GLU A 142 8.90 31.37 4.12
C GLU A 142 10.06 30.74 4.88
N ILE A 143 10.18 31.08 6.17
CA ILE A 143 11.18 30.51 7.08
C ILE A 143 10.94 29.00 7.12
N TYR A 144 11.99 28.22 6.87
CA TYR A 144 11.94 26.74 6.85
C TYR A 144 12.07 26.24 8.29
N GLN A 145 11.10 25.43 8.71
CA GLN A 145 11.09 24.72 10.01
C GLN A 145 11.91 23.44 9.86
N ALA A 146 13.15 23.47 10.35
CA ALA A 146 14.12 22.36 10.27
C ALA A 146 13.99 21.46 11.51
N GLY A 147 13.30 21.93 12.55
CA GLY A 147 13.24 21.26 13.86
C GLY A 147 11.82 21.13 14.36
N SER A 148 11.70 20.61 15.59
CA SER A 148 10.43 20.36 16.29
C SER A 148 9.61 21.65 16.43
N THR A 149 10.23 22.76 16.86
CA THR A 149 9.50 24.00 17.26
C THR A 149 8.95 24.69 16.01
N PRO A 150 7.72 25.26 16.05
CA PRO A 150 7.24 26.10 14.95
C PRO A 150 8.05 27.42 14.92
N CYS A 151 8.17 28.06 13.75
CA CYS A 151 9.11 29.19 13.52
C CYS A 151 8.44 30.55 13.69
N ASN A 152 7.10 30.59 13.56
CA ASN A 152 6.29 31.85 13.58
C ASN A 152 6.91 32.91 12.64
N GLY A 153 7.46 32.49 11.49
CA GLY A 153 8.05 33.35 10.45
C GLY A 153 9.18 34.24 10.97
N VAL A 154 9.90 33.78 11.99
CA VAL A 154 11.09 34.46 12.58
C VAL A 154 12.27 33.49 12.49
N GLU A 155 13.42 34.04 12.08
CA GLU A 155 14.67 33.31 11.86
C GLU A 155 15.33 32.99 13.21
N GLY A 156 16.09 31.90 13.25
CA GLY A 156 16.90 31.50 14.42
C GLY A 156 17.23 30.02 14.40
N PHE A 157 17.46 29.45 15.59
CA PHE A 157 17.73 28.02 15.85
C PHE A 157 16.72 27.17 15.07
N ASN A 158 17.18 26.31 14.16
CA ASN A 158 16.36 25.36 13.35
C ASN A 158 15.24 26.09 12.55
N CYS A 159 15.43 27.39 12.32
CA CYS A 159 14.45 28.26 11.62
C CYS A 159 15.19 29.09 10.57
N TYR A 160 15.40 28.52 9.39
CA TYR A 160 16.34 29.05 8.36
C TYR A 160 15.54 29.76 7.28
N PHE A 161 16.08 30.89 6.84
CA PHE A 161 15.70 31.54 5.57
C PHE A 161 16.07 30.56 4.47
N PRO A 162 15.14 30.20 3.56
CA PRO A 162 15.36 29.05 2.67
C PRO A 162 16.28 29.29 1.46
N LEU A 163 16.59 30.54 1.13
CA LEU A 163 17.44 30.89 -0.05
C LEU A 163 18.87 31.18 0.41
N GLN A 164 19.87 30.81 -0.37
CA GLN A 164 21.30 31.06 -0.10
C GLN A 164 21.92 31.64 -1.37
N SER A 165 22.93 32.48 -1.21
CA SER A 165 23.65 33.18 -2.30
C SER A 165 24.80 32.30 -2.78
N TYR A 166 25.11 32.32 -4.07
CA TYR A 166 26.28 31.58 -4.64
C TYR A 166 27.59 32.31 -4.30
N GLY A 167 27.62 33.62 -4.36
CA GLY A 167 28.92 34.32 -4.13
C GLY A 167 30.00 33.85 -5.08
N PHE A 168 29.89 34.23 -6.35
CA PHE A 168 30.79 33.82 -7.46
C PHE A 168 31.98 34.75 -7.52
N GLN A 169 33.19 34.23 -7.35
CA GLN A 169 34.45 35.00 -7.48
C GLN A 169 35.23 34.48 -8.68
N PRO A 170 35.88 35.39 -9.44
CA PRO A 170 36.58 35.00 -10.67
C PRO A 170 37.66 33.95 -10.40
N THR A 171 38.20 33.90 -9.17
CA THR A 171 39.28 32.98 -8.74
C THR A 171 38.75 31.61 -8.27
N ASN A 172 37.44 31.42 -8.12
CA ASN A 172 36.83 30.10 -7.80
C ASN A 172 37.38 29.01 -8.73
N GLY A 173 37.53 27.78 -8.23
CA GLY A 173 37.71 26.58 -9.07
C GLY A 173 36.59 26.43 -10.07
N VAL A 174 36.81 25.75 -11.19
CA VAL A 174 35.85 25.70 -12.35
C VAL A 174 34.47 25.21 -11.88
N GLY A 175 34.45 24.16 -11.04
CA GLY A 175 33.23 23.57 -10.48
C GLY A 175 32.42 24.59 -9.68
N TYR A 176 33.04 25.64 -9.15
CA TYR A 176 32.35 26.68 -8.33
C TYR A 176 32.15 27.97 -9.14
N GLN A 177 32.49 27.96 -10.44
CA GLN A 177 32.23 29.12 -11.33
C GLN A 177 30.78 29.08 -11.79
N PRO A 178 30.20 30.25 -12.13
CA PRO A 178 28.84 30.28 -12.62
C PRO A 178 28.77 29.68 -14.03
N TYR A 179 27.70 28.93 -14.27
CA TYR A 179 27.34 28.41 -15.61
C TYR A 179 25.92 28.88 -15.88
N ARG A 180 25.72 29.43 -17.09
CA ARG A 180 24.38 29.70 -17.64
C ARG A 180 23.87 28.42 -18.28
N VAL A 181 22.58 28.17 -18.09
CA VAL A 181 21.86 26.96 -18.58
C VAL A 181 20.63 27.43 -19.38
N VAL A 182 20.40 26.79 -20.52
CA VAL A 182 19.13 26.87 -21.29
C VAL A 182 18.62 25.44 -21.45
N VAL A 183 17.37 25.24 -21.04
CA VAL A 183 16.61 23.97 -21.22
C VAL A 183 15.54 24.27 -22.26
N LEU A 184 15.60 23.58 -23.39
CA LEU A 184 14.55 23.64 -24.43
C LEU A 184 13.65 22.42 -24.22
N SER A 185 12.40 22.68 -23.83
CA SER A 185 11.31 21.69 -23.68
C SER A 185 10.54 21.61 -24.99
N PHE A 186 10.37 20.40 -25.51
CA PHE A 186 9.61 20.15 -26.75
C PHE A 186 8.37 19.40 -26.32
N GLU A 187 7.22 19.95 -26.67
CA GLU A 187 5.89 19.32 -26.48
C GLU A 187 5.45 18.76 -27.85
N LEU A 188 4.88 17.57 -27.84
CA LEU A 188 4.16 16.97 -28.99
C LEU A 188 2.73 16.61 -28.53
N LEU A 189 1.85 17.59 -28.39
CA LEU A 189 0.46 17.36 -27.96
C LEU A 189 -0.46 17.20 -29.16
N HIS A 190 -1.74 16.96 -28.90
CA HIS A 190 -2.78 16.82 -29.94
C HIS A 190 -3.28 18.21 -30.27
N ALA A 191 -2.45 18.94 -31.01
CA ALA A 191 -2.59 20.38 -31.32
C ALA A 191 -1.78 20.67 -32.59
N PRO A 192 -2.03 21.77 -33.32
CA PRO A 192 -1.14 22.17 -34.41
C PRO A 192 0.31 22.36 -33.93
N ALA A 193 1.25 21.96 -34.76
CA ALA A 193 2.67 22.33 -34.62
C ALA A 193 2.81 23.84 -34.79
N THR A 194 3.57 24.50 -33.94
CA THR A 194 3.80 25.97 -34.02
C THR A 194 5.30 26.21 -34.25
N VAL A 195 6.17 25.24 -34.01
CA VAL A 195 7.63 25.40 -34.20
C VAL A 195 8.12 24.28 -35.12
N CYS A 196 8.75 24.62 -36.26
CA CYS A 196 9.44 23.64 -37.16
C CYS A 196 10.87 24.10 -37.45
N GLY A 197 11.77 23.16 -37.74
CA GLY A 197 13.10 23.46 -38.30
C GLY A 197 13.00 23.93 -39.75
N PRO A 198 14.09 24.44 -40.33
CA PRO A 198 14.09 24.88 -41.73
C PRO A 198 13.68 23.84 -42.78
N LYS A 199 13.95 22.55 -42.53
CA LYS A 199 13.85 21.44 -43.53
C LYS A 199 12.54 20.67 -43.34
N GLN B 1 22.63 5.16 -10.05
CA GLN B 1 23.84 4.45 -10.41
C GLN B 1 23.51 3.33 -11.43
N VAL B 2 24.16 3.34 -12.58
CA VAL B 2 24.24 2.19 -13.52
C VAL B 2 25.65 1.60 -13.46
N GLN B 3 25.79 0.29 -13.36
CA GLN B 3 27.11 -0.36 -13.50
C GLN B 3 27.19 -0.98 -14.89
N LEU B 4 28.40 -1.07 -15.42
CA LEU B 4 28.75 -1.50 -16.78
C LEU B 4 29.94 -2.45 -16.66
N VAL B 5 29.86 -3.60 -17.31
CA VAL B 5 30.99 -4.59 -17.36
C VAL B 5 31.22 -4.99 -18.82
N GLU B 6 32.43 -4.70 -19.30
CA GLU B 6 32.96 -5.10 -20.63
C GLU B 6 33.41 -6.57 -20.56
N SER B 7 33.30 -7.30 -21.67
CA SER B 7 33.90 -8.64 -21.89
C SER B 7 34.21 -8.81 -23.38
N GLY B 8 34.96 -9.85 -23.73
CA GLY B 8 35.30 -10.19 -25.12
C GLY B 8 36.63 -9.62 -25.58
N GLY B 9 37.38 -8.96 -24.70
CA GLY B 9 38.71 -8.41 -25.04
C GLY B 9 39.78 -9.50 -25.05
N GLY B 10 41.04 -9.13 -25.19
CA GLY B 10 42.17 -10.08 -25.15
C GLY B 10 43.11 -9.92 -26.33
N LEU B 11 43.92 -10.95 -26.59
CA LEU B 11 44.97 -10.96 -27.64
C LEU B 11 44.32 -11.36 -28.97
N VAL B 12 44.69 -10.73 -30.08
CA VAL B 12 44.22 -11.11 -31.44
C VAL B 12 45.28 -10.68 -32.45
N GLN B 13 45.45 -11.44 -33.54
CA GLN B 13 46.43 -11.16 -34.62
C GLN B 13 45.85 -10.06 -35.52
N ALA B 14 46.73 -9.19 -36.03
CA ALA B 14 46.43 -8.14 -37.04
C ALA B 14 45.61 -8.77 -38.17
N GLY B 15 44.61 -8.03 -38.66
CA GLY B 15 43.63 -8.54 -39.65
C GLY B 15 42.53 -9.36 -39.01
N GLY B 16 42.64 -9.70 -37.71
CA GLY B 16 41.65 -10.53 -37.00
C GLY B 16 40.44 -9.72 -36.57
N SER B 17 39.51 -10.37 -35.86
CA SER B 17 38.24 -9.82 -35.36
C SER B 17 38.08 -10.09 -33.86
N LEU B 18 37.31 -9.21 -33.21
CA LEU B 18 36.88 -9.31 -31.81
C LEU B 18 35.51 -8.65 -31.72
N ARG B 19 34.62 -9.26 -30.94
CA ARG B 19 33.37 -8.61 -30.52
C ARG B 19 33.45 -8.32 -29.02
N LEU B 20 33.64 -7.05 -28.70
CA LEU B 20 33.48 -6.54 -27.32
C LEU B 20 31.97 -6.49 -27.03
N ALA B 21 31.62 -6.84 -25.78
CA ALA B 21 30.26 -6.65 -25.27
C ALA B 21 30.33 -5.91 -23.95
N CYS B 22 29.28 -5.18 -23.64
CA CYS B 22 29.15 -4.47 -22.37
C CYS B 22 27.71 -4.59 -21.89
N ILE B 23 27.54 -5.10 -20.68
CA ILE B 23 26.19 -5.33 -20.09
C ILE B 23 26.01 -4.31 -18.96
N ALA B 24 24.83 -3.71 -18.89
CA ALA B 24 24.44 -2.66 -17.92
C ALA B 24 23.47 -3.27 -16.89
N SER B 25 23.53 -2.79 -15.65
CA SER B 25 22.49 -2.98 -14.63
C SER B 25 21.25 -2.17 -15.04
N GLY B 26 20.17 -2.29 -14.30
CA GLY B 26 19.03 -1.37 -14.41
C GLY B 26 17.95 -1.91 -15.34
N ARG B 27 16.78 -1.31 -15.24
CA ARG B 27 15.56 -1.74 -15.96
C ARG B 27 15.18 -0.70 -17.02
N THR B 28 16.03 0.29 -17.30
CA THR B 28 15.74 1.36 -18.28
C THR B 28 16.92 1.50 -19.22
N PHE B 29 17.54 0.38 -19.61
CA PHE B 29 18.67 0.34 -20.58
C PHE B 29 18.28 1.09 -21.86
N HIS B 30 17.02 0.96 -22.32
CA HIS B 30 16.48 1.60 -23.55
C HIS B 30 16.59 3.13 -23.45
N SER B 31 16.71 3.70 -22.24
CA SER B 31 16.75 5.17 -22.05
C SER B 31 18.20 5.67 -22.18
N TYR B 32 19.18 4.78 -22.39
CA TYR B 32 20.62 5.17 -22.38
C TYR B 32 21.18 5.16 -23.79
N VAL B 33 21.86 6.25 -24.14
CA VAL B 33 22.84 6.28 -25.25
C VAL B 33 24.05 5.49 -24.75
N MET B 34 24.50 4.50 -25.53
CA MET B 34 25.65 3.64 -25.16
C MET B 34 26.84 3.98 -26.07
N ALA B 35 28.05 3.93 -25.51
CA ALA B 35 29.26 4.36 -26.24
C ALA B 35 30.46 3.49 -25.84
N TRP B 36 31.43 3.47 -26.77
CA TRP B 36 32.78 2.88 -26.59
C TRP B 36 33.82 3.97 -26.74
N PHE B 37 34.74 4.04 -25.79
CA PHE B 37 35.97 4.85 -25.88
C PHE B 37 37.14 3.89 -25.73
N ARG B 38 38.34 4.33 -26.09
CA ARG B 38 39.56 3.51 -25.82
C ARG B 38 40.70 4.42 -25.40
N GLN B 39 41.68 3.84 -24.73
CA GLN B 39 42.84 4.60 -24.24
C GLN B 39 44.08 3.73 -24.38
N ALA B 40 44.95 4.17 -25.30
CA ALA B 40 46.29 3.63 -25.53
C ALA B 40 47.20 4.22 -24.46
N PRO B 41 48.30 3.52 -24.11
CA PRO B 41 49.29 4.10 -23.20
C PRO B 41 49.87 5.40 -23.78
N GLY B 42 49.93 6.44 -22.95
CA GLY B 42 50.43 7.78 -23.34
C GLY B 42 49.36 8.66 -23.93
N LYS B 43 48.17 8.15 -24.23
CA LYS B 43 47.11 8.92 -24.93
C LYS B 43 45.93 9.15 -24.00
N GLU B 44 45.09 10.12 -24.34
CA GLU B 44 43.82 10.40 -23.61
C GLU B 44 42.77 9.43 -24.12
N ARG B 45 41.64 9.35 -23.44
CA ARG B 45 40.46 8.57 -23.90
C ARG B 45 39.99 9.14 -25.24
N GLU B 46 39.94 8.28 -26.25
CA GLU B 46 39.57 8.60 -27.63
C GLU B 46 38.19 7.97 -27.88
N PHE B 47 37.26 8.73 -28.44
CA PHE B 47 35.91 8.24 -28.82
C PHE B 47 36.06 7.19 -29.93
N VAL B 48 35.34 6.09 -29.80
CA VAL B 48 35.34 4.99 -30.81
C VAL B 48 33.97 4.94 -31.50
N ALA B 49 32.88 4.83 -30.74
CA ALA B 49 31.52 4.64 -31.28
C ALA B 49 30.43 4.94 -30.25
N ALA B 50 29.24 5.28 -30.73
CA ALA B 50 28.04 5.53 -29.91
C ALA B 50 26.79 5.17 -30.69
N ILE B 51 25.74 4.82 -29.96
CA ILE B 51 24.43 4.39 -30.54
C ILE B 51 23.31 5.00 -29.72
N SER B 52 22.39 5.67 -30.41
CA SER B 52 21.22 6.32 -29.79
C SER B 52 20.20 5.25 -29.38
N TRP B 53 19.13 5.71 -28.71
CA TRP B 53 18.12 4.87 -28.03
C TRP B 53 17.51 3.88 -29.04
N SER B 54 17.04 4.38 -30.18
CA SER B 54 16.37 3.59 -31.25
C SER B 54 17.37 2.75 -32.04
N SER B 55 18.67 2.89 -31.77
CA SER B 55 19.81 2.39 -32.59
C SER B 55 20.12 3.33 -33.76
N THR B 56 19.40 4.44 -34.00
CA THR B 56 19.20 4.92 -35.40
C THR B 56 20.17 5.99 -35.85
N PRO B 57 20.61 6.94 -34.99
CA PRO B 57 21.92 7.58 -35.24
C PRO B 57 22.94 6.66 -34.54
N THR B 58 23.90 6.13 -35.30
CA THR B 58 25.17 5.59 -34.81
C THR B 58 26.29 6.56 -35.17
N TYR B 59 27.35 6.57 -34.38
CA TYR B 59 28.51 7.48 -34.56
C TYR B 59 29.79 6.65 -34.42
N TYR B 60 30.83 7.06 -35.16
CA TYR B 60 32.14 6.37 -35.22
C TYR B 60 33.27 7.41 -35.24
N GLY B 61 34.35 7.13 -34.53
CA GLY B 61 35.62 7.86 -34.68
C GLY B 61 36.19 7.66 -36.07
N GLU B 62 36.93 8.64 -36.56
CA GLU B 62 37.41 8.67 -37.96
C GLU B 62 38.25 7.42 -38.23
N SER B 63 39.08 6.99 -37.29
CA SER B 63 40.11 5.95 -37.53
C SER B 63 39.49 4.54 -37.46
N VAL B 64 38.25 4.39 -37.02
CA VAL B 64 37.59 3.04 -36.98
C VAL B 64 36.45 2.97 -38.00
N LYS B 65 36.04 4.10 -38.56
CA LYS B 65 34.94 4.15 -39.57
C LYS B 65 35.18 3.07 -40.64
N GLY B 66 34.18 2.23 -40.91
CA GLY B 66 34.23 1.16 -41.91
C GLY B 66 34.62 -0.19 -41.32
N ARG B 67 35.42 -0.21 -40.25
CA ARG B 67 35.99 -1.47 -39.68
C ARG B 67 35.17 -1.92 -38.48
N PHE B 68 34.59 -0.99 -37.71
CA PHE B 68 33.89 -1.28 -36.43
C PHE B 68 32.39 -1.04 -36.59
N THR B 69 31.56 -1.89 -35.99
CA THR B 69 30.09 -1.75 -35.95
C THR B 69 29.62 -1.78 -34.50
N ILE B 70 28.94 -0.73 -34.06
CA ILE B 70 28.26 -0.70 -32.74
C ILE B 70 26.80 -1.13 -32.95
N SER B 71 26.25 -1.89 -32.00
CA SER B 71 24.86 -2.36 -31.99
C SER B 71 24.43 -2.55 -30.53
N ARG B 72 23.13 -2.65 -30.29
CA ARG B 72 22.56 -2.82 -28.93
C ARG B 72 21.47 -3.87 -28.99
N ASP B 73 21.32 -4.63 -27.92
CA ASP B 73 20.21 -5.58 -27.70
C ASP B 73 19.57 -5.20 -26.36
N ASN B 74 18.49 -4.43 -26.42
CA ASN B 74 17.79 -3.88 -25.25
C ASN B 74 17.29 -5.03 -24.36
N ALA B 75 16.85 -6.15 -24.95
CA ALA B 75 16.36 -7.33 -24.19
C ALA B 75 17.46 -7.88 -23.27
N LYS B 76 18.74 -7.66 -23.60
CA LYS B 76 19.88 -8.20 -22.82
C LYS B 76 20.71 -7.10 -22.15
N ASN B 77 20.21 -5.85 -22.16
CA ASN B 77 20.93 -4.73 -21.52
C ASN B 77 22.38 -4.66 -22.07
N THR B 78 22.59 -5.00 -23.33
CA THR B 78 23.97 -5.16 -23.88
C THR B 78 24.17 -4.27 -25.11
N VAL B 79 25.32 -3.60 -25.15
CA VAL B 79 25.88 -2.93 -26.35
C VAL B 79 27.08 -3.74 -26.83
N TYR B 80 27.24 -3.88 -28.14
CA TYR B 80 28.31 -4.68 -28.81
C TYR B 80 29.19 -3.75 -29.65
N LEU B 81 30.47 -4.07 -29.75
CA LEU B 81 31.41 -3.46 -30.72
C LEU B 81 32.07 -4.60 -31.52
N GLN B 82 31.63 -4.78 -32.76
CA GLN B 82 32.23 -5.68 -33.75
C GLN B 82 33.46 -4.94 -34.31
N MET B 83 34.66 -5.47 -34.07
CA MET B 83 35.91 -4.85 -34.54
C MET B 83 36.52 -5.79 -35.58
N ASN B 84 36.53 -5.38 -36.84
CA ASN B 84 37.06 -6.17 -37.98
C ASN B 84 38.38 -5.56 -38.46
N ARG B 85 39.22 -6.37 -39.08
CA ARG B 85 40.47 -5.92 -39.74
C ARG B 85 41.25 -5.06 -38.75
N LEU B 86 41.52 -5.65 -37.58
CA LEU B 86 42.22 -4.96 -36.47
C LEU B 86 43.69 -4.72 -36.85
N LYS B 87 44.20 -3.56 -36.48
CA LYS B 87 45.61 -3.13 -36.71
C LYS B 87 46.26 -2.94 -35.34
N PRO B 88 47.61 -3.02 -35.23
CA PRO B 88 48.30 -2.74 -33.97
C PRO B 88 47.87 -1.45 -33.27
N GLU B 89 47.59 -0.39 -34.02
CA GLU B 89 47.18 0.96 -33.52
C GLU B 89 45.82 0.87 -32.79
N ASP B 90 45.10 -0.26 -32.88
CA ASP B 90 43.80 -0.46 -32.20
C ASP B 90 44.02 -1.01 -30.79
N THR B 91 45.24 -1.41 -30.45
CA THR B 91 45.61 -1.89 -29.10
C THR B 91 45.32 -0.78 -28.09
N ALA B 92 44.52 -1.08 -27.06
CA ALA B 92 44.14 -0.11 -26.01
C ALA B 92 43.24 -0.77 -24.98
N VAL B 93 42.98 -0.06 -23.89
CA VAL B 93 41.86 -0.37 -22.96
C VAL B 93 40.61 0.21 -23.60
N TYR B 94 39.58 -0.63 -23.76
CA TYR B 94 38.28 -0.24 -24.33
C TYR B 94 37.29 -0.10 -23.18
N PHE B 95 36.70 1.10 -23.08
CA PHE B 95 35.71 1.48 -22.04
C PHE B 95 34.32 1.57 -22.65
N CYS B 96 33.39 0.93 -21.98
CA CYS B 96 31.93 1.07 -22.16
C CYS B 96 31.51 2.37 -21.46
N ALA B 97 30.60 3.15 -22.05
CA ALA B 97 30.04 4.32 -21.36
C ALA B 97 28.54 4.45 -21.68
N ALA B 98 27.81 5.15 -20.82
CA ALA B 98 26.35 5.33 -20.93
C ALA B 98 25.94 6.70 -20.41
N ASP B 99 24.89 7.25 -21.03
CA ASP B 99 24.25 8.52 -20.58
C ASP B 99 22.79 8.53 -21.04
N ARG B 100 21.92 9.20 -20.25
CA ARG B 100 20.51 9.39 -20.67
C ARG B 100 20.45 10.25 -21.94
N GLY B 101 21.37 11.19 -22.09
CA GLY B 101 21.37 12.19 -23.15
C GLY B 101 22.25 11.79 -24.31
N GLU B 102 21.81 12.14 -25.52
CA GLU B 102 22.63 12.11 -26.75
C GLU B 102 23.22 13.51 -26.95
N SER B 103 24.55 13.60 -26.98
CA SER B 103 25.29 14.89 -27.04
C SER B 103 25.51 15.32 -28.50
N TYR B 104 25.35 16.60 -28.77
CA TYR B 104 25.89 17.21 -30.00
C TYR B 104 27.39 16.95 -30.02
N TYR B 105 28.07 17.01 -28.86
CA TYR B 105 29.52 16.81 -28.72
C TYR B 105 29.77 15.35 -28.28
N TYR B 106 29.30 14.39 -29.07
CA TYR B 106 29.23 12.94 -28.70
C TYR B 106 30.62 12.34 -28.48
N THR B 107 31.71 12.99 -28.92
CA THR B 107 33.09 12.49 -28.72
C THR B 107 33.65 12.92 -27.36
N ARG B 108 32.99 13.81 -26.62
CA ARG B 108 33.51 14.27 -25.32
C ARG B 108 33.24 13.25 -24.21
N PRO B 109 34.29 12.75 -23.53
CA PRO B 109 34.10 11.90 -22.34
C PRO B 109 33.17 12.49 -21.28
N THR B 110 33.25 13.80 -21.03
CA THR B 110 32.47 14.52 -19.99
C THR B 110 30.96 14.46 -20.30
N GLU B 111 30.55 14.13 -21.53
CA GLU B 111 29.12 14.03 -21.90
C GLU B 111 28.53 12.67 -21.49
N TYR B 112 29.33 11.74 -20.95
CA TYR B 112 28.84 10.41 -20.51
C TYR B 112 29.04 10.26 -18.99
N GLU B 113 27.96 10.07 -18.25
CA GLU B 113 28.02 10.00 -16.76
C GLU B 113 28.63 8.68 -16.29
N PHE B 114 28.32 7.55 -16.95
CA PHE B 114 28.66 6.19 -16.47
C PHE B 114 29.73 5.57 -17.34
N TRP B 115 30.73 4.97 -16.67
CA TRP B 115 31.91 4.36 -17.31
C TRP B 115 32.17 2.98 -16.72
N GLY B 116 32.41 1.99 -17.57
CA GLY B 116 33.01 0.71 -17.14
C GLY B 116 34.45 0.89 -16.72
N GLN B 117 35.08 -0.16 -16.19
CA GLN B 117 36.51 -0.10 -15.74
C GLN B 117 37.43 -0.33 -16.94
N GLY B 118 36.88 -0.85 -18.06
CA GLY B 118 37.63 -1.10 -19.31
C GLY B 118 38.16 -2.51 -19.39
N THR B 119 38.50 -2.97 -20.60
CA THR B 119 39.08 -4.30 -20.88
C THR B 119 40.18 -4.10 -21.92
N GLN B 120 41.31 -4.80 -21.76
CA GLN B 120 42.46 -4.72 -22.67
C GLN B 120 42.10 -5.46 -23.97
N VAL B 121 42.33 -4.81 -25.10
CA VAL B 121 42.47 -5.43 -26.44
C VAL B 121 43.92 -5.26 -26.88
N THR B 122 44.59 -6.36 -27.23
CA THR B 122 45.98 -6.32 -27.75
C THR B 122 45.99 -6.94 -29.15
N VAL B 123 46.47 -6.19 -30.15
CA VAL B 123 46.61 -6.65 -31.56
C VAL B 123 48.12 -6.80 -31.85
N SER B 124 48.62 -8.04 -31.96
CA SER B 124 50.05 -8.33 -32.28
C SER B 124 50.25 -8.21 -33.80
N SER B 125 51.49 -7.98 -34.25
CA SER B 125 51.83 -7.69 -35.68
C SER B 125 52.60 -8.88 -36.25
N ASN C 2 -49.08 6.09 -30.75
CA ASN C 2 -47.75 5.40 -30.53
C ASN C 2 -46.97 6.14 -29.43
N ILE C 3 -46.74 5.48 -28.29
CA ILE C 3 -45.72 5.88 -27.27
C ILE C 3 -44.33 5.72 -27.90
N THR C 4 -43.50 6.78 -27.91
CA THR C 4 -42.21 6.84 -28.66
C THR C 4 -41.06 7.39 -27.81
N ASN C 5 -41.36 8.06 -26.70
CA ASN C 5 -40.36 8.64 -25.76
C ASN C 5 -39.68 7.52 -24.96
N LEU C 6 -38.36 7.55 -24.87
CA LEU C 6 -37.57 6.50 -24.15
C LEU C 6 -37.76 6.66 -22.64
N CYS C 7 -37.79 5.55 -21.92
CA CYS C 7 -37.94 5.51 -20.45
C CYS C 7 -36.74 6.22 -19.85
N PRO C 8 -36.94 7.10 -18.84
CA PRO C 8 -35.85 7.92 -18.30
C PRO C 8 -34.98 7.13 -17.30
N PHE C 9 -34.25 6.13 -17.79
CA PHE C 9 -33.35 5.28 -16.97
C PHE C 9 -32.19 6.10 -16.42
N GLY C 10 -31.72 7.12 -17.18
CA GLY C 10 -30.66 8.04 -16.74
C GLY C 10 -31.01 8.69 -15.42
N GLU C 11 -32.26 9.12 -15.23
CA GLU C 11 -32.72 9.80 -13.99
C GLU C 11 -32.63 8.86 -12.79
N VAL C 12 -32.66 7.55 -13.02
CA VAL C 12 -32.56 6.51 -11.94
C VAL C 12 -31.09 6.20 -11.67
N PHE C 13 -30.36 5.72 -12.68
CA PHE C 13 -28.98 5.18 -12.56
C PHE C 13 -27.98 6.30 -12.23
N ASN C 14 -28.23 7.52 -12.71
CA ASN C 14 -27.31 8.68 -12.62
C ASN C 14 -27.96 9.81 -11.80
N ALA C 15 -28.96 9.50 -10.98
CA ALA C 15 -29.53 10.45 -9.99
C ALA C 15 -28.39 11.06 -9.20
N THR C 16 -28.47 12.36 -8.94
CA THR C 16 -27.42 13.12 -8.22
C THR C 16 -27.38 12.66 -6.77
N ARG C 17 -28.51 12.21 -6.20
CA ARG C 17 -28.61 11.70 -4.82
C ARG C 17 -29.14 10.26 -4.87
N PHE C 18 -28.65 9.42 -3.96
CA PHE C 18 -29.21 8.07 -3.71
C PHE C 18 -29.68 7.97 -2.26
N ALA C 19 -30.75 7.22 -2.00
CA ALA C 19 -31.32 6.99 -0.65
C ALA C 19 -30.43 6.07 0.17
N SER C 20 -30.46 6.22 1.50
CA SER C 20 -30.12 5.16 2.46
C SER C 20 -31.03 3.95 2.21
N VAL C 21 -30.50 2.76 2.37
CA VAL C 21 -31.24 1.49 2.13
C VAL C 21 -32.53 1.42 2.98
N TYR C 22 -32.51 1.87 4.25
CA TYR C 22 -33.70 1.75 5.14
C TYR C 22 -34.83 2.64 4.59
N ALA C 23 -34.47 3.74 3.92
CA ALA C 23 -35.41 4.72 3.34
C ALA C 23 -35.34 4.64 1.81
N TRP C 24 -35.33 3.42 1.28
CA TRP C 24 -35.09 3.17 -0.16
C TRP C 24 -36.12 3.92 -1.01
N ASN C 25 -35.67 4.42 -2.14
CA ASN C 25 -36.48 5.26 -3.06
C ASN C 25 -37.12 4.37 -4.13
N ARG C 26 -38.41 4.59 -4.45
CA ARG C 26 -39.18 4.00 -5.58
C ARG C 26 -39.49 5.04 -6.65
N LYS C 27 -39.14 4.80 -7.90
CA LYS C 27 -39.69 5.58 -9.02
C LYS C 27 -40.55 4.64 -9.88
N ARG C 28 -41.76 5.07 -10.22
CA ARG C 28 -42.60 4.42 -11.25
C ARG C 28 -42.09 4.84 -12.63
N ILE C 29 -41.92 3.89 -13.52
CA ILE C 29 -41.63 4.10 -14.97
C ILE C 29 -42.81 3.56 -15.77
N SER C 30 -43.41 4.41 -16.62
CA SER C 30 -44.60 4.05 -17.45
C SER C 30 -44.73 4.95 -18.68
N ASN C 31 -45.56 4.53 -19.64
CA ASN C 31 -45.89 5.30 -20.87
C ASN C 31 -44.58 5.74 -21.51
N CYS C 32 -43.71 4.75 -21.79
CA CYS C 32 -42.39 4.99 -22.40
C CYS C 32 -41.85 3.68 -23.03
N VAL C 33 -40.92 3.81 -23.97
CA VAL C 33 -40.16 2.70 -24.61
C VAL C 33 -38.94 2.39 -23.75
N ALA C 34 -38.87 1.16 -23.22
CA ALA C 34 -37.77 0.70 -22.35
C ALA C 34 -36.67 0.11 -23.23
N ASP C 35 -35.70 0.95 -23.59
CA ASP C 35 -34.50 0.48 -24.32
C ASP C 35 -33.41 0.15 -23.31
N TYR C 36 -33.08 -1.13 -23.16
CA TYR C 36 -32.09 -1.63 -22.18
C TYR C 36 -30.69 -1.67 -22.78
N SER C 37 -30.52 -1.31 -24.05
CA SER C 37 -29.18 -1.35 -24.70
C SER C 37 -28.21 -0.38 -24.03
N VAL C 38 -28.72 0.66 -23.37
CA VAL C 38 -27.87 1.58 -22.56
C VAL C 38 -27.18 0.76 -21.44
N LEU C 39 -27.92 -0.12 -20.77
CA LEU C 39 -27.37 -0.97 -19.67
C LEU C 39 -26.47 -2.08 -20.26
N TYR C 40 -26.79 -2.60 -21.44
CA TYR C 40 -26.04 -3.71 -22.09
C TYR C 40 -24.60 -3.26 -22.40
N ASN C 41 -24.38 -1.97 -22.61
CA ASN C 41 -23.08 -1.40 -23.05
C ASN C 41 -22.19 -0.98 -21.86
N SER C 42 -22.64 -1.23 -20.62
CA SER C 42 -21.92 -0.88 -19.37
C SER C 42 -21.07 -2.05 -18.91
N ALA C 43 -19.81 -1.79 -18.54
CA ALA C 43 -18.85 -2.81 -18.05
C ALA C 43 -18.58 -2.63 -16.56
N SER C 44 -19.00 -1.51 -15.93
CA SER C 44 -18.67 -1.24 -14.51
C SER C 44 -19.75 -1.74 -13.55
N PHE C 45 -20.89 -2.28 -14.00
CA PHE C 45 -21.84 -2.97 -13.09
C PHE C 45 -21.14 -4.19 -12.45
N SER C 46 -21.21 -4.32 -11.13
CA SER C 46 -20.61 -5.44 -10.36
C SER C 46 -21.50 -6.67 -10.49
N THR C 47 -22.79 -6.47 -10.67
CA THR C 47 -23.78 -7.57 -10.82
C THR C 47 -24.92 -7.04 -11.71
N PHE C 48 -25.50 -7.93 -12.50
CA PHE C 48 -26.67 -7.58 -13.35
C PHE C 48 -27.38 -8.91 -13.59
N LYS C 49 -28.34 -9.21 -12.73
CA LYS C 49 -29.10 -10.49 -12.80
C LYS C 49 -30.58 -10.20 -12.88
N CYS C 50 -31.28 -11.03 -13.64
CA CYS C 50 -32.75 -10.96 -13.80
C CYS C 50 -33.36 -12.25 -13.27
N TYR C 51 -34.61 -12.13 -12.82
CA TYR C 51 -35.43 -13.17 -12.18
C TYR C 51 -36.77 -13.23 -12.92
N GLY C 52 -37.13 -14.40 -13.46
CA GLY C 52 -38.39 -14.55 -14.21
C GLY C 52 -38.25 -14.17 -15.66
N VAL C 53 -37.21 -13.45 -16.08
CA VAL C 53 -36.97 -13.17 -17.53
C VAL C 53 -35.47 -13.15 -17.79
N SER C 54 -35.08 -13.58 -18.98
CA SER C 54 -33.66 -13.61 -19.42
C SER C 54 -33.24 -12.19 -19.75
N PRO C 55 -32.03 -11.72 -19.33
CA PRO C 55 -31.48 -10.46 -19.78
C PRO C 55 -31.49 -10.25 -21.29
N THR C 56 -31.37 -11.36 -22.03
CA THR C 56 -31.38 -11.37 -23.53
C THR C 56 -32.76 -10.95 -24.07
N LYS C 57 -33.81 -10.95 -23.26
CA LYS C 57 -35.19 -10.74 -23.75
C LYS C 57 -35.75 -9.39 -23.28
N LEU C 58 -34.98 -8.58 -22.55
CA LEU C 58 -35.57 -7.37 -21.90
C LEU C 58 -36.21 -6.44 -22.94
N ASN C 59 -35.63 -6.36 -24.12
CA ASN C 59 -36.10 -5.43 -25.18
C ASN C 59 -37.33 -5.99 -25.91
N ASP C 60 -37.80 -7.20 -25.58
CA ASP C 60 -38.90 -7.85 -26.33
C ASP C 60 -40.16 -8.00 -25.48
N LEU C 61 -40.21 -7.46 -24.27
CA LEU C 61 -41.35 -7.68 -23.35
C LEU C 61 -42.14 -6.37 -23.19
N CYS C 62 -43.43 -6.50 -22.91
CA CYS C 62 -44.32 -5.40 -22.48
C CYS C 62 -44.77 -5.66 -21.04
N PHE C 63 -44.82 -4.61 -20.24
CA PHE C 63 -45.33 -4.60 -18.85
C PHE C 63 -46.29 -3.41 -18.68
N THR C 64 -47.12 -3.43 -17.64
CA THR C 64 -48.04 -2.31 -17.32
C THR C 64 -47.20 -1.16 -16.76
N ASN C 65 -46.20 -1.53 -15.99
CA ASN C 65 -45.37 -0.60 -15.20
C ASN C 65 -44.02 -1.27 -14.92
N VAL C 66 -43.04 -0.43 -14.72
CA VAL C 66 -41.72 -0.83 -14.16
C VAL C 66 -41.50 0.03 -12.94
N TYR C 67 -41.00 -0.55 -11.87
CA TYR C 67 -40.59 0.18 -10.65
C TYR C 67 -39.08 0.09 -10.53
N ALA C 68 -38.47 1.25 -10.28
CA ALA C 68 -37.04 1.37 -10.01
C ALA C 68 -36.85 1.76 -8.54
N ASP C 69 -36.39 0.81 -7.75
CA ASP C 69 -35.96 1.02 -6.34
C ASP C 69 -34.45 1.23 -6.35
N SER C 70 -33.96 2.21 -5.62
CA SER C 70 -32.51 2.49 -5.58
C SER C 70 -32.11 2.90 -4.17
N PHE C 71 -30.85 2.60 -3.84
CA PHE C 71 -30.27 2.87 -2.51
C PHE C 71 -28.78 2.53 -2.53
N VAL C 72 -28.11 2.80 -1.41
CA VAL C 72 -26.66 2.46 -1.20
C VAL C 72 -26.55 1.43 -0.07
N ILE C 73 -25.70 0.43 -0.28
CA ILE C 73 -25.26 -0.56 0.74
C ILE C 73 -23.75 -0.81 0.58
N ARG C 74 -23.15 -1.64 1.45
CA ARG C 74 -21.75 -2.09 1.33
C ARG C 74 -21.67 -3.12 0.20
N GLY C 75 -20.48 -3.22 -0.41
CA GLY C 75 -20.20 -4.23 -1.45
C GLY C 75 -20.64 -5.61 -1.05
N ASP C 76 -20.25 -6.09 0.12
CA ASP C 76 -20.50 -7.53 0.46
C ASP C 76 -21.92 -7.72 0.98
N GLU C 77 -22.78 -6.69 0.98
CA GLU C 77 -24.22 -6.86 1.25
C GLU C 77 -25.02 -7.00 -0.07
N VAL C 78 -24.41 -6.74 -1.22
CA VAL C 78 -25.14 -6.79 -2.52
C VAL C 78 -25.74 -8.18 -2.75
N ARG C 79 -25.09 -9.26 -2.35
CA ARG C 79 -25.63 -10.65 -2.46
C ARG C 79 -27.04 -10.77 -1.80
N GLN C 80 -27.37 -9.90 -0.84
CA GLN C 80 -28.66 -9.97 -0.10
C GLN C 80 -29.79 -9.38 -0.93
N ILE C 81 -29.51 -8.65 -1.99
CA ILE C 81 -30.57 -8.05 -2.85
C ILE C 81 -30.98 -9.08 -3.89
N ALA C 82 -31.70 -10.10 -3.44
CA ALA C 82 -32.08 -11.27 -4.26
C ALA C 82 -33.17 -12.05 -3.54
N PRO C 83 -34.12 -12.67 -4.26
CA PRO C 83 -35.16 -13.47 -3.60
C PRO C 83 -34.52 -14.58 -2.74
N GLY C 84 -35.00 -14.79 -1.52
CA GLY C 84 -34.66 -15.91 -0.63
C GLY C 84 -33.40 -15.67 0.18
N GLN C 85 -32.90 -14.44 0.24
CA GLN C 85 -31.67 -14.09 1.04
C GLN C 85 -32.02 -13.68 2.47
N THR C 86 -31.09 -13.84 3.42
CA THR C 86 -31.20 -13.30 4.80
C THR C 86 -29.95 -12.48 5.13
N GLY C 87 -30.03 -11.70 6.22
CA GLY C 87 -29.00 -10.75 6.67
C GLY C 87 -29.65 -9.45 7.10
N LYS C 88 -28.88 -8.53 7.70
CA LYS C 88 -29.41 -7.24 8.18
C LYS C 88 -30.18 -6.57 7.04
N ILE C 89 -29.68 -6.59 5.81
CA ILE C 89 -30.29 -5.80 4.70
C ILE C 89 -31.58 -6.49 4.23
N ALA C 90 -31.52 -7.77 3.86
CA ALA C 90 -32.71 -8.55 3.43
C ALA C 90 -33.80 -8.52 4.52
N ASP C 91 -33.40 -8.63 5.79
CA ASP C 91 -34.36 -8.84 6.92
C ASP C 91 -34.94 -7.50 7.37
N TYR C 92 -34.15 -6.43 7.45
CA TYR C 92 -34.49 -5.21 8.21
C TYR C 92 -34.57 -3.95 7.33
N ASN C 93 -34.17 -4.00 6.06
CA ASN C 93 -34.01 -2.78 5.22
C ASN C 93 -34.78 -2.91 3.90
N TYR C 94 -34.49 -3.92 3.09
CA TYR C 94 -35.06 -4.10 1.74
C TYR C 94 -35.17 -5.59 1.42
N LYS C 95 -36.40 -6.07 1.26
CA LYS C 95 -36.73 -7.50 1.11
C LYS C 95 -37.38 -7.71 -0.26
N LEU C 96 -36.80 -8.56 -1.09
CA LEU C 96 -37.44 -8.99 -2.35
C LEU C 96 -38.32 -10.19 -2.07
N PRO C 97 -39.48 -10.27 -2.77
CA PRO C 97 -40.36 -11.43 -2.70
C PRO C 97 -39.72 -12.66 -3.34
N ASP C 98 -40.20 -13.83 -3.00
CA ASP C 98 -39.65 -15.10 -3.55
C ASP C 98 -39.96 -15.19 -5.04
N ASP C 99 -41.10 -14.62 -5.50
CA ASP C 99 -41.56 -14.70 -6.90
C ASP C 99 -41.21 -13.41 -7.64
N PHE C 100 -40.19 -12.68 -7.18
CA PHE C 100 -39.73 -11.43 -7.83
C PHE C 100 -39.58 -11.66 -9.35
N THR C 101 -40.10 -10.74 -10.15
CA THR C 101 -39.85 -10.63 -11.60
C THR C 101 -39.14 -9.29 -11.82
N GLY C 102 -37.90 -9.32 -12.29
CA GLY C 102 -37.14 -8.08 -12.56
C GLY C 102 -35.66 -8.29 -12.55
N CYS C 103 -34.90 -7.21 -12.46
CA CYS C 103 -33.41 -7.26 -12.48
C CYS C 103 -32.85 -6.47 -11.32
N VAL C 104 -31.69 -6.91 -10.85
CA VAL C 104 -30.91 -6.25 -9.76
C VAL C 104 -29.55 -5.89 -10.34
N ILE C 105 -29.24 -4.60 -10.32
CA ILE C 105 -27.97 -4.05 -10.88
C ILE C 105 -27.32 -3.26 -9.75
N ALA C 106 -26.02 -3.44 -9.59
CA ALA C 106 -25.21 -2.69 -8.61
C ALA C 106 -23.88 -2.30 -9.24
N TRP C 107 -23.27 -1.25 -8.72
CA TRP C 107 -21.92 -0.80 -9.11
C TRP C 107 -21.26 -0.09 -7.92
N ASN C 108 -19.95 -0.22 -7.85
CA ASN C 108 -19.09 0.47 -6.87
C ASN C 108 -19.29 1.99 -7.04
N SER C 109 -19.59 2.70 -5.96
CA SER C 109 -19.79 4.18 -5.97
C SER C 109 -18.81 4.83 -5.01
N ASN C 110 -17.66 4.20 -4.79
CA ASN C 110 -16.64 4.73 -3.88
C ASN C 110 -16.32 6.17 -4.28
N ASN C 111 -16.18 6.47 -5.57
CA ASN C 111 -15.75 7.81 -6.07
C ASN C 111 -16.79 8.89 -5.70
N LEU C 112 -18.06 8.54 -5.57
CA LEU C 112 -19.15 9.51 -5.34
C LEU C 112 -19.57 9.52 -3.87
N ASP C 113 -19.55 8.36 -3.20
CA ASP C 113 -20.28 8.16 -1.90
C ASP C 113 -19.32 8.01 -0.72
N SER C 114 -18.02 8.14 -0.90
CA SER C 114 -17.07 8.03 0.24
C SER C 114 -16.32 9.35 0.38
N LYS C 115 -15.96 9.75 1.60
CA LYS C 115 -15.28 11.04 1.89
C LYS C 115 -14.09 10.79 2.79
N VAL C 116 -13.12 11.70 2.76
CA VAL C 116 -11.85 11.61 3.53
C VAL C 116 -12.11 11.40 5.03
N GLY C 117 -13.08 12.09 5.65
CA GLY C 117 -13.35 11.89 7.09
C GLY C 117 -14.24 10.69 7.35
N GLY C 118 -14.65 9.97 6.31
CA GLY C 118 -15.80 9.04 6.32
C GLY C 118 -17.11 9.75 6.00
N ASN C 119 -17.92 9.20 5.08
CA ASN C 119 -19.29 9.66 4.81
C ASN C 119 -20.26 8.91 5.73
N TYR C 120 -20.90 9.62 6.65
CA TYR C 120 -21.80 9.05 7.67
C TYR C 120 -23.26 9.34 7.28
N ASN C 121 -23.51 9.85 6.06
CA ASN C 121 -24.89 10.18 5.59
C ASN C 121 -25.69 8.89 5.28
N TYR C 122 -25.05 7.79 4.87
CA TYR C 122 -25.79 6.56 4.53
C TYR C 122 -26.00 5.70 5.77
N LEU C 123 -27.27 5.35 6.02
CA LEU C 123 -27.73 4.62 7.22
C LEU C 123 -28.31 3.27 6.78
N TYR C 124 -28.31 2.31 7.71
CA TYR C 124 -29.06 1.04 7.58
C TYR C 124 -29.72 0.74 8.94
N ARG C 125 -30.86 0.06 8.91
CA ARG C 125 -31.52 -0.43 10.15
C ARG C 125 -30.74 -1.64 10.66
N LEU C 126 -30.27 -1.57 11.91
CA LEU C 126 -29.41 -2.61 12.53
C LEU C 126 -30.27 -3.55 13.39
N PHE C 127 -31.33 -3.02 13.99
CA PHE C 127 -32.25 -3.71 14.92
C PHE C 127 -33.69 -3.52 14.45
N ARG C 128 -34.47 -4.58 14.51
CA ARG C 128 -35.92 -4.54 14.29
C ARG C 128 -36.57 -5.73 15.00
N LYS C 129 -37.79 -5.57 15.51
CA LYS C 129 -38.51 -6.61 16.29
C LYS C 129 -38.82 -7.81 15.39
N SER C 130 -38.96 -7.60 14.09
CA SER C 130 -39.35 -8.67 13.13
C SER C 130 -38.91 -8.28 11.72
N ASN C 131 -38.87 -9.24 10.81
CA ASN C 131 -38.37 -9.07 9.43
C ASN C 131 -39.38 -8.25 8.62
N LEU C 132 -38.90 -7.45 7.69
CA LEU C 132 -39.74 -6.75 6.70
C LEU C 132 -40.48 -7.80 5.85
N LYS C 133 -41.72 -7.50 5.51
CA LYS C 133 -42.44 -8.14 4.38
C LYS C 133 -41.82 -7.67 3.06
N PRO C 134 -41.96 -8.43 1.96
CA PRO C 134 -41.41 -8.01 0.67
C PRO C 134 -41.90 -6.61 0.26
N PHE C 135 -40.97 -5.75 -0.13
CA PHE C 135 -41.21 -4.36 -0.56
C PHE C 135 -41.77 -3.49 0.58
N GLU C 136 -41.64 -3.93 1.82
CA GLU C 136 -41.99 -3.08 2.99
C GLU C 136 -40.85 -2.07 3.20
N ARG C 137 -41.20 -0.90 3.73
CA ARG C 137 -40.28 0.21 3.99
C ARG C 137 -40.54 0.72 5.40
N ASP C 138 -39.51 0.80 6.23
CA ASP C 138 -39.63 1.23 7.65
C ASP C 138 -38.65 2.38 7.81
N ILE C 139 -39.16 3.59 8.07
CA ILE C 139 -38.33 4.80 8.29
C ILE C 139 -38.48 5.27 9.74
N SER C 140 -39.09 4.46 10.61
CA SER C 140 -39.27 4.77 12.05
C SER C 140 -37.91 4.79 12.73
N THR C 141 -37.79 5.56 13.81
CA THR C 141 -36.54 5.70 14.59
C THR C 141 -36.88 5.52 16.07
N GLU C 142 -37.71 4.53 16.37
CA GLU C 142 -38.13 4.19 17.76
C GLU C 142 -36.96 3.48 18.43
N ILE C 143 -36.73 3.82 19.70
CA ILE C 143 -35.66 3.20 20.53
C ILE C 143 -35.96 1.70 20.58
N TYR C 144 -34.99 0.88 20.22
CA TYR C 144 -35.13 -0.59 20.18
C TYR C 144 -34.80 -1.13 21.56
N GLN C 145 -35.74 -1.88 22.15
CA GLN C 145 -35.54 -2.58 23.45
C GLN C 145 -34.84 -3.91 23.18
N ALA C 146 -33.53 -3.96 23.40
CA ALA C 146 -32.65 -5.11 23.16
C ALA C 146 -32.58 -5.99 24.41
N GLY C 147 -33.08 -5.50 25.55
CA GLY C 147 -32.96 -6.20 26.84
C GLY C 147 -34.30 -6.36 27.55
N SER C 148 -34.27 -6.97 28.73
CA SER C 148 -35.42 -7.12 29.65
C SER C 148 -36.02 -5.75 30.00
N THR C 149 -35.20 -4.75 30.34
CA THR C 149 -35.66 -3.44 30.89
C THR C 149 -36.40 -2.65 29.83
N PRO C 150 -37.55 -1.99 30.17
CA PRO C 150 -38.18 -1.06 29.23
C PRO C 150 -37.30 0.20 29.07
N CYS C 151 -37.42 0.88 27.94
CA CYS C 151 -36.51 1.99 27.53
C CYS C 151 -37.07 3.36 27.91
N ASN C 152 -38.38 3.47 28.17
CA ASN C 152 -39.06 4.72 28.61
C ASN C 152 -38.66 5.90 27.70
N GLY C 153 -38.50 5.65 26.39
CA GLY C 153 -38.18 6.68 25.37
C GLY C 153 -36.86 7.40 25.63
N VAL C 154 -35.91 6.74 26.29
CA VAL C 154 -34.53 7.26 26.55
C VAL C 154 -33.53 6.24 26.00
N GLU C 155 -32.49 6.73 25.33
CA GLU C 155 -31.41 5.87 24.76
C GLU C 155 -30.44 5.50 25.89
N GLY C 156 -29.78 4.35 25.79
CA GLY C 156 -28.80 3.89 26.79
C GLY C 156 -28.51 2.40 26.67
N PHE C 157 -28.04 1.77 27.75
CA PHE C 157 -27.69 0.32 27.81
C PHE C 157 -28.91 -0.49 27.35
N ASN C 158 -28.73 -1.33 26.32
CA ASN C 158 -29.77 -2.25 25.75
C ASN C 158 -30.97 -1.45 25.22
N CYS C 159 -30.78 -0.16 24.96
CA CYS C 159 -31.84 0.77 24.50
C CYS C 159 -31.28 1.60 23.32
N TYR C 160 -31.27 1.02 22.13
CA TYR C 160 -30.47 1.45 20.98
C TYR C 160 -31.37 2.23 20.02
N PHE C 161 -30.83 3.33 19.51
CA PHE C 161 -31.34 4.00 18.29
C PHE C 161 -31.14 2.99 17.17
N PRO C 162 -32.18 2.67 16.38
CA PRO C 162 -32.16 1.48 15.52
C PRO C 162 -31.39 1.64 14.20
N LEU C 163 -31.03 2.87 13.83
CA LEU C 163 -30.26 3.14 12.57
C LEU C 163 -28.78 3.27 12.91
N GLN C 164 -27.93 2.74 12.04
CA GLN C 164 -26.46 2.82 12.16
C GLN C 164 -25.92 3.39 10.84
N SER C 165 -24.86 4.15 10.96
CA SER C 165 -24.20 4.83 9.83
C SER C 165 -23.18 3.88 9.21
N TYR C 166 -23.00 3.90 7.90
CA TYR C 166 -21.99 3.07 7.18
C TYR C 166 -20.60 3.67 7.41
N GLY C 167 -20.47 5.00 7.41
CA GLY C 167 -19.13 5.59 7.55
C GLY C 167 -18.21 5.09 6.45
N PHE C 168 -18.45 5.52 5.20
CA PHE C 168 -17.71 5.07 4.00
C PHE C 168 -16.46 5.91 3.81
N GLN C 169 -15.29 5.29 3.82
CA GLN C 169 -13.99 5.95 3.57
C GLN C 169 -13.39 5.41 2.30
N PRO C 170 -12.75 6.28 1.48
CA PRO C 170 -12.21 5.87 0.20
C PRO C 170 -11.19 4.73 0.34
N THR C 171 -10.53 4.61 1.50
CA THR C 171 -9.50 3.58 1.82
C THR C 171 -10.10 2.26 2.34
N ASN C 172 -11.40 2.18 2.62
CA ASN C 172 -12.09 0.91 2.99
C ASN C 172 -11.72 -0.22 2.02
N GLY C 173 -11.64 -1.46 2.49
CA GLY C 173 -11.65 -2.66 1.63
C GLY C 173 -12.85 -2.67 0.69
N VAL C 174 -12.78 -3.33 -0.46
CA VAL C 174 -13.81 -3.24 -1.53
C VAL C 174 -15.17 -3.68 -0.96
N GLY C 175 -15.20 -4.74 -0.16
CA GLY C 175 -16.42 -5.26 0.51
C GLY C 175 -17.07 -4.20 1.39
N TYR C 176 -16.32 -3.22 1.90
CA TYR C 176 -16.84 -2.17 2.79
C TYR C 176 -17.01 -0.84 2.04
N GLN C 177 -16.81 -0.82 0.72
CA GLN C 177 -17.05 0.39 -0.10
C GLN C 177 -18.52 0.50 -0.44
N PRO C 178 -19.02 1.72 -0.70
CA PRO C 178 -20.42 1.88 -1.04
C PRO C 178 -20.70 1.34 -2.45
N TYR C 179 -21.84 0.68 -2.61
CA TYR C 179 -22.37 0.24 -3.91
C TYR C 179 -23.77 0.82 -4.03
N ARG C 180 -24.03 1.43 -5.19
CA ARG C 180 -25.38 1.84 -5.60
C ARG C 180 -26.08 0.63 -6.19
N VAL C 181 -27.37 0.50 -5.88
CA VAL C 181 -28.23 -0.62 -6.34
C VAL C 181 -29.47 -0.02 -7.00
N VAL C 182 -29.84 -0.59 -8.15
CA VAL C 182 -31.16 -0.35 -8.79
C VAL C 182 -31.81 -1.72 -8.96
N VAL C 183 -33.04 -1.82 -8.45
CA VAL C 183 -33.92 -3.00 -8.60
C VAL C 183 -35.05 -2.57 -9.54
N LEU C 184 -35.16 -3.23 -10.69
CA LEU C 184 -36.24 -3.03 -11.65
C LEU C 184 -37.27 -4.14 -11.43
N SER C 185 -38.46 -3.79 -10.95
CA SER C 185 -39.66 -4.65 -10.88
C SER C 185 -40.47 -4.54 -12.17
N PHE C 186 -40.86 -5.67 -12.73
CA PHE C 186 -41.73 -5.72 -13.94
C PHE C 186 -43.15 -6.12 -13.55
N GLU C 187 -44.13 -5.26 -13.72
CA GLU C 187 -45.52 -5.46 -13.21
C GLU C 187 -46.45 -5.77 -14.40
N LEU C 188 -47.34 -6.72 -14.24
CA LEU C 188 -48.46 -7.01 -15.15
C LEU C 188 -49.79 -6.89 -14.39
N LEU C 189 -50.50 -5.79 -14.55
CA LEU C 189 -51.91 -5.64 -14.09
C LEU C 189 -52.85 -5.93 -15.25
N HIS C 190 -54.16 -5.93 -15.00
CA HIS C 190 -55.18 -6.06 -16.07
C HIS C 190 -55.45 -4.64 -16.58
N ALA C 191 -54.49 -4.13 -17.34
CA ALA C 191 -54.41 -2.74 -17.86
C ALA C 191 -53.64 -2.78 -19.17
N PRO C 192 -53.78 -1.78 -20.06
CA PRO C 192 -52.90 -1.70 -21.23
C PRO C 192 -51.42 -1.69 -20.81
N ALA C 193 -50.57 -2.41 -21.54
CA ALA C 193 -49.12 -2.39 -21.32
C ALA C 193 -48.63 -1.01 -21.73
N THR C 194 -47.86 -0.33 -20.90
CA THR C 194 -47.45 1.08 -21.16
C THR C 194 -45.92 1.12 -21.27
N VAL C 195 -45.22 0.07 -20.89
CA VAL C 195 -43.75 -0.04 -21.03
C VAL C 195 -43.45 -1.22 -21.93
N CYS C 196 -42.92 -0.94 -23.12
CA CYS C 196 -42.58 -1.92 -24.18
C CYS C 196 -41.16 -1.66 -24.63
N GLY C 197 -40.53 -2.71 -25.16
CA GLY C 197 -39.23 -2.59 -25.84
C GLY C 197 -39.38 -1.88 -27.18
N PRO C 198 -38.25 -1.51 -27.81
CA PRO C 198 -38.29 -0.86 -29.13
C PRO C 198 -38.97 -1.68 -30.23
N LYS C 199 -39.33 -1.06 -31.36
CA LYS C 199 -40.15 -1.65 -32.46
C LYS C 199 -39.25 -2.15 -33.60
N GLN D 1 -29.82 -23.05 1.06
CA GLN D 1 -28.60 -23.77 0.69
C GLN D 1 -28.99 -24.89 -0.31
N VAL D 2 -28.35 -24.88 -1.47
CA VAL D 2 -28.43 -25.95 -2.49
C VAL D 2 -27.08 -26.69 -2.53
N GLN D 3 -27.11 -28.01 -2.52
CA GLN D 3 -25.91 -28.84 -2.78
C GLN D 3 -25.99 -29.36 -4.22
N LEU D 4 -24.82 -29.51 -4.82
CA LEU D 4 -24.63 -29.92 -6.23
C LEU D 4 -23.57 -31.04 -6.25
N VAL D 5 -23.86 -32.14 -6.93
CA VAL D 5 -22.88 -33.25 -7.12
C VAL D 5 -22.78 -33.57 -8.61
N GLU D 6 -21.57 -33.40 -9.15
CA GLU D 6 -21.18 -33.80 -10.52
C GLU D 6 -20.92 -35.31 -10.56
N SER D 7 -21.21 -35.95 -11.69
CA SER D 7 -20.82 -37.34 -12.04
C SER D 7 -20.59 -37.43 -13.56
N GLY D 8 -20.02 -38.55 -14.03
CA GLY D 8 -19.83 -38.83 -15.47
C GLY D 8 -18.46 -38.39 -15.98
N GLY D 9 -17.58 -37.93 -15.09
CA GLY D 9 -16.20 -37.51 -15.43
C GLY D 9 -15.31 -38.70 -15.70
N GLY D 10 -14.02 -38.47 -15.94
CA GLY D 10 -13.02 -39.55 -16.00
C GLY D 10 -12.12 -39.43 -17.22
N LEU D 11 -11.47 -40.54 -17.56
CA LEU D 11 -10.47 -40.66 -18.65
C LEU D 11 -11.21 -40.87 -19.98
N VAL D 12 -10.78 -40.24 -21.06
CA VAL D 12 -11.34 -40.50 -22.42
C VAL D 12 -10.26 -40.15 -23.44
N GLN D 13 -10.24 -40.86 -24.58
CA GLN D 13 -9.28 -40.59 -25.70
C GLN D 13 -9.77 -39.39 -26.50
N ALA D 14 -8.83 -38.55 -26.97
CA ALA D 14 -9.05 -37.41 -27.88
C ALA D 14 -10.02 -37.83 -28.99
N GLY D 15 -10.95 -36.95 -29.37
CA GLY D 15 -12.03 -37.27 -30.32
C GLY D 15 -13.18 -38.02 -29.67
N GLY D 16 -13.04 -38.50 -28.43
CA GLY D 16 -14.10 -39.24 -27.72
C GLY D 16 -15.15 -38.31 -27.14
N SER D 17 -16.11 -38.88 -26.41
CA SER D 17 -17.28 -38.21 -25.78
C SER D 17 -17.40 -38.55 -24.31
N LEU D 18 -18.03 -37.64 -23.57
CA LEU D 18 -18.42 -37.78 -22.15
C LEU D 18 -19.69 -36.97 -21.93
N ARG D 19 -20.62 -37.48 -21.15
CA ARG D 19 -21.76 -36.71 -20.62
C ARG D 19 -21.57 -36.53 -19.11
N LEU D 20 -21.18 -35.33 -18.71
CA LEU D 20 -21.21 -34.88 -17.30
C LEU D 20 -22.67 -34.66 -16.91
N ALA D 21 -23.01 -35.02 -15.69
CA ALA D 21 -24.30 -34.68 -15.07
C ALA D 21 -24.05 -34.02 -13.71
N CYS D 22 -24.99 -33.19 -13.30
CA CYS D 22 -24.95 -32.56 -11.98
C CYS D 22 -26.36 -32.50 -11.44
N ILE D 23 -26.54 -33.08 -10.25
CA ILE D 23 -27.87 -33.16 -9.58
C ILE D 23 -27.85 -32.18 -8.39
N ALA D 24 -28.94 -31.45 -8.22
CA ALA D 24 -29.14 -30.42 -7.17
C ALA D 24 -30.11 -30.95 -6.13
N SER D 25 -29.91 -30.56 -4.87
CA SER D 25 -30.91 -30.69 -3.79
C SER D 25 -32.06 -29.71 -4.07
N GLY D 26 -33.10 -29.74 -3.26
CA GLY D 26 -34.15 -28.71 -3.27
C GLY D 26 -35.34 -29.12 -4.12
N ARG D 27 -36.45 -28.41 -3.93
CA ARG D 27 -37.72 -28.70 -4.63
C ARG D 27 -38.04 -27.58 -5.62
N THR D 28 -37.13 -26.65 -5.90
CA THR D 28 -37.38 -25.53 -6.85
C THR D 28 -36.22 -25.46 -7.84
N PHE D 29 -35.76 -26.60 -8.32
CA PHE D 29 -34.69 -26.69 -9.36
C PHE D 29 -35.05 -25.82 -10.57
N HIS D 30 -36.33 -25.77 -10.97
CA HIS D 30 -36.84 -24.97 -12.11
C HIS D 30 -36.58 -23.46 -11.89
N SER D 31 -36.33 -23.03 -10.65
CA SER D 31 -36.04 -21.60 -10.32
C SER D 31 -34.55 -21.28 -10.54
N TYR D 32 -33.71 -22.27 -10.89
CA TYR D 32 -32.22 -22.07 -10.94
C TYR D 32 -31.75 -22.02 -12.38
N VAL D 33 -30.96 -21.00 -12.69
CA VAL D 33 -30.01 -21.00 -13.84
C VAL D 33 -28.87 -21.97 -13.47
N MET D 34 -28.59 -22.93 -14.33
CA MET D 34 -27.51 -23.93 -14.09
C MET D 34 -26.33 -23.66 -15.05
N ALA D 35 -25.12 -23.85 -14.56
CA ALA D 35 -23.90 -23.58 -15.34
C ALA D 35 -22.81 -24.63 -15.08
N TRP D 36 -21.90 -24.72 -16.04
CA TRP D 36 -20.64 -25.48 -15.98
C TRP D 36 -19.47 -24.50 -16.14
N PHE D 37 -18.49 -24.60 -15.25
CA PHE D 37 -17.17 -23.94 -15.37
C PHE D 37 -16.13 -25.05 -15.31
N ARG D 38 -14.90 -24.76 -15.71
CA ARG D 38 -13.79 -25.74 -15.58
C ARG D 38 -12.53 -25.00 -15.17
N GLN D 39 -11.60 -25.76 -14.62
CA GLN D 39 -10.32 -25.19 -14.15
C GLN D 39 -9.23 -26.21 -14.42
N ALA D 40 -8.34 -25.85 -15.35
CA ALA D 40 -7.08 -26.54 -15.63
C ALA D 40 -6.07 -26.08 -14.58
N PRO D 41 -5.10 -26.95 -14.21
CA PRO D 41 -4.06 -26.54 -13.25
C PRO D 41 -3.28 -25.32 -13.76
N GLY D 42 -3.09 -24.32 -12.90
CA GLY D 42 -2.38 -23.07 -13.22
C GLY D 42 -3.28 -22.01 -13.81
N LYS D 43 -4.55 -22.32 -14.13
CA LYS D 43 -5.49 -21.35 -14.72
C LYS D 43 -6.61 -21.01 -13.74
N GLU D 44 -7.37 -19.95 -14.03
CA GLU D 44 -8.58 -19.60 -13.25
C GLU D 44 -9.75 -20.42 -13.78
N ARG D 45 -10.87 -20.41 -13.07
CA ARG D 45 -12.17 -20.92 -13.52
C ARG D 45 -12.56 -20.24 -14.82
N GLU D 46 -12.79 -21.05 -15.85
CA GLU D 46 -13.21 -20.64 -17.20
C GLU D 46 -14.68 -21.04 -17.36
N PHE D 47 -15.53 -20.11 -17.81
CA PHE D 47 -16.95 -20.38 -18.14
C PHE D 47 -17.01 -21.40 -19.29
N VAL D 48 -17.87 -22.42 -19.17
CA VAL D 48 -18.06 -23.45 -20.22
C VAL D 48 -19.45 -23.31 -20.84
N ALA D 49 -20.51 -23.35 -20.01
CA ALA D 49 -21.91 -23.33 -20.50
C ALA D 49 -22.89 -22.97 -19.39
N ALA D 50 -24.06 -22.45 -19.79
CA ALA D 50 -25.16 -22.11 -18.88
C ALA D 50 -26.50 -22.27 -19.60
N ILE D 51 -27.54 -22.52 -18.81
CA ILE D 51 -28.93 -22.76 -19.32
C ILE D 51 -29.92 -22.04 -18.40
N SER D 52 -30.79 -21.22 -18.99
CA SER D 52 -31.87 -20.50 -18.29
C SER D 52 -32.94 -21.48 -17.83
N TRP D 53 -33.90 -20.96 -17.05
CA TRP D 53 -35.00 -21.72 -16.40
C TRP D 53 -35.76 -22.54 -17.45
N SER D 54 -36.20 -21.91 -18.55
CA SER D 54 -37.05 -22.52 -19.61
C SER D 54 -36.21 -23.44 -20.51
N SER D 55 -34.88 -23.46 -20.32
CA SER D 55 -33.89 -24.08 -21.24
C SER D 55 -33.54 -23.15 -22.41
N THR D 56 -34.12 -21.96 -22.55
CA THR D 56 -34.33 -21.38 -23.90
C THR D 56 -33.24 -20.40 -24.33
N PRO D 57 -32.65 -19.57 -23.44
CA PRO D 57 -31.30 -19.08 -23.70
C PRO D 57 -30.36 -20.16 -23.13
N THR D 58 -29.51 -20.74 -23.98
CA THR D 58 -28.28 -21.48 -23.58
C THR D 58 -27.08 -20.62 -23.96
N TYR D 59 -25.97 -20.79 -23.26
CA TYR D 59 -24.73 -20.00 -23.43
C TYR D 59 -23.54 -20.94 -23.41
N TYR D 60 -22.51 -20.61 -24.19
CA TYR D 60 -21.29 -21.45 -24.37
C TYR D 60 -20.06 -20.56 -24.40
N GLY D 61 -18.97 -21.01 -23.76
CA GLY D 61 -17.63 -20.43 -23.95
C GLY D 61 -17.16 -20.58 -25.37
N GLU D 62 -16.36 -19.64 -25.86
CA GLU D 62 -15.91 -19.59 -27.28
C GLU D 62 -15.30 -20.94 -27.68
N SER D 63 -14.50 -21.52 -26.81
CA SER D 63 -13.61 -22.66 -27.15
C SER D 63 -14.37 -23.98 -27.15
N VAL D 64 -15.60 -24.02 -26.64
CA VAL D 64 -16.40 -25.28 -26.63
C VAL D 64 -17.62 -25.16 -27.53
N LYS D 65 -17.94 -23.94 -27.99
CA LYS D 65 -19.12 -23.69 -28.88
C LYS D 65 -19.06 -24.70 -30.04
N GLY D 66 -20.17 -25.41 -30.30
CA GLY D 66 -20.28 -26.39 -31.39
C GLY D 66 -20.02 -27.81 -30.92
N ARG D 67 -19.16 -28.01 -29.91
CA ARG D 67 -18.72 -29.36 -29.47
C ARG D 67 -19.51 -29.82 -28.26
N PHE D 68 -19.93 -28.89 -27.39
CA PHE D 68 -20.58 -29.18 -26.09
C PHE D 68 -22.03 -28.71 -26.13
N THR D 69 -22.93 -29.48 -25.52
CA THR D 69 -24.38 -29.18 -25.45
C THR D 69 -24.80 -29.26 -23.97
N ILE D 70 -25.33 -28.16 -23.45
CA ILE D 70 -25.92 -28.12 -22.08
C ILE D 70 -27.42 -28.37 -22.24
N SER D 71 -28.01 -29.12 -21.30
CA SER D 71 -29.46 -29.44 -21.26
C SER D 71 -29.84 -29.68 -19.79
N ARG D 72 -31.13 -29.63 -19.47
CA ARG D 72 -31.61 -29.80 -18.08
C ARG D 72 -32.85 -30.68 -18.09
N ASP D 73 -33.04 -31.45 -17.04
CA ASP D 73 -34.23 -32.30 -16.81
C ASP D 73 -34.75 -31.94 -15.42
N ASN D 74 -35.76 -31.06 -15.38
CA ASN D 74 -36.30 -30.49 -14.12
C ASN D 74 -36.88 -31.62 -13.27
N ALA D 75 -37.47 -32.65 -13.87
CA ALA D 75 -38.05 -33.80 -13.15
C ALA D 75 -36.96 -34.52 -12.33
N LYS D 76 -35.69 -34.43 -12.73
CA LYS D 76 -34.56 -35.13 -12.05
C LYS D 76 -33.59 -34.15 -11.39
N ASN D 77 -33.94 -32.87 -11.29
CA ASN D 77 -33.05 -31.86 -10.64
C ASN D 77 -31.65 -31.93 -11.27
N THR D 78 -31.53 -32.22 -12.57
CA THR D 78 -30.23 -32.50 -13.20
C THR D 78 -30.00 -31.59 -14.41
N VAL D 79 -28.77 -31.05 -14.49
CA VAL D 79 -28.21 -30.39 -15.70
C VAL D 79 -27.14 -31.31 -16.29
N TYR D 80 -27.07 -31.40 -17.61
CA TYR D 80 -26.14 -32.28 -18.36
C TYR D 80 -25.20 -31.43 -19.21
N LEU D 81 -23.97 -31.93 -19.40
CA LEU D 81 -23.02 -31.39 -20.40
C LEU D 81 -22.56 -32.53 -21.30
N GLN D 82 -23.09 -32.59 -22.52
CA GLN D 82 -22.65 -33.50 -23.60
C GLN D 82 -21.38 -32.88 -24.18
N MET D 83 -20.24 -33.56 -24.04
CA MET D 83 -18.93 -33.06 -24.55
C MET D 83 -18.50 -34.00 -25.67
N ASN D 84 -18.52 -33.51 -26.91
CA ASN D 84 -18.13 -34.29 -28.12
C ASN D 84 -16.78 -33.79 -28.62
N ARG D 85 -16.09 -34.65 -29.38
CA ARG D 85 -14.84 -34.30 -30.09
C ARG D 85 -13.90 -33.62 -29.09
N LEU D 86 -13.65 -34.30 -27.97
CA LEU D 86 -12.81 -33.77 -26.87
C LEU D 86 -11.35 -33.68 -27.31
N LYS D 87 -10.68 -32.61 -26.90
CA LYS D 87 -9.25 -32.31 -27.20
C LYS D 87 -8.50 -32.30 -25.87
N PRO D 88 -7.17 -32.55 -25.87
CA PRO D 88 -6.38 -32.48 -24.64
C PRO D 88 -6.59 -31.19 -23.83
N GLU D 89 -6.77 -30.03 -24.50
CA GLU D 89 -6.94 -28.71 -23.80
C GLU D 89 -8.28 -28.65 -23.05
N ASP D 90 -9.14 -29.67 -23.19
CA ASP D 90 -10.44 -29.77 -22.45
C ASP D 90 -10.22 -30.46 -21.10
N THR D 91 -9.04 -31.03 -20.86
CA THR D 91 -8.67 -31.65 -19.57
C THR D 91 -8.75 -30.58 -18.48
N ALA D 92 -9.53 -30.84 -17.43
CA ALA D 92 -9.74 -29.91 -16.31
C ALA D 92 -10.66 -30.53 -15.27
N VAL D 93 -10.77 -29.86 -14.12
CA VAL D 93 -11.87 -30.09 -13.16
C VAL D 93 -13.07 -29.31 -13.68
N TYR D 94 -14.21 -29.98 -13.83
CA TYR D 94 -15.48 -29.39 -14.31
C TYR D 94 -16.38 -29.19 -13.08
N PHE D 95 -16.80 -27.95 -12.85
CA PHE D 95 -17.66 -27.52 -11.72
C PHE D 95 -19.06 -27.21 -12.24
N CYS D 96 -20.02 -27.78 -11.55
CA CYS D 96 -21.45 -27.41 -11.63
C CYS D 96 -21.67 -26.12 -10.83
N ALA D 97 -22.48 -25.21 -11.32
CA ALA D 97 -22.88 -24.01 -10.54
C ALA D 97 -24.36 -23.70 -10.75
N ALA D 98 -24.96 -23.00 -9.81
CA ALA D 98 -26.40 -22.65 -9.81
C ALA D 98 -26.62 -21.27 -9.20
N ASP D 99 -27.64 -20.58 -9.70
CA ASP D 99 -28.13 -19.29 -9.15
C ASP D 99 -29.60 -19.09 -9.50
N ARG D 100 -30.33 -18.40 -8.64
CA ARG D 100 -31.75 -18.02 -8.92
C ARG D 100 -31.79 -17.05 -10.11
N GLY D 101 -30.76 -16.21 -10.23
CA GLY D 101 -30.72 -15.13 -11.23
C GLY D 101 -29.92 -15.54 -12.47
N GLU D 102 -30.37 -15.05 -13.61
CA GLU D 102 -29.63 -15.13 -14.89
C GLU D 102 -28.89 -13.81 -15.08
N SER D 103 -27.56 -13.88 -15.19
CA SER D 103 -26.69 -12.69 -15.29
C SER D 103 -26.51 -12.28 -16.75
N TYR D 104 -26.56 -10.97 -17.01
CA TYR D 104 -26.01 -10.39 -18.25
C TYR D 104 -24.55 -10.80 -18.36
N TYR D 105 -23.80 -10.85 -17.23
CA TYR D 105 -22.36 -11.23 -17.18
C TYR D 105 -22.27 -12.72 -16.79
N TYR D 106 -22.89 -13.57 -17.61
CA TYR D 106 -23.10 -15.01 -17.31
C TYR D 106 -21.77 -15.76 -17.21
N THR D 107 -20.65 -15.20 -17.69
CA THR D 107 -19.31 -15.85 -17.61
C THR D 107 -18.62 -15.54 -16.27
N ARG D 108 -19.15 -14.63 -15.46
CA ARG D 108 -18.52 -14.30 -14.15
C ARG D 108 -18.83 -15.34 -13.09
N PRO D 109 -17.82 -16.01 -12.51
CA PRO D 109 -18.03 -16.88 -11.35
C PRO D 109 -18.83 -16.22 -10.20
N THR D 110 -18.58 -14.93 -9.90
CA THR D 110 -19.23 -14.20 -8.78
C THR D 110 -20.75 -14.07 -8.99
N GLU D 111 -21.27 -14.30 -10.20
CA GLU D 111 -22.73 -14.23 -10.46
C GLU D 111 -23.44 -15.54 -10.06
N TYR D 112 -22.71 -16.58 -9.63
CA TYR D 112 -23.33 -17.88 -9.24
C TYR D 112 -23.07 -18.15 -7.75
N GLU D 113 -24.12 -18.28 -6.96
CA GLU D 113 -23.98 -18.45 -5.49
C GLU D 113 -23.49 -19.86 -5.15
N PHE D 114 -23.96 -20.90 -5.84
CA PHE D 114 -23.77 -22.33 -5.45
C PHE D 114 -22.83 -23.03 -6.42
N TRP D 115 -21.86 -23.77 -5.87
CA TRP D 115 -20.78 -24.48 -6.62
C TRP D 115 -20.65 -25.92 -6.12
N GLY D 116 -20.61 -26.88 -7.06
CA GLY D 116 -20.18 -28.26 -6.74
C GLY D 116 -18.68 -28.29 -6.42
N GLN D 117 -18.17 -29.43 -5.99
CA GLN D 117 -16.74 -29.62 -5.63
C GLN D 117 -15.93 -29.89 -6.91
N GLY D 118 -16.59 -30.25 -8.00
CA GLY D 118 -15.97 -30.51 -9.31
C GLY D 118 -15.62 -31.98 -9.51
N THR D 119 -15.42 -32.38 -10.77
CA THR D 119 -15.05 -33.75 -11.17
C THR D 119 -14.00 -33.64 -12.28
N GLN D 120 -12.97 -34.48 -12.21
CA GLN D 120 -11.85 -34.51 -13.19
C GLN D 120 -12.38 -35.10 -14.51
N VAL D 121 -12.12 -34.39 -15.60
CA VAL D 121 -12.14 -34.93 -16.99
C VAL D 121 -10.70 -34.93 -17.50
N THR D 122 -10.20 -36.06 -17.98
CA THR D 122 -8.84 -36.19 -18.55
C THR D 122 -8.97 -36.71 -19.99
N VAL D 123 -8.43 -35.96 -20.96
CA VAL D 123 -8.40 -36.34 -22.40
C VAL D 123 -6.94 -36.66 -22.76
N SER D 124 -6.61 -37.94 -22.98
CA SER D 124 -5.25 -38.39 -23.40
C SER D 124 -5.12 -38.22 -24.93
N SER D 125 -3.88 -38.19 -25.44
CA SER D 125 -3.56 -37.93 -26.87
C SER D 125 -3.08 -39.21 -27.54
N ILE E 3 0.46 -8.89 -2.02
CA ILE E 3 0.97 -7.49 -1.99
C ILE E 3 2.32 -7.44 -1.25
N THR E 4 3.33 -6.87 -1.93
CA THR E 4 4.64 -6.34 -1.44
C THR E 4 5.46 -5.93 -2.69
N ASN E 5 5.44 -6.78 -3.71
CA ASN E 5 6.12 -6.58 -5.01
C ASN E 5 5.38 -5.52 -5.84
N LEU E 6 6.11 -4.59 -6.43
CA LEU E 6 5.52 -3.50 -7.25
C LEU E 6 4.97 -4.07 -8.57
N CYS E 7 3.86 -3.52 -9.05
CA CYS E 7 3.22 -3.90 -10.32
C CYS E 7 4.19 -3.54 -11.43
N PRO E 8 4.41 -4.44 -12.41
CA PRO E 8 5.45 -4.25 -13.41
C PRO E 8 5.02 -3.29 -14.53
N PHE E 9 4.85 -2.01 -14.22
CA PHE E 9 4.42 -0.96 -15.18
C PHE E 9 5.47 -0.75 -16.28
N GLY E 10 6.75 -0.91 -15.95
CA GLY E 10 7.86 -0.86 -16.92
C GLY E 10 7.62 -1.79 -18.11
N GLU E 11 7.19 -3.01 -17.84
CA GLU E 11 6.96 -4.06 -18.87
C GLU E 11 5.81 -3.66 -19.78
N VAL E 12 4.91 -2.78 -19.34
CA VAL E 12 3.77 -2.25 -20.15
C VAL E 12 4.23 -1.05 -20.97
N PHE E 13 4.66 0.02 -20.30
CA PHE E 13 4.92 1.35 -20.92
C PHE E 13 6.16 1.28 -21.81
N ASN E 14 7.12 0.45 -21.45
CA ASN E 14 8.47 0.34 -22.10
C ASN E 14 8.65 -1.05 -22.73
N ALA E 15 7.57 -1.77 -23.00
CA ALA E 15 7.61 -3.06 -23.75
C ALA E 15 8.45 -2.86 -25.01
N THR E 16 9.23 -3.85 -25.38
CA THR E 16 10.12 -3.80 -26.56
C THR E 16 9.26 -3.83 -27.83
N ARG E 17 8.07 -4.44 -27.78
CA ARG E 17 7.09 -4.49 -28.90
C ARG E 17 5.78 -3.85 -28.44
N PHE E 18 5.08 -3.18 -29.34
CA PHE E 18 3.68 -2.73 -29.16
C PHE E 18 2.82 -3.32 -30.29
N ALA E 19 1.59 -3.68 -29.98
CA ALA E 19 0.65 -4.33 -30.92
C ALA E 19 0.10 -3.30 -31.91
N SER E 20 -0.32 -3.80 -33.07
CA SER E 20 -1.31 -3.10 -33.93
C SER E 20 -2.60 -2.92 -33.14
N VAL E 21 -3.28 -1.79 -33.33
CA VAL E 21 -4.56 -1.49 -32.61
C VAL E 21 -5.60 -2.60 -32.84
N TYR E 22 -5.73 -3.19 -34.02
CA TYR E 22 -6.79 -4.20 -34.31
C TYR E 22 -6.51 -5.46 -33.46
N ALA E 23 -5.23 -5.72 -33.18
CA ALA E 23 -4.76 -6.90 -32.41
C ALA E 23 -4.21 -6.41 -31.07
N TRP E 24 -4.92 -5.50 -30.42
CA TRP E 24 -4.45 -4.81 -29.20
C TRP E 24 -4.09 -5.83 -28.13
N ASN E 25 -3.03 -5.56 -27.40
CA ASN E 25 -2.44 -6.45 -26.38
C ASN E 25 -3.06 -6.11 -25.02
N ARG E 26 -3.42 -7.13 -24.25
CA ARG E 26 -3.87 -7.12 -22.84
C ARG E 26 -2.82 -7.73 -21.93
N LYS E 27 -2.39 -6.99 -20.91
CA LYS E 27 -1.61 -7.59 -19.81
C LYS E 27 -2.50 -7.48 -18.58
N ARG E 28 -2.68 -8.58 -17.88
CA ARG E 28 -3.35 -8.62 -16.58
C ARG E 28 -2.35 -8.15 -15.52
N ILE E 29 -2.78 -7.23 -14.67
CA ILE E 29 -1.98 -6.76 -13.52
C ILE E 29 -2.71 -7.19 -12.26
N SER E 30 -2.05 -7.98 -11.41
CA SER E 30 -2.67 -8.50 -10.16
C SER E 30 -1.61 -8.90 -9.17
N ASN E 31 -2.02 -9.07 -7.91
CA ASN E 31 -1.18 -9.56 -6.79
C ASN E 31 0.09 -8.72 -6.77
N CYS E 32 -0.08 -7.40 -6.71
CA CYS E 32 1.04 -6.44 -6.73
C CYS E 32 0.58 -5.07 -6.21
N VAL E 33 1.54 -4.28 -5.72
CA VAL E 33 1.36 -2.87 -5.28
C VAL E 33 1.52 -1.96 -6.51
N ALA E 34 0.47 -1.21 -6.86
CA ALA E 34 0.44 -0.29 -8.02
C ALA E 34 1.02 1.05 -7.60
N ASP E 35 2.31 1.27 -7.82
CA ASP E 35 2.93 2.58 -7.56
C ASP E 35 2.93 3.39 -8.84
N TYR E 36 2.12 4.45 -8.88
CA TYR E 36 1.91 5.30 -10.08
C TYR E 36 2.88 6.50 -10.05
N SER E 37 3.74 6.63 -9.04
CA SER E 37 4.62 7.83 -8.94
C SER E 37 5.61 7.88 -10.11
N VAL E 38 5.92 6.74 -10.71
CA VAL E 38 6.75 6.70 -11.95
C VAL E 38 6.01 7.45 -13.07
N LEU E 39 4.70 7.27 -13.22
CA LEU E 39 3.87 8.01 -14.22
C LEU E 39 3.71 9.49 -13.83
N TYR E 40 3.62 9.80 -12.54
CA TYR E 40 3.43 11.18 -12.02
C TYR E 40 4.62 12.06 -12.40
N ASN E 41 5.80 11.48 -12.54
CA ASN E 41 7.09 12.19 -12.79
C ASN E 41 7.40 12.29 -14.29
N SER E 42 6.48 11.88 -15.14
CA SER E 42 6.54 12.02 -16.63
C SER E 42 5.78 13.29 -17.00
N ALA E 43 6.36 14.09 -17.88
CA ALA E 43 5.73 15.29 -18.49
C ALA E 43 5.48 15.02 -19.98
N SER E 44 5.98 13.94 -20.60
CA SER E 44 6.02 13.78 -22.08
C SER E 44 4.79 13.04 -22.60
N PHE E 45 3.94 12.49 -21.76
CA PHE E 45 2.61 11.95 -22.15
C PHE E 45 1.79 13.08 -22.80
N SER E 46 1.22 12.80 -23.97
CA SER E 46 0.36 13.76 -24.74
C SER E 46 -1.01 13.88 -24.08
N THR E 47 -1.45 12.83 -23.41
CA THR E 47 -2.73 12.81 -22.66
C THR E 47 -2.59 11.83 -21.48
N PHE E 48 -3.28 12.13 -20.38
CA PHE E 48 -3.29 11.26 -19.19
C PHE E 48 -4.57 11.60 -18.47
N LYS E 49 -5.64 10.87 -18.80
CA LYS E 49 -6.97 11.10 -18.17
C LYS E 49 -7.46 9.82 -17.50
N CYS E 50 -8.12 9.95 -16.37
CA CYS E 50 -8.85 8.87 -15.71
C CYS E 50 -10.37 9.19 -15.77
N TYR E 51 -11.15 8.11 -15.70
CA TYR E 51 -12.62 8.09 -15.77
C TYR E 51 -13.11 7.29 -14.56
N GLY E 52 -13.96 7.89 -13.71
CA GLY E 52 -14.48 7.21 -12.51
C GLY E 52 -13.51 7.21 -11.35
N VAL E 53 -12.28 7.68 -11.52
CA VAL E 53 -11.31 7.89 -10.39
C VAL E 53 -10.46 9.11 -10.69
N SER E 54 -10.03 9.86 -9.69
CA SER E 54 -9.11 11.00 -9.88
C SER E 54 -7.71 10.44 -10.05
N PRO E 55 -6.91 10.93 -11.02
CA PRO E 55 -5.51 10.54 -11.12
C PRO E 55 -4.72 10.76 -9.82
N THR E 56 -5.13 11.73 -9.02
CA THR E 56 -4.48 12.10 -7.74
C THR E 56 -4.70 10.99 -6.69
N LYS E 57 -5.64 10.06 -6.91
CA LYS E 57 -6.02 9.07 -5.90
C LYS E 57 -5.54 7.67 -6.29
N LEU E 58 -4.85 7.49 -7.42
CA LEU E 58 -4.48 6.14 -7.91
C LEU E 58 -3.65 5.39 -6.86
N ASN E 59 -2.82 6.06 -6.09
CA ASN E 59 -1.94 5.40 -5.09
C ASN E 59 -2.72 5.04 -3.83
N ASP E 60 -4.01 5.37 -3.71
CA ASP E 60 -4.80 5.17 -2.48
C ASP E 60 -5.94 4.18 -2.70
N LEU E 61 -6.08 3.59 -3.89
CA LEU E 61 -7.28 2.77 -4.21
C LEU E 61 -6.88 1.29 -4.34
N CYS E 62 -7.82 0.39 -4.09
CA CYS E 62 -7.71 -1.06 -4.33
C CYS E 62 -8.73 -1.47 -5.41
N PHE E 63 -8.37 -2.44 -6.25
CA PHE E 63 -9.22 -2.99 -7.33
C PHE E 63 -9.16 -4.51 -7.29
N THR E 64 -10.21 -5.17 -7.80
CA THR E 64 -10.32 -6.64 -7.91
C THR E 64 -9.37 -7.11 -9.00
N ASN E 65 -9.23 -6.29 -10.05
CA ASN E 65 -8.46 -6.64 -11.26
C ASN E 65 -8.00 -5.37 -11.96
N VAL E 66 -6.84 -5.39 -12.58
CA VAL E 66 -6.41 -4.30 -13.49
C VAL E 66 -5.98 -4.93 -14.80
N TYR E 67 -6.38 -4.34 -15.93
CA TYR E 67 -5.91 -4.72 -17.27
C TYR E 67 -5.19 -3.52 -17.87
N ALA E 68 -4.05 -3.78 -18.52
CA ALA E 68 -3.28 -2.84 -19.35
C ALA E 68 -3.39 -3.27 -20.80
N ASP E 69 -4.16 -2.53 -21.58
CA ASP E 69 -4.31 -2.67 -23.04
C ASP E 69 -3.39 -1.64 -23.68
N SER E 70 -2.62 -2.05 -24.68
CA SER E 70 -1.62 -1.17 -25.32
C SER E 70 -1.58 -1.46 -26.81
N PHE E 71 -1.27 -0.43 -27.59
CA PHE E 71 -1.28 -0.49 -29.07
C PHE E 71 -0.75 0.83 -29.62
N VAL E 72 -0.59 0.90 -30.94
CA VAL E 72 -0.18 2.13 -31.67
C VAL E 72 -1.32 2.59 -32.58
N ILE E 73 -1.55 3.90 -32.60
CA ILE E 73 -2.47 4.59 -33.56
C ILE E 73 -1.80 5.91 -33.99
N ARG E 74 -2.42 6.65 -34.90
CA ARG E 74 -2.01 8.03 -35.27
C ARG E 74 -2.33 9.00 -34.15
N GLY E 75 -1.57 10.10 -34.06
CA GLY E 75 -1.80 11.19 -33.09
C GLY E 75 -3.25 11.63 -33.07
N ASP E 76 -3.86 11.92 -34.23
CA ASP E 76 -5.22 12.53 -34.22
C ASP E 76 -6.29 11.43 -34.08
N GLU E 77 -5.92 10.17 -33.86
CA GLU E 77 -6.89 9.11 -33.48
C GLU E 77 -6.92 8.94 -31.95
N VAL E 78 -5.98 9.53 -31.20
CA VAL E 78 -5.91 9.31 -29.72
C VAL E 78 -7.21 9.79 -29.07
N ARG E 79 -7.84 10.86 -29.55
CA ARG E 79 -9.15 11.37 -29.04
C ARG E 79 -10.23 10.27 -29.07
N GLN E 80 -10.09 9.22 -29.90
CA GLN E 80 -11.10 8.14 -30.03
C GLN E 80 -10.97 7.14 -28.87
N ILE E 81 -9.86 7.14 -28.15
CA ILE E 81 -9.64 6.20 -27.02
C ILE E 81 -10.20 6.89 -25.77
N ALA E 82 -11.52 6.96 -25.73
CA ALA E 82 -12.28 7.66 -24.68
C ALA E 82 -13.73 7.19 -24.77
N PRO E 83 -14.46 7.15 -23.65
CA PRO E 83 -15.87 6.79 -23.68
C PRO E 83 -16.65 7.73 -24.61
N GLY E 84 -17.58 7.19 -25.39
CA GLY E 84 -18.59 7.93 -26.16
C GLY E 84 -18.07 8.38 -27.51
N GLN E 85 -16.91 7.89 -27.98
CA GLN E 85 -16.27 8.34 -29.25
C GLN E 85 -16.72 7.46 -30.41
N THR E 86 -16.69 8.00 -31.63
CA THR E 86 -16.84 7.23 -32.90
C THR E 86 -15.68 7.54 -33.84
N GLY E 87 -15.51 6.70 -34.88
CA GLY E 87 -14.41 6.74 -35.86
C GLY E 87 -13.92 5.34 -36.14
N LYS E 88 -13.02 5.18 -37.12
CA LYS E 88 -12.47 3.86 -37.51
C LYS E 88 -12.00 3.14 -36.27
N ILE E 89 -11.29 3.83 -35.36
CA ILE E 89 -10.61 3.15 -34.23
C ILE E 89 -11.66 2.75 -33.18
N ALA E 90 -12.45 3.70 -32.68
CA ALA E 90 -13.51 3.42 -31.68
C ALA E 90 -14.47 2.35 -32.21
N ASP E 91 -14.82 2.38 -33.49
CA ASP E 91 -15.91 1.55 -34.06
C ASP E 91 -15.38 0.14 -34.39
N TYR E 92 -14.17 0.02 -34.94
CA TYR E 92 -13.72 -1.21 -35.66
C TYR E 92 -12.46 -1.83 -35.02
N ASN E 93 -11.80 -1.17 -34.07
CA ASN E 93 -10.46 -1.61 -33.58
C ASN E 93 -10.45 -1.77 -32.06
N TYR E 94 -10.77 -0.71 -31.31
CA TYR E 94 -10.72 -0.69 -29.84
C TYR E 94 -11.81 0.24 -29.30
N LYS E 95 -12.76 -0.33 -28.58
CA LYS E 95 -13.95 0.39 -28.07
C LYS E 95 -13.91 0.41 -26.54
N LEU E 96 -13.92 1.60 -25.95
CA LEU E 96 -14.12 1.76 -24.49
C LEU E 96 -15.60 1.88 -24.20
N PRO E 97 -16.06 1.32 -23.07
CA PRO E 97 -17.46 1.46 -22.64
C PRO E 97 -17.78 2.91 -22.24
N ASP E 98 -19.04 3.31 -22.28
CA ASP E 98 -19.43 4.70 -21.92
C ASP E 98 -19.20 4.90 -20.40
N ASP E 99 -19.31 3.87 -19.57
CA ASP E 99 -19.13 3.96 -18.09
C ASP E 99 -17.72 3.46 -17.70
N PHE E 100 -16.77 3.57 -18.59
CA PHE E 100 -15.37 3.17 -18.36
C PHE E 100 -14.85 3.65 -17.00
N THR E 101 -14.23 2.76 -16.26
CA THR E 101 -13.44 3.08 -15.04
C THR E 101 -11.99 2.73 -15.31
N GLY E 102 -11.11 3.73 -15.36
CA GLY E 102 -9.68 3.52 -15.64
C GLY E 102 -9.01 4.76 -16.20
N CYS E 103 -7.83 4.61 -16.78
CA CYS E 103 -7.03 5.74 -17.29
C CYS E 103 -6.56 5.45 -18.70
N VAL E 104 -6.41 6.52 -19.50
CA VAL E 104 -5.90 6.45 -20.88
C VAL E 104 -4.68 7.36 -20.97
N ILE E 105 -3.52 6.77 -21.33
CA ILE E 105 -2.23 7.49 -21.44
C ILE E 105 -1.70 7.25 -22.85
N ALA E 106 -1.21 8.28 -23.50
CA ALA E 106 -0.61 8.18 -24.84
C ALA E 106 0.62 9.09 -24.89
N TRP E 107 1.56 8.75 -25.78
CA TRP E 107 2.76 9.57 -26.04
C TRP E 107 3.22 9.36 -27.48
N ASN E 108 3.79 10.42 -28.05
CA ASN E 108 4.41 10.40 -29.38
C ASN E 108 5.54 9.36 -29.38
N SER E 109 5.52 8.42 -30.33
CA SER E 109 6.55 7.36 -30.49
C SER E 109 7.20 7.47 -31.86
N ASN E 110 7.22 8.67 -32.45
CA ASN E 110 7.80 8.88 -33.79
C ASN E 110 9.23 8.33 -33.80
N ASN E 111 10.00 8.59 -32.75
CA ASN E 111 11.44 8.23 -32.70
C ASN E 111 11.63 6.71 -32.73
N LEU E 112 10.65 5.92 -32.26
CA LEU E 112 10.77 4.45 -32.16
C LEU E 112 10.03 3.77 -33.30
N ASP E 113 8.87 4.29 -33.72
CA ASP E 113 7.87 3.54 -34.53
C ASP E 113 7.79 4.05 -35.97
N SER E 114 8.63 4.99 -36.39
CA SER E 114 8.64 5.45 -37.80
C SER E 114 10.01 5.12 -38.39
N LYS E 115 10.09 4.85 -39.70
CA LYS E 115 11.36 4.51 -40.37
C LYS E 115 11.49 5.36 -41.64
N VAL E 116 12.73 5.59 -42.07
CA VAL E 116 13.03 6.15 -43.41
C VAL E 116 12.43 5.15 -44.42
N GLY E 117 11.60 5.65 -45.33
CA GLY E 117 10.87 4.81 -46.30
C GLY E 117 9.61 4.19 -45.72
N GLY E 118 9.30 4.47 -44.46
CA GLY E 118 7.97 4.22 -43.86
C GLY E 118 7.91 2.91 -43.13
N ASN E 119 7.36 2.91 -41.90
CA ASN E 119 7.08 1.68 -41.14
C ASN E 119 5.65 1.23 -41.46
N TYR E 120 5.52 0.07 -42.10
CA TYR E 120 4.21 -0.48 -42.56
C TYR E 120 3.80 -1.62 -41.62
N ASN E 121 4.49 -1.83 -40.50
CA ASN E 121 4.21 -2.95 -39.55
C ASN E 121 2.89 -2.74 -38.77
N TYR E 122 2.50 -1.52 -38.49
CA TYR E 122 1.29 -1.23 -37.68
C TYR E 122 0.05 -1.15 -38.59
N LEU E 123 -0.97 -1.96 -38.26
CA LEU E 123 -2.21 -2.12 -39.06
C LEU E 123 -3.41 -1.63 -38.25
N TYR E 124 -4.50 -1.28 -38.95
CA TYR E 124 -5.82 -0.97 -38.33
C TYR E 124 -6.91 -1.57 -39.22
N ARG E 125 -8.03 -2.00 -38.61
CA ARG E 125 -9.20 -2.53 -39.35
C ARG E 125 -9.95 -1.33 -39.97
N LEU E 126 -10.12 -1.35 -41.28
CA LEU E 126 -10.71 -0.25 -42.07
C LEU E 126 -12.20 -0.49 -42.29
N PHE E 127 -12.60 -1.76 -42.42
CA PHE E 127 -13.98 -2.20 -42.74
C PHE E 127 -14.42 -3.20 -41.67
N ARG E 128 -15.66 -3.07 -41.22
CA ARG E 128 -16.29 -4.13 -40.40
C ARG E 128 -17.80 -4.04 -40.55
N LYS E 129 -18.47 -5.19 -40.54
CA LYS E 129 -19.93 -5.32 -40.80
C LYS E 129 -20.72 -4.64 -39.68
N SER E 130 -20.17 -4.55 -38.48
CA SER E 130 -20.83 -3.89 -37.34
C SER E 130 -19.76 -3.42 -36.33
N ASN E 131 -20.12 -2.51 -35.44
CA ASN E 131 -19.18 -1.88 -34.49
C ASN E 131 -18.78 -2.90 -33.43
N LEU E 132 -17.55 -2.81 -32.93
CA LEU E 132 -17.08 -3.59 -31.77
C LEU E 132 -17.93 -3.23 -30.56
N LYS E 133 -18.28 -4.23 -29.75
CA LYS E 133 -18.76 -4.03 -28.36
C LYS E 133 -17.56 -3.60 -27.53
N PRO E 134 -17.78 -2.93 -26.38
CA PRO E 134 -16.67 -2.50 -25.53
C PRO E 134 -15.74 -3.65 -25.17
N PHE E 135 -14.44 -3.43 -25.34
CA PHE E 135 -13.34 -4.39 -25.03
C PHE E 135 -13.40 -5.62 -25.95
N GLU E 136 -14.17 -5.58 -27.03
CA GLU E 136 -14.17 -6.66 -28.04
C GLU E 136 -12.90 -6.52 -28.89
N ARG E 137 -12.41 -7.65 -29.39
CA ARG E 137 -11.17 -7.75 -30.17
C ARG E 137 -11.49 -8.60 -31.40
N ASP E 138 -11.16 -8.12 -32.58
CA ASP E 138 -11.35 -8.87 -33.84
C ASP E 138 -10.00 -8.92 -34.53
N ILE E 139 -9.43 -10.12 -34.68
CA ILE E 139 -8.12 -10.33 -35.37
C ILE E 139 -8.37 -11.17 -36.62
N SER E 140 -9.63 -11.32 -37.06
CA SER E 140 -9.98 -12.02 -38.32
C SER E 140 -9.46 -11.20 -39.51
N THR E 141 -9.13 -11.89 -40.59
CA THR E 141 -8.57 -11.31 -41.84
C THR E 141 -9.29 -11.99 -42.98
N GLU E 142 -10.60 -12.23 -42.85
CA GLU E 142 -11.47 -12.61 -43.98
C GLU E 142 -11.66 -11.39 -44.88
N ILE E 143 -11.66 -11.63 -46.19
CA ILE E 143 -11.95 -10.61 -47.23
C ILE E 143 -13.35 -10.06 -46.94
N TYR E 144 -13.48 -8.74 -46.84
CA TYR E 144 -14.71 -7.99 -46.48
C TYR E 144 -15.54 -7.85 -47.76
N GLN E 145 -16.80 -8.28 -47.65
CA GLN E 145 -17.80 -8.18 -48.74
C GLN E 145 -18.40 -6.77 -48.66
N ALA E 146 -17.96 -5.90 -49.58
CA ALA E 146 -18.59 -4.58 -49.84
C ALA E 146 -19.73 -4.75 -50.87
N GLY E 147 -19.86 -5.91 -51.51
CA GLY E 147 -20.85 -6.12 -52.57
C GLY E 147 -21.61 -7.40 -52.42
N SER E 148 -22.63 -7.56 -53.26
CA SER E 148 -23.42 -8.80 -53.48
C SER E 148 -22.50 -9.99 -53.82
N THR E 149 -21.54 -9.81 -54.73
CA THR E 149 -20.71 -10.90 -55.34
C THR E 149 -19.84 -11.57 -54.27
N PRO E 150 -19.73 -12.92 -54.33
CA PRO E 150 -18.79 -13.65 -53.49
C PRO E 150 -17.33 -13.31 -53.87
N CYS E 151 -16.41 -13.40 -52.90
CA CYS E 151 -15.02 -12.88 -53.00
C CYS E 151 -14.01 -13.98 -53.35
N ASN E 152 -14.41 -15.23 -53.16
CA ASN E 152 -13.57 -16.45 -53.36
C ASN E 152 -12.22 -16.28 -52.66
N GLY E 153 -12.16 -15.61 -51.50
CA GLY E 153 -10.96 -15.39 -50.66
C GLY E 153 -9.82 -14.71 -51.43
N VAL E 154 -10.14 -13.89 -52.44
CA VAL E 154 -9.14 -13.06 -53.19
C VAL E 154 -9.58 -11.60 -53.12
N GLU E 155 -8.60 -10.70 -53.08
CA GLU E 155 -8.80 -9.23 -53.11
C GLU E 155 -9.15 -8.76 -54.52
N GLY E 156 -9.94 -7.68 -54.64
CA GLY E 156 -10.43 -7.16 -55.92
C GLY E 156 -11.69 -6.31 -55.76
N PHE E 157 -12.42 -6.07 -56.85
CA PHE E 157 -13.64 -5.24 -56.91
C PHE E 157 -14.62 -5.72 -55.82
N ASN E 158 -15.03 -4.83 -54.93
CA ASN E 158 -16.03 -5.08 -53.85
C ASN E 158 -15.54 -6.16 -52.87
N CYS E 159 -14.24 -6.47 -52.89
CA CYS E 159 -13.63 -7.57 -52.10
C CYS E 159 -12.34 -7.07 -51.46
N TYR E 160 -12.46 -6.39 -50.32
CA TYR E 160 -11.31 -5.70 -49.68
C TYR E 160 -10.76 -6.58 -48.56
N PHE E 161 -9.44 -6.72 -48.49
CA PHE E 161 -8.74 -7.21 -47.29
C PHE E 161 -9.03 -6.17 -46.22
N PRO E 162 -9.52 -6.55 -45.02
CA PRO E 162 -10.10 -5.60 -44.08
C PRO E 162 -9.10 -4.75 -43.28
N LEU E 163 -7.81 -5.12 -43.30
CA LEU E 163 -6.74 -4.38 -42.56
C LEU E 163 -6.01 -3.45 -43.51
N GLN E 164 -5.57 -2.29 -43.04
CA GLN E 164 -4.75 -1.31 -43.77
C GLN E 164 -3.54 -0.96 -42.88
N SER E 165 -2.44 -0.61 -43.52
CA SER E 165 -1.16 -0.26 -42.85
C SER E 165 -1.15 1.25 -42.56
N TYR E 166 -0.53 1.68 -41.47
CA TYR E 166 -0.37 3.13 -41.14
C TYR E 166 0.73 3.75 -42.01
N GLY E 167 1.82 3.05 -42.25
CA GLY E 167 2.93 3.67 -43.03
C GLY E 167 3.42 4.95 -42.37
N PHE E 168 4.12 4.80 -41.25
CA PHE E 168 4.62 5.92 -40.42
C PHE E 168 5.98 6.37 -40.96
N GLN E 169 6.08 7.63 -41.39
CA GLN E 169 7.34 8.25 -41.84
C GLN E 169 7.73 9.34 -40.86
N PRO E 170 9.04 9.46 -40.55
CA PRO E 170 9.50 10.42 -39.54
C PRO E 170 9.11 11.86 -39.90
N THR E 171 8.91 12.15 -41.19
CA THR E 171 8.54 13.49 -41.75
C THR E 171 7.02 13.77 -41.70
N ASN E 172 6.17 12.78 -41.37
CA ASN E 172 4.71 12.99 -41.19
C ASN E 172 4.44 14.18 -40.27
N GLY E 173 3.37 14.95 -40.51
CA GLY E 173 2.85 15.92 -39.52
C GLY E 173 2.50 15.20 -38.21
N VAL E 174 2.45 15.94 -37.10
CA VAL E 174 2.31 15.38 -35.72
C VAL E 174 1.06 14.48 -35.63
N GLY E 175 -0.06 14.91 -36.21
CA GLY E 175 -1.34 14.16 -36.20
C GLY E 175 -1.20 12.82 -36.90
N TYR E 176 -0.23 12.66 -37.81
CA TYR E 176 -0.02 11.39 -38.57
C TYR E 176 1.18 10.62 -38.02
N GLN E 177 1.78 11.08 -36.92
CA GLN E 177 2.89 10.34 -36.26
C GLN E 177 2.32 9.24 -35.38
N PRO E 178 3.08 8.17 -35.13
CA PRO E 178 2.60 7.10 -34.27
C PRO E 178 2.58 7.58 -32.82
N TYR E 179 1.53 7.18 -32.11
CA TYR E 179 1.39 7.38 -30.66
C TYR E 179 1.17 6.00 -30.06
N ARG E 180 1.92 5.71 -29.01
CA ARG E 180 1.68 4.54 -28.15
C ARG E 180 0.61 4.90 -27.13
N VAL E 181 -0.28 3.95 -26.86
CA VAL E 181 -1.43 4.11 -25.94
C VAL E 181 -1.39 2.98 -24.92
N VAL E 182 -1.61 3.32 -23.64
CA VAL E 182 -1.91 2.35 -22.57
C VAL E 182 -3.26 2.75 -21.97
N VAL E 183 -4.17 1.78 -21.91
CA VAL E 183 -5.48 1.88 -21.22
C VAL E 183 -5.41 0.97 -20.01
N LEU E 184 -5.55 1.55 -18.83
CA LEU E 184 -5.65 0.81 -17.56
C LEU E 184 -7.14 0.70 -17.22
N SER E 185 -7.67 -0.51 -17.23
CA SER E 185 -9.05 -0.88 -16.82
C SER E 185 -9.02 -1.29 -15.35
N PHE E 186 -9.87 -0.67 -14.54
CA PHE E 186 -10.01 -1.00 -13.11
C PHE E 186 -11.35 -1.68 -12.95
N GLU E 187 -11.33 -2.90 -12.41
CA GLU E 187 -12.54 -3.65 -12.00
C GLU E 187 -12.75 -3.54 -10.48
N LEU E 188 -13.99 -3.34 -10.07
CA LEU E 188 -14.44 -3.35 -8.66
C LEU E 188 -15.63 -4.30 -8.51
N LEU E 189 -15.40 -5.61 -8.54
CA LEU E 189 -16.45 -6.66 -8.43
C LEU E 189 -16.58 -7.12 -6.97
N HIS E 190 -17.48 -8.05 -6.70
CA HIS E 190 -17.68 -8.67 -5.38
C HIS E 190 -16.68 -9.80 -5.22
N ALA E 191 -15.39 -9.45 -5.08
CA ALA E 191 -14.23 -10.36 -5.09
C ALA E 191 -13.10 -9.72 -4.28
N PRO E 192 -12.14 -10.50 -3.74
CA PRO E 192 -11.00 -9.89 -3.07
C PRO E 192 -10.22 -8.95 -4.01
N ALA E 193 -9.76 -7.83 -3.46
CA ALA E 193 -8.82 -6.91 -4.12
C ALA E 193 -7.51 -7.64 -4.40
N THR E 194 -6.95 -7.48 -5.59
CA THR E 194 -5.63 -8.08 -5.92
C THR E 194 -4.63 -6.95 -6.21
N VAL E 195 -5.09 -5.73 -6.50
CA VAL E 195 -4.15 -4.59 -6.77
C VAL E 195 -4.48 -3.45 -5.82
N CYS E 196 -3.51 -3.01 -5.01
CA CYS E 196 -3.62 -1.80 -4.14
C CYS E 196 -2.44 -0.85 -4.38
N GLY E 197 -2.64 0.43 -4.14
CA GLY E 197 -1.56 1.42 -4.14
C GLY E 197 -0.75 1.28 -2.86
N PRO E 198 0.40 1.99 -2.75
CA PRO E 198 1.24 1.96 -1.56
C PRO E 198 0.53 2.30 -0.23
N LYS E 199 -0.56 3.07 -0.31
CA LYS E 199 -1.42 3.46 0.87
C LYS E 199 -2.88 3.51 0.43
N GLN F 1 -21.82 15.88 -28.83
CA GLN F 1 -21.66 17.34 -28.83
C GLN F 1 -22.35 17.92 -27.60
N VAL F 2 -21.58 18.61 -26.77
CA VAL F 2 -22.06 19.45 -25.63
C VAL F 2 -21.86 20.92 -26.00
N GLN F 3 -22.88 21.74 -25.78
CA GLN F 3 -22.73 23.22 -25.88
C GLN F 3 -22.60 23.79 -24.47
N LEU F 4 -21.80 24.85 -24.35
CA LEU F 4 -21.50 25.53 -23.08
C LEU F 4 -21.70 27.04 -23.25
N VAL F 5 -22.44 27.67 -22.36
CA VAL F 5 -22.68 29.13 -22.39
C VAL F 5 -22.35 29.73 -21.02
N GLU F 6 -21.34 30.59 -20.99
CA GLU F 6 -20.95 31.43 -19.83
C GLU F 6 -21.91 32.61 -19.69
N SER F 7 -22.15 33.05 -18.45
CA SER F 7 -22.81 34.33 -18.11
C SER F 7 -22.21 34.86 -16.79
N GLY F 8 -22.59 36.09 -16.41
CA GLY F 8 -22.19 36.70 -15.12
C GLY F 8 -20.92 37.54 -15.24
N GLY F 9 -20.36 37.70 -16.44
CA GLY F 9 -19.16 38.54 -16.64
C GLY F 9 -19.54 40.02 -16.70
N GLY F 10 -18.59 40.89 -17.04
CA GLY F 10 -18.81 42.33 -17.14
C GLY F 10 -17.78 43.12 -16.35
N LEU F 11 -18.08 44.41 -16.14
CA LEU F 11 -17.19 45.40 -15.48
C LEU F 11 -17.36 45.28 -13.96
N VAL F 12 -16.28 45.35 -13.19
CA VAL F 12 -16.34 45.34 -11.70
C VAL F 12 -15.11 46.10 -11.19
N GLN F 13 -15.26 46.78 -10.04
CA GLN F 13 -14.16 47.54 -9.40
C GLN F 13 -13.22 46.56 -8.68
N ALA F 14 -11.91 46.86 -8.70
CA ALA F 14 -10.86 46.14 -7.93
C ALA F 14 -11.33 45.94 -6.50
N GLY F 15 -11.06 44.77 -5.92
CA GLY F 15 -11.56 44.37 -4.59
C GLY F 15 -12.98 43.85 -4.64
N GLY F 16 -13.71 44.01 -5.77
CA GLY F 16 -15.10 43.56 -5.93
C GLY F 16 -15.17 42.06 -6.18
N SER F 17 -16.40 41.58 -6.41
CA SER F 17 -16.75 40.15 -6.65
C SER F 17 -17.58 40.00 -7.91
N LEU F 18 -17.50 38.79 -8.48
CA LEU F 18 -18.31 38.31 -9.62
C LEU F 18 -18.48 36.82 -9.45
N ARG F 19 -19.67 36.31 -9.74
CA ARG F 19 -19.92 34.88 -9.93
C ARG F 19 -20.19 34.63 -11.42
N LEU F 20 -19.21 34.04 -12.10
CA LEU F 20 -19.39 33.46 -13.44
C LEU F 20 -20.20 32.17 -13.30
N ALA F 21 -21.11 31.94 -14.24
CA ALA F 21 -21.80 30.64 -14.37
C ALA F 21 -21.64 30.13 -15.80
N CYS F 22 -21.68 28.82 -15.95
CA CYS F 22 -21.64 28.17 -17.26
C CYS F 22 -22.57 26.98 -17.26
N ILE F 23 -23.52 26.96 -18.19
CA ILE F 23 -24.57 25.92 -18.28
C ILE F 23 -24.26 25.07 -19.53
N ALA F 24 -24.40 23.75 -19.38
CA ALA F 24 -24.15 22.74 -20.44
C ALA F 24 -25.49 22.20 -20.95
N SER F 25 -25.53 21.85 -22.24
CA SER F 25 -26.59 21.01 -22.84
C SER F 25 -26.46 19.60 -22.28
N GLY F 26 -27.42 18.73 -22.60
CA GLY F 26 -27.30 17.29 -22.35
C GLY F 26 -27.91 16.87 -21.02
N ARG F 27 -28.06 15.57 -20.82
CA ARG F 27 -28.54 15.00 -19.55
C ARG F 27 -27.42 14.17 -18.93
N THR F 28 -26.15 14.39 -19.28
CA THR F 28 -25.02 13.64 -18.66
C THR F 28 -23.97 14.60 -18.12
N PHE F 29 -24.41 15.75 -17.63
CA PHE F 29 -23.53 16.76 -17.02
C PHE F 29 -22.69 16.14 -15.91
N HIS F 30 -23.26 15.21 -15.12
CA HIS F 30 -22.58 14.53 -13.99
C HIS F 30 -21.32 13.79 -14.49
N SER F 31 -21.26 13.45 -15.79
CA SER F 31 -20.15 12.64 -16.34
C SER F 31 -18.98 13.54 -16.73
N TYR F 32 -19.11 14.87 -16.60
CA TYR F 32 -18.11 15.83 -17.09
C TYR F 32 -17.33 16.43 -15.92
N VAL F 33 -16.01 16.42 -16.08
CA VAL F 33 -15.09 17.35 -15.37
C VAL F 33 -15.30 18.73 -15.98
N MET F 34 -15.57 19.73 -15.15
CA MET F 34 -15.84 21.11 -15.62
C MET F 34 -14.66 22.00 -15.22
N ALA F 35 -14.30 22.95 -16.08
CA ALA F 35 -13.13 23.81 -15.87
C ALA F 35 -13.41 25.23 -16.37
N TRP F 36 -12.64 26.15 -15.81
CA TRP F 36 -12.51 27.56 -16.22
C TRP F 36 -11.08 27.84 -16.65
N PHE F 37 -10.93 28.44 -17.81
CA PHE F 37 -9.67 29.02 -18.30
C PHE F 37 -9.93 30.49 -18.56
N ARG F 38 -8.87 31.29 -18.69
CA ARG F 38 -9.02 32.70 -19.10
C ARG F 38 -7.89 33.08 -20.04
N GLN F 39 -8.13 34.13 -20.80
CA GLN F 39 -7.16 34.59 -21.81
C GLN F 39 -7.20 36.10 -21.83
N ALA F 40 -6.10 36.68 -21.35
CA ALA F 40 -5.78 38.12 -21.47
C ALA F 40 -5.21 38.33 -22.86
N PRO F 41 -5.41 39.52 -23.45
CA PRO F 41 -4.94 39.77 -24.83
C PRO F 41 -3.41 39.63 -24.90
N GLY F 42 -2.92 38.91 -25.91
CA GLY F 42 -1.49 38.66 -26.13
C GLY F 42 -0.99 37.41 -25.41
N LYS F 43 -1.81 36.81 -24.54
CA LYS F 43 -1.40 35.61 -23.77
C LYS F 43 -2.18 34.39 -24.24
N GLU F 44 -1.70 33.21 -23.86
CA GLU F 44 -2.38 31.93 -24.15
C GLU F 44 -3.47 31.73 -23.11
N ARG F 45 -4.35 30.77 -23.35
CA ARG F 45 -5.37 30.33 -22.37
C ARG F 45 -4.63 29.79 -21.13
N GLU F 46 -4.93 30.37 -19.98
CA GLU F 46 -4.32 30.09 -18.67
C GLU F 46 -5.40 29.35 -17.86
N PHE F 47 -5.02 28.23 -17.26
CA PHE F 47 -5.90 27.44 -16.38
C PHE F 47 -6.27 28.28 -15.14
N VAL F 48 -7.56 28.28 -14.79
CA VAL F 48 -8.07 29.00 -13.60
C VAL F 48 -8.51 27.99 -12.55
N ALA F 49 -9.41 27.07 -12.89
CA ALA F 49 -10.01 26.12 -11.93
C ALA F 49 -10.68 24.94 -12.63
N ALA F 50 -10.79 23.83 -11.91
CA ALA F 50 -11.47 22.61 -12.38
C ALA F 50 -12.09 21.88 -11.19
N ILE F 51 -13.14 21.13 -11.47
CA ILE F 51 -13.91 20.36 -10.48
C ILE F 51 -14.25 18.98 -11.06
N SER F 52 -13.93 17.93 -10.31
CA SER F 52 -14.19 16.53 -10.70
C SER F 52 -15.69 16.24 -10.57
N TRP F 53 -16.11 15.04 -10.97
CA TRP F 53 -17.53 14.60 -11.08
C TRP F 53 -18.21 14.77 -9.71
N SER F 54 -17.60 14.25 -8.65
CA SER F 54 -18.14 14.23 -7.27
C SER F 54 -18.05 15.61 -6.62
N SER F 55 -17.40 16.56 -7.28
CA SER F 55 -17.00 17.89 -6.71
C SER F 55 -15.70 17.79 -5.90
N THR F 56 -15.07 16.62 -5.75
CA THR F 56 -14.28 16.34 -4.51
C THR F 56 -12.80 16.60 -4.67
N PRO F 57 -12.16 16.35 -5.84
CA PRO F 57 -10.93 17.10 -6.15
C PRO F 57 -11.40 18.38 -6.83
N THR F 58 -11.06 19.53 -6.26
CA THR F 58 -11.05 20.85 -6.98
C THR F 58 -9.60 21.26 -7.22
N TYR F 59 -9.36 22.03 -8.26
CA TYR F 59 -8.01 22.48 -8.67
C TYR F 59 -8.09 23.97 -9.00
N TYR F 60 -7.00 24.69 -8.75
CA TYR F 60 -6.89 26.15 -8.91
C TYR F 60 -5.52 26.49 -9.50
N GLY F 61 -5.47 27.47 -10.40
CA GLY F 61 -4.22 28.11 -10.83
C GLY F 61 -3.60 28.85 -9.67
N GLU F 62 -2.28 28.97 -9.67
CA GLU F 62 -1.45 29.57 -8.61
C GLU F 62 -2.02 30.94 -8.22
N SER F 63 -2.32 31.75 -9.23
CA SER F 63 -2.55 33.21 -9.06
C SER F 63 -3.97 33.47 -8.57
N VAL F 64 -4.87 32.47 -8.57
CA VAL F 64 -6.26 32.67 -8.10
C VAL F 64 -6.50 31.86 -6.83
N LYS F 65 -5.61 30.94 -6.47
CA LYS F 65 -5.75 30.08 -5.25
C LYS F 65 -6.08 30.98 -4.06
N GLY F 66 -7.13 30.66 -3.32
CA GLY F 66 -7.60 31.40 -2.13
C GLY F 66 -8.66 32.45 -2.45
N ARG F 67 -8.67 33.02 -3.66
CA ARG F 67 -9.59 34.13 -4.03
C ARG F 67 -10.82 33.59 -4.79
N PHE F 68 -10.65 32.51 -5.55
CA PHE F 68 -11.68 31.95 -6.46
C PHE F 68 -12.14 30.59 -5.92
N THR F 69 -13.44 30.31 -6.02
CA THR F 69 -14.05 29.02 -5.62
C THR F 69 -14.85 28.49 -6.80
N ILE F 70 -14.52 27.29 -7.27
CA ILE F 70 -15.30 26.58 -8.30
C ILE F 70 -16.27 25.65 -7.57
N SER F 71 -17.48 25.50 -8.09
CA SER F 71 -18.54 24.63 -7.56
C SER F 71 -19.44 24.19 -8.73
N ARG F 72 -20.22 23.14 -8.54
CA ARG F 72 -21.11 22.62 -9.61
C ARG F 72 -22.46 22.31 -8.98
N ASP F 73 -23.51 22.49 -9.77
CA ASP F 73 -24.88 22.07 -9.42
C ASP F 73 -25.37 21.17 -10.56
N ASN F 74 -25.25 19.86 -10.38
CA ASN F 74 -25.60 18.86 -11.39
C ASN F 74 -27.09 18.99 -11.78
N ALA F 75 -27.97 19.33 -10.83
CA ALA F 75 -29.42 19.48 -11.09
C ALA F 75 -29.66 20.61 -12.10
N LYS F 76 -28.75 21.57 -12.23
CA LYS F 76 -28.89 22.73 -13.15
C LYS F 76 -27.88 22.68 -14.29
N ASN F 77 -27.13 21.58 -14.45
CA ASN F 77 -26.12 21.48 -15.53
C ASN F 77 -25.18 22.69 -15.49
N THR F 78 -24.86 23.20 -14.30
CA THR F 78 -24.13 24.48 -14.17
C THR F 78 -22.89 24.30 -13.30
N VAL F 79 -21.78 24.88 -13.77
CA VAL F 79 -20.53 25.10 -12.99
C VAL F 79 -20.43 26.60 -12.71
N TYR F 80 -19.99 26.96 -11.51
CA TYR F 80 -19.87 28.36 -11.03
C TYR F 80 -18.41 28.67 -10.70
N LEU F 81 -18.01 29.92 -10.93
CA LEU F 81 -16.72 30.46 -10.45
C LEU F 81 -17.01 31.72 -9.62
N GLN F 82 -16.89 31.60 -8.29
CA GLN F 82 -16.95 32.72 -7.33
C GLN F 82 -15.58 33.38 -7.37
N MET F 83 -15.50 34.63 -7.82
CA MET F 83 -14.22 35.39 -7.92
C MET F 83 -14.30 36.52 -6.90
N ASN F 84 -13.50 36.43 -5.83
CA ASN F 84 -13.45 37.46 -4.76
C ASN F 84 -12.14 38.25 -4.87
N ARG F 85 -12.13 39.46 -4.31
CA ARG F 85 -10.93 40.31 -4.18
C ARG F 85 -10.25 40.37 -5.56
N LEU F 86 -11.02 40.78 -6.56
CA LEU F 86 -10.54 40.85 -7.97
C LEU F 86 -9.50 41.96 -8.11
N LYS F 87 -8.46 41.68 -8.91
CA LYS F 87 -7.35 42.60 -9.21
C LYS F 87 -7.38 42.89 -10.71
N PRO F 88 -6.84 44.04 -11.17
CA PRO F 88 -6.75 44.31 -12.60
C PRO F 88 -6.16 43.17 -13.45
N GLU F 89 -5.17 42.43 -12.91
CA GLU F 89 -4.52 41.27 -13.63
C GLU F 89 -5.51 40.13 -13.87
N ASP F 90 -6.72 40.17 -13.30
CA ASP F 90 -7.79 39.14 -13.48
C ASP F 90 -8.63 39.48 -14.72
N THR F 91 -8.48 40.67 -15.28
CA THR F 91 -9.17 41.09 -16.52
C THR F 91 -8.79 40.11 -17.64
N ALA F 92 -9.78 39.50 -18.29
CA ALA F 92 -9.59 38.52 -19.38
C ALA F 92 -10.93 38.02 -19.89
N VAL F 93 -10.89 37.26 -20.98
CA VAL F 93 -12.02 36.43 -21.43
C VAL F 93 -11.95 35.15 -20.62
N TYR F 94 -13.05 34.77 -19.96
CA TYR F 94 -13.16 33.55 -19.14
C TYR F 94 -13.95 32.52 -19.95
N PHE F 95 -13.33 31.36 -20.17
CA PHE F 95 -13.88 30.22 -20.93
C PHE F 95 -14.25 29.09 -19.99
N CYS F 96 -15.47 28.60 -20.19
CA CYS F 96 -15.98 27.34 -19.63
C CYS F 96 -15.41 26.18 -20.45
N ALA F 97 -15.02 25.08 -19.84
CA ALA F 97 -14.58 23.89 -20.60
C ALA F 97 -15.05 22.63 -19.89
N ALA F 98 -15.19 21.53 -20.64
CA ALA F 98 -15.73 20.25 -20.15
C ALA F 98 -15.03 19.09 -20.84
N ASP F 99 -14.86 18.00 -20.09
CA ASP F 99 -14.35 16.71 -20.60
C ASP F 99 -14.89 15.56 -19.77
N ARG F 100 -15.06 14.41 -20.38
CA ARG F 100 -15.45 13.17 -19.67
C ARG F 100 -14.35 12.76 -18.68
N GLY F 101 -13.09 13.01 -19.04
CA GLY F 101 -11.94 12.56 -18.27
C GLY F 101 -11.40 13.64 -17.35
N GLU F 102 -10.86 13.22 -16.20
CA GLU F 102 -10.07 14.07 -15.30
C GLU F 102 -8.59 13.82 -15.62
N SER F 103 -7.87 14.86 -16.01
CA SER F 103 -6.46 14.80 -16.46
C SER F 103 -5.51 14.96 -15.28
N TYR F 104 -4.46 14.16 -15.24
CA TYR F 104 -3.29 14.45 -14.41
C TYR F 104 -2.75 15.83 -14.80
N TYR F 105 -2.78 16.17 -16.08
CA TYR F 105 -2.29 17.47 -16.63
C TYR F 105 -3.51 18.39 -16.81
N TYR F 106 -4.22 18.65 -15.71
CA TYR F 106 -5.53 19.34 -15.68
C TYR F 106 -5.39 20.79 -16.17
N THR F 107 -4.18 21.35 -16.22
CA THR F 107 -3.94 22.74 -16.69
C THR F 107 -3.82 22.81 -18.21
N ARG F 108 -3.71 21.68 -18.91
CA ARG F 108 -3.57 21.70 -20.39
C ARG F 108 -4.92 21.90 -21.08
N PRO F 109 -5.06 22.97 -21.89
CA PRO F 109 -6.24 23.12 -22.74
C PRO F 109 -6.60 21.89 -23.59
N THR F 110 -5.60 21.21 -24.15
CA THR F 110 -5.77 20.03 -25.04
C THR F 110 -6.43 18.86 -24.29
N GLU F 111 -6.47 18.85 -22.96
CA GLU F 111 -7.13 17.76 -22.18
C GLU F 111 -8.65 18.01 -22.08
N TYR F 112 -9.20 19.11 -22.62
CA TYR F 112 -10.65 19.41 -22.55
C TYR F 112 -11.24 19.44 -23.97
N GLU F 113 -12.21 18.57 -24.26
CA GLU F 113 -12.80 18.46 -25.61
C GLU F 113 -13.72 19.66 -25.92
N PHE F 114 -14.51 20.14 -24.96
CA PHE F 114 -15.60 21.13 -25.17
C PHE F 114 -15.25 22.46 -24.52
N TRP F 115 -15.48 23.55 -25.27
CA TRP F 115 -15.16 24.94 -24.89
C TRP F 115 -16.36 25.85 -25.16
N GLY F 116 -16.69 26.70 -24.20
CA GLY F 116 -17.56 27.86 -24.44
C GLY F 116 -16.88 28.90 -25.33
N GLN F 117 -17.61 29.92 -25.74
CA GLN F 117 -17.10 31.04 -26.58
C GLN F 117 -16.37 32.05 -25.70
N GLY F 118 -16.62 32.03 -24.39
CA GLY F 118 -15.99 32.93 -23.40
C GLY F 118 -16.82 34.16 -23.13
N THR F 119 -16.58 34.82 -21.99
CA THR F 119 -17.25 36.07 -21.56
C THR F 119 -16.17 37.00 -20.98
N GLN F 120 -16.22 38.28 -21.31
CA GLN F 120 -15.30 39.31 -20.82
C GLN F 120 -15.58 39.58 -19.34
N VAL F 121 -14.54 39.52 -18.52
CA VAL F 121 -14.49 40.13 -17.16
C VAL F 121 -13.48 41.29 -17.24
N THR F 122 -13.89 42.49 -16.84
CA THR F 122 -13.00 43.68 -16.76
C THR F 122 -12.97 44.20 -15.33
N VAL F 123 -11.78 44.29 -14.74
CA VAL F 123 -11.56 44.84 -13.37
C VAL F 123 -10.86 46.20 -13.50
N SER F 124 -11.49 47.29 -13.07
CA SER F 124 -10.94 48.68 -13.07
C SER F 124 -10.64 49.13 -11.64
N THR G 4 50.27 -29.95 22.74
CA THR G 4 49.29 -30.26 23.86
C THR G 4 48.72 -28.93 24.40
N ASN G 5 49.62 -27.96 24.62
CA ASN G 5 49.30 -26.60 25.13
C ASN G 5 48.61 -25.78 24.05
N LEU G 6 47.50 -25.11 24.39
CA LEU G 6 46.74 -24.26 23.44
C LEU G 6 47.53 -22.99 23.14
N CYS G 7 47.43 -22.49 21.92
CA CYS G 7 48.07 -21.25 21.46
C CYS G 7 47.43 -20.13 22.27
N PRO G 8 48.22 -19.18 22.80
CA PRO G 8 47.72 -18.18 23.74
C PRO G 8 47.03 -17.01 23.00
N PHE G 9 45.90 -17.28 22.35
CA PHE G 9 45.10 -16.27 21.63
C PHE G 9 44.51 -15.26 22.64
N GLY G 10 44.16 -15.71 23.84
CA GLY G 10 43.68 -14.85 24.95
C GLY G 10 44.63 -13.69 25.22
N GLU G 11 45.94 -13.94 25.25
CA GLU G 11 46.96 -12.90 25.54
C GLU G 11 46.95 -11.81 24.46
N VAL G 12 46.52 -12.17 23.24
CA VAL G 12 46.46 -11.24 22.08
C VAL G 12 45.14 -10.46 22.10
N PHE G 13 44.02 -11.17 22.03
CA PHE G 13 42.68 -10.58 21.80
C PHE G 13 42.21 -9.82 23.05
N ASN G 14 42.63 -10.29 24.24
CA ASN G 14 42.12 -9.80 25.54
C ASN G 14 43.26 -9.10 26.30
N ALA G 15 44.39 -8.77 25.65
CA ALA G 15 45.41 -7.88 26.24
C ALA G 15 44.69 -6.61 26.71
N THR G 16 45.02 -6.11 27.90
CA THR G 16 44.34 -4.91 28.45
C THR G 16 44.85 -3.69 27.70
N ARG G 17 46.05 -3.78 27.13
CA ARG G 17 46.71 -2.68 26.37
C ARG G 17 46.93 -3.09 24.90
N PHE G 18 46.64 -2.18 24.00
CA PHE G 18 46.84 -2.34 22.53
C PHE G 18 47.74 -1.21 22.04
N ALA G 19 48.59 -1.50 21.06
CA ALA G 19 49.53 -0.56 20.42
C ALA G 19 48.79 0.47 19.56
N SER G 20 49.40 1.64 19.40
CA SER G 20 49.15 2.55 18.27
C SER G 20 49.47 1.81 16.97
N VAL G 21 48.67 2.05 15.93
CA VAL G 21 48.85 1.39 14.60
C VAL G 21 50.28 1.63 14.05
N TYR G 22 50.87 2.81 14.21
CA TYR G 22 52.19 3.11 13.59
C TYR G 22 53.26 2.23 14.28
N ALA G 23 53.05 1.90 15.56
CA ALA G 23 53.97 1.08 16.37
C ALA G 23 53.30 -0.28 16.67
N TRP G 24 52.71 -0.86 15.64
CA TRP G 24 51.88 -2.09 15.76
C TRP G 24 52.71 -3.20 16.42
N ASN G 25 52.03 -3.99 17.25
CA ASN G 25 52.66 -5.05 18.06
C ASN G 25 52.60 -6.38 17.30
N ARG G 26 53.68 -7.15 17.30
CA ARG G 26 53.81 -8.54 16.80
C ARG G 26 53.99 -9.54 17.94
N LYS G 27 53.16 -10.56 18.02
CA LYS G 27 53.44 -11.73 18.88
C LYS G 27 53.61 -12.93 17.96
N ARG G 28 54.70 -13.66 18.13
CA ARG G 28 54.94 -14.94 17.44
C ARG G 28 54.18 -16.02 18.21
N ILE G 29 53.45 -16.86 17.49
CA ILE G 29 52.76 -18.06 18.03
C ILE G 29 53.38 -19.28 17.35
N SER G 30 53.84 -20.25 18.14
CA SER G 30 54.43 -21.51 17.66
C SER G 30 54.40 -22.60 18.73
N ASN G 31 54.60 -23.86 18.33
CA ASN G 31 54.73 -25.02 19.24
C ASN G 31 53.54 -25.01 20.19
N CYS G 32 52.34 -25.03 19.60
CA CYS G 32 51.06 -24.97 20.33
C CYS G 32 49.93 -25.45 19.40
N VAL G 33 48.82 -25.90 20.02
CA VAL G 33 47.56 -26.29 19.33
C VAL G 33 46.71 -25.02 19.15
N ALA G 34 46.41 -24.67 17.91
CA ALA G 34 45.61 -23.47 17.53
C ALA G 34 44.15 -23.92 17.51
N ASP G 35 43.46 -23.74 18.63
CA ASP G 35 42.01 -23.94 18.69
C ASP G 35 41.33 -22.60 18.43
N TYR G 36 40.67 -22.49 17.28
CA TYR G 36 40.03 -21.23 16.82
C TYR G 36 38.59 -21.18 17.32
N SER G 37 38.09 -22.22 18.01
CA SER G 37 36.69 -22.21 18.50
C SER G 37 36.51 -21.08 19.52
N VAL G 38 37.56 -20.61 20.18
CA VAL G 38 37.46 -19.42 21.08
C VAL G 38 37.00 -18.21 20.24
N LEU G 39 37.55 -18.03 19.04
CA LEU G 39 37.18 -16.92 18.11
C LEU G 39 35.81 -17.16 17.49
N TYR G 40 35.47 -18.41 17.18
CA TYR G 40 34.18 -18.80 16.54
C TYR G 40 33.01 -18.45 17.45
N ASN G 41 33.21 -18.46 18.77
CA ASN G 41 32.14 -18.31 19.80
C ASN G 41 32.01 -16.85 20.23
N SER G 42 32.71 -15.93 19.58
CA SER G 42 32.55 -14.46 19.75
C SER G 42 31.53 -13.96 18.72
N ALA G 43 30.52 -13.21 19.18
CA ALA G 43 29.49 -12.55 18.34
C ALA G 43 29.77 -11.04 18.29
N SER G 44 30.84 -10.60 18.94
CA SER G 44 31.21 -9.17 19.07
C SER G 44 32.07 -8.68 17.89
N PHE G 45 32.73 -9.57 17.15
CA PHE G 45 33.69 -9.14 16.10
C PHE G 45 32.90 -8.43 15.00
N SER G 46 33.36 -7.26 14.57
CA SER G 46 32.73 -6.45 13.47
C SER G 46 33.07 -7.10 12.12
N THR G 47 34.22 -7.75 12.03
CA THR G 47 34.75 -8.36 10.80
C THR G 47 35.65 -9.55 11.18
N PHE G 48 35.65 -10.59 10.35
CA PHE G 48 36.46 -11.81 10.57
C PHE G 48 36.60 -12.44 9.20
N LYS G 49 37.63 -12.04 8.48
CA LYS G 49 37.88 -12.49 7.09
C LYS G 49 39.25 -13.14 6.97
N CYS G 50 39.31 -14.22 6.21
CA CYS G 50 40.58 -14.90 5.89
C CYS G 50 40.86 -14.74 4.38
N TYR G 51 42.13 -14.83 4.06
CA TYR G 51 42.72 -14.71 2.70
C TYR G 51 43.62 -15.94 2.50
N GLY G 52 43.40 -16.70 1.43
CA GLY G 52 44.21 -17.89 1.14
C GLY G 52 43.73 -19.12 1.88
N VAL G 53 42.85 -18.99 2.89
CA VAL G 53 42.22 -20.16 3.57
C VAL G 53 40.79 -19.81 3.95
N SER G 54 39.90 -20.79 3.99
CA SER G 54 38.50 -20.59 4.45
C SER G 54 38.51 -20.54 5.98
N PRO G 55 37.80 -19.57 6.60
CA PRO G 55 37.64 -19.54 8.05
C PRO G 55 37.08 -20.85 8.63
N THR G 56 36.30 -21.58 7.81
CA THR G 56 35.66 -22.86 8.18
C THR G 56 36.72 -23.95 8.36
N LYS G 57 37.94 -23.76 7.88
CA LYS G 57 38.97 -24.82 7.85
C LYS G 57 40.07 -24.55 8.89
N LEU G 58 40.04 -23.44 9.65
CA LEU G 58 41.21 -23.03 10.46
C LEU G 58 41.63 -24.13 11.46
N ASN G 59 40.69 -24.92 11.97
CA ASN G 59 41.03 -26.00 12.95
C ASN G 59 41.65 -27.22 12.28
N ASP G 60 41.77 -27.24 10.95
CA ASP G 60 42.26 -28.41 10.17
C ASP G 60 43.57 -28.07 9.45
N LEU G 61 44.21 -26.95 9.74
CA LEU G 61 45.42 -26.48 9.03
C LEU G 61 46.64 -26.58 9.96
N CYS G 62 47.82 -26.81 9.39
CA CYS G 62 49.13 -26.71 10.06
C CYS G 62 49.94 -25.61 9.38
N PHE G 63 50.69 -24.81 10.15
CA PHE G 63 51.64 -23.77 9.70
C PHE G 63 52.93 -23.90 10.49
N THR G 64 54.03 -23.31 10.00
CA THR G 64 55.35 -23.32 10.67
C THR G 64 55.28 -22.38 11.86
N ASN G 65 54.56 -21.27 11.65
CA ASN G 65 54.43 -20.18 12.63
C ASN G 65 53.17 -19.40 12.29
N VAL G 66 52.64 -18.74 13.31
CA VAL G 66 51.56 -17.75 13.16
C VAL G 66 52.07 -16.47 13.81
N TYR G 67 51.84 -15.34 13.18
CA TYR G 67 52.13 -14.00 13.76
C TYR G 67 50.81 -13.31 14.02
N ALA G 68 50.68 -12.75 15.21
CA ALA G 68 49.51 -11.94 15.64
C ALA G 68 49.99 -10.50 15.79
N ASP G 69 49.59 -9.66 14.84
CA ASP G 69 49.78 -8.19 14.84
C ASP G 69 48.52 -7.58 15.39
N SER G 70 48.63 -6.63 16.30
CA SER G 70 47.46 -5.98 16.93
C SER G 70 47.73 -4.49 17.12
N PHE G 71 46.65 -3.70 17.05
CA PHE G 71 46.69 -2.23 17.13
C PHE G 71 45.27 -1.68 17.15
N VAL G 72 45.13 -0.36 17.32
CA VAL G 72 43.83 0.37 17.27
C VAL G 72 43.84 1.31 16.06
N ILE G 73 42.70 1.38 15.37
CA ILE G 73 42.40 2.38 14.29
C ILE G 73 40.94 2.83 14.43
N ARG G 74 40.51 3.78 13.59
CA ARG G 74 39.09 4.22 13.47
C ARG G 74 38.28 3.15 12.77
N GLY G 75 36.96 3.12 13.04
CA GLY G 75 36.01 2.21 12.40
C GLY G 75 36.13 2.24 10.88
N ASP G 76 36.16 3.40 10.23
CA ASP G 76 36.10 3.42 8.75
C ASP G 76 37.50 3.21 8.17
N GLU G 77 38.52 2.96 8.99
CA GLU G 77 39.86 2.56 8.48
C GLU G 77 39.98 1.02 8.49
N VAL G 78 39.07 0.28 9.11
CA VAL G 78 39.19 -1.21 9.23
C VAL G 78 39.24 -1.83 7.83
N ARG G 79 38.49 -1.32 6.86
CA ARG G 79 38.50 -1.83 5.47
C ARG G 79 39.91 -1.77 4.86
N GLN G 80 40.83 -0.96 5.39
CA GLN G 80 42.21 -0.81 4.87
C GLN G 80 43.09 -1.98 5.33
N ILE G 81 42.67 -2.73 6.33
CA ILE G 81 43.46 -3.90 6.82
C ILE G 81 43.04 -5.10 5.98
N ALA G 82 43.51 -5.09 4.73
CA ALA G 82 43.19 -6.10 3.72
C ALA G 82 44.19 -5.96 2.59
N PRO G 83 44.53 -7.06 1.89
CA PRO G 83 45.37 -6.97 0.70
C PRO G 83 44.73 -6.03 -0.34
N GLY G 84 45.53 -5.19 -0.98
CA GLY G 84 45.15 -4.39 -2.15
C GLY G 84 44.54 -3.07 -1.78
N GLN G 85 44.54 -2.66 -0.51
CA GLN G 85 43.89 -1.39 -0.03
C GLN G 85 44.87 -0.22 -0.08
N THR G 86 44.37 1.01 -0.19
CA THR G 86 45.14 2.27 0.00
C THR G 86 44.42 3.16 1.02
N GLY G 87 45.14 4.18 1.49
CA GLY G 87 44.72 5.13 2.55
C GLY G 87 45.83 5.37 3.54
N LYS G 88 45.64 6.29 4.48
CA LYS G 88 46.67 6.65 5.49
C LYS G 88 47.19 5.38 6.13
N ILE G 89 46.31 4.45 6.51
CA ILE G 89 46.71 3.28 7.32
C ILE G 89 47.46 2.27 6.43
N ALA G 90 46.86 1.82 5.33
CA ALA G 90 47.49 0.87 4.39
C ALA G 90 48.83 1.42 3.88
N ASP G 91 48.92 2.73 3.62
CA ASP G 91 50.09 3.33 2.96
C ASP G 91 51.20 3.62 3.98
N TYR G 92 50.88 4.12 5.17
CA TYR G 92 51.86 4.78 6.07
C TYR G 92 52.00 4.09 7.44
N ASN G 93 51.15 3.12 7.77
CA ASN G 93 51.08 2.57 9.15
C ASN G 93 51.22 1.04 9.15
N TYR G 94 50.35 0.34 8.44
CA TYR G 94 50.29 -1.14 8.43
C TYR G 94 49.82 -1.63 7.05
N LYS G 95 50.71 -2.32 6.34
CA LYS G 95 50.49 -2.75 4.95
C LYS G 95 50.47 -4.28 4.90
N LEU G 96 49.36 -4.86 4.42
CA LEU G 96 49.32 -6.30 4.11
C LEU G 96 49.77 -6.50 2.67
N PRO G 97 50.49 -7.60 2.38
CA PRO G 97 50.90 -7.95 1.02
C PRO G 97 49.68 -8.34 0.17
N ASP G 98 49.82 -8.27 -1.14
CA ASP G 98 48.72 -8.63 -2.07
C ASP G 98 48.40 -10.12 -1.96
N ASP G 99 49.38 -10.97 -1.65
CA ASP G 99 49.23 -12.45 -1.58
C ASP G 99 49.17 -12.88 -0.11
N PHE G 100 48.67 -12.02 0.75
CA PHE G 100 48.48 -12.32 2.19
C PHE G 100 47.79 -13.67 2.38
N THR G 101 48.32 -14.49 3.28
CA THR G 101 47.65 -15.71 3.81
C THR G 101 47.43 -15.49 5.31
N GLY G 102 46.17 -15.41 5.74
CA GLY G 102 45.82 -15.19 7.16
C GLY G 102 44.45 -14.59 7.32
N CYS G 103 44.16 -14.09 8.52
CA CYS G 103 42.82 -13.58 8.88
C CYS G 103 42.97 -12.22 9.54
N VAL G 104 41.96 -11.38 9.36
CA VAL G 104 41.84 -10.03 9.97
C VAL G 104 40.56 -10.02 10.78
N ILE G 105 40.69 -9.73 12.07
CA ILE G 105 39.56 -9.65 13.02
C ILE G 105 39.60 -8.26 13.66
N ALA G 106 38.44 -7.63 13.78
CA ALA G 106 38.32 -6.32 14.46
C ALA G 106 37.04 -6.31 15.27
N TRP G 107 37.01 -5.43 16.27
CA TRP G 107 35.80 -5.17 17.08
C TRP G 107 35.82 -3.74 17.57
N ASN G 108 34.63 -3.16 17.66
CA ASN G 108 34.41 -1.82 18.26
C ASN G 108 34.90 -1.86 19.71
N SER G 109 35.78 -0.94 20.09
CA SER G 109 36.34 -0.85 21.45
C SER G 109 35.99 0.51 22.06
N ASN G 110 34.91 1.13 21.59
CA ASN G 110 34.48 2.46 22.08
C ASN G 110 34.36 2.41 23.61
N ASN G 111 33.78 1.35 24.16
CA ASN G 111 33.52 1.19 25.61
C ASN G 111 34.84 1.18 26.41
N LEU G 112 35.95 0.74 25.84
CA LEU G 112 37.25 0.62 26.55
C LEU G 112 38.21 1.75 26.16
N ASP G 113 38.21 2.21 24.91
CA ASP G 113 39.32 3.04 24.33
C ASP G 113 38.91 4.49 24.09
N SER G 114 37.72 4.92 24.49
CA SER G 114 37.31 6.34 24.31
C SER G 114 37.07 6.92 25.71
N LYS G 115 37.30 8.21 25.90
CA LYS G 115 37.13 8.88 27.22
C LYS G 115 36.30 10.15 27.04
N VAL G 116 35.61 10.57 28.10
CA VAL G 116 34.95 11.91 28.13
C VAL G 116 36.10 12.93 28.04
N GLY G 117 36.02 13.86 27.09
CA GLY G 117 37.12 14.80 26.83
C GLY G 117 38.17 14.25 25.90
N GLY G 118 38.01 12.99 25.44
CA GLY G 118 38.75 12.42 24.31
C GLY G 118 39.98 11.65 24.77
N ASN G 119 40.19 10.44 24.24
CA ASN G 119 41.43 9.64 24.46
C ASN G 119 42.40 9.99 23.32
N TYR G 120 43.53 10.63 23.66
CA TYR G 120 44.53 11.10 22.66
C TYR G 120 45.75 10.16 22.66
N ASN G 121 45.67 9.02 23.36
CA ASN G 121 46.84 8.10 23.53
C ASN G 121 47.16 7.34 22.24
N TYR G 122 46.18 7.05 21.38
CA TYR G 122 46.40 6.26 20.15
C TYR G 122 46.81 7.19 19.00
N LEU G 123 47.94 6.86 18.37
CA LEU G 123 48.59 7.69 17.30
C LEU G 123 48.57 6.94 15.97
N TYR G 124 48.65 7.68 14.86
CA TYR G 124 48.85 7.12 13.50
C TYR G 124 49.83 8.02 12.74
N ARG G 125 50.59 7.47 11.81
CA ARG G 125 51.48 8.25 10.92
C ARG G 125 50.61 8.93 9.85
N LEU G 126 50.66 10.24 9.76
CA LEU G 126 49.81 11.05 8.84
C LEU G 126 50.58 11.36 7.56
N PHE G 127 51.91 11.52 7.66
CA PHE G 127 52.81 11.91 6.55
C PHE G 127 53.96 10.90 6.45
N ARG G 128 54.31 10.53 5.23
CA ARG G 128 55.53 9.75 4.94
C ARG G 128 55.96 9.99 3.50
N LYS G 129 57.28 9.97 3.23
CA LYS G 129 57.86 10.25 1.89
C LYS G 129 57.43 9.17 0.89
N SER G 130 57.15 7.95 1.36
CA SER G 130 56.80 6.82 0.48
C SER G 130 56.01 5.78 1.26
N ASN G 131 55.33 4.88 0.55
CA ASN G 131 54.44 3.87 1.16
C ASN G 131 55.29 2.80 1.85
N LEU G 132 54.78 2.25 2.94
CA LEU G 132 55.37 1.07 3.62
C LEU G 132 55.38 -0.10 2.65
N LYS G 133 56.45 -0.90 2.67
CA LYS G 133 56.47 -2.29 2.17
C LYS G 133 55.56 -3.14 3.06
N PRO G 134 55.04 -4.28 2.54
CA PRO G 134 54.22 -5.16 3.37
C PRO G 134 54.93 -5.58 4.65
N PHE G 135 54.24 -5.47 5.79
CA PHE G 135 54.72 -5.84 7.15
C PHE G 135 55.87 -4.94 7.58
N GLU G 136 56.08 -3.80 6.91
CA GLU G 136 57.06 -2.78 7.37
C GLU G 136 56.45 -2.03 8.56
N ARG G 137 57.31 -1.57 9.45
CA ARG G 137 56.95 -0.86 10.68
C ARG G 137 57.86 0.36 10.76
N ASP G 138 57.28 1.55 10.92
CA ASP G 138 58.06 2.81 10.97
C ASP G 138 57.67 3.49 12.28
N ILE G 139 58.63 3.60 13.21
CA ILE G 139 58.43 4.25 14.52
C ILE G 139 59.31 5.51 14.57
N SER G 140 59.87 5.95 13.45
CA SER G 140 60.69 7.19 13.36
C SER G 140 59.78 8.40 13.57
N THR G 141 60.35 9.50 14.04
CA THR G 141 59.62 10.75 14.32
C THR G 141 60.39 11.92 13.70
N GLU G 142 60.85 11.73 12.48
CA GLU G 142 61.62 12.74 11.71
C GLU G 142 60.61 13.79 11.20
N ILE G 143 61.01 15.06 11.24
CA ILE G 143 60.19 16.20 10.73
C ILE G 143 59.95 15.96 9.24
N TYR G 144 58.71 15.97 8.83
CA TYR G 144 58.30 15.72 7.43
C TYR G 144 58.35 17.05 6.67
N GLN G 145 59.11 17.10 5.57
CA GLN G 145 59.13 18.28 4.67
C GLN G 145 57.94 18.18 3.70
N ALA G 146 56.87 18.93 3.97
CA ALA G 146 55.60 18.92 3.23
C ALA G 146 55.63 19.95 2.10
N GLY G 147 56.60 20.87 2.13
CA GLY G 147 56.62 22.00 1.20
C GLY G 147 57.97 22.21 0.58
N SER G 148 58.10 23.28 -0.19
CA SER G 148 59.31 23.69 -0.92
C SER G 148 60.49 23.86 0.06
N THR G 149 60.29 24.56 1.18
CA THR G 149 61.37 24.99 2.11
C THR G 149 61.96 23.77 2.82
N PRO G 150 63.30 23.67 2.98
CA PRO G 150 63.89 22.62 3.81
C PRO G 150 63.57 22.90 5.29
N CYS G 151 63.53 21.87 6.12
CA CYS G 151 63.05 21.98 7.53
C CYS G 151 64.21 22.19 8.50
N ASN G 152 65.44 21.85 8.12
CA ASN G 152 66.67 22.06 8.93
C ASN G 152 66.47 21.56 10.38
N GLY G 153 65.75 20.44 10.53
CA GLY G 153 65.50 19.78 11.83
C GLY G 153 64.75 20.65 12.82
N VAL G 154 63.91 21.57 12.34
CA VAL G 154 63.01 22.43 13.17
C VAL G 154 61.58 22.25 12.66
N GLU G 155 60.60 22.21 13.57
CA GLU G 155 59.15 22.12 13.25
C GLU G 155 58.64 23.51 12.83
N GLY G 156 57.57 23.57 12.03
CA GLY G 156 56.86 24.83 11.70
C GLY G 156 55.95 24.66 10.50
N PHE G 157 55.62 25.76 9.80
CA PHE G 157 54.85 25.79 8.53
C PHE G 157 55.49 24.80 7.55
N ASN G 158 54.68 23.85 7.05
CA ASN G 158 55.06 22.82 6.04
C ASN G 158 56.18 21.92 6.58
N CYS G 159 56.40 21.90 7.89
CA CYS G 159 57.47 21.13 8.57
C CYS G 159 56.86 20.40 9.77
N TYR G 160 56.23 19.25 9.51
CA TYR G 160 55.27 18.61 10.44
C TYR G 160 55.95 17.45 11.15
N PHE G 161 55.65 17.33 12.44
CA PHE G 161 55.83 16.09 13.22
C PHE G 161 54.91 15.07 12.57
N PRO G 162 55.41 13.88 12.19
CA PRO G 162 54.67 13.00 11.28
C PRO G 162 53.56 12.16 11.93
N LEU G 163 53.48 12.12 13.26
CA LEU G 163 52.44 11.34 13.99
C LEU G 163 51.30 12.26 14.44
N GLN G 164 50.07 11.77 14.42
CA GLN G 164 48.85 12.51 14.83
C GLN G 164 48.06 11.60 15.78
N SER G 165 47.32 12.20 16.70
CA SER G 165 46.50 11.51 17.71
C SER G 165 45.09 11.28 17.14
N TYR G 166 44.44 10.18 17.49
CA TYR G 166 43.05 9.88 17.07
C TYR G 166 42.05 10.72 17.89
N GLY G 167 42.27 10.93 19.16
CA GLY G 167 41.25 11.68 19.94
C GLY G 167 39.87 11.06 19.87
N PHE G 168 39.70 9.93 20.54
CA PHE G 168 38.45 9.10 20.52
C PHE G 168 37.52 9.61 21.62
N GLN G 169 36.33 10.07 21.25
CA GLN G 169 35.26 10.45 22.22
C GLN G 169 34.10 9.48 22.09
N PRO G 170 33.48 9.10 23.22
CA PRO G 170 32.41 8.10 23.21
C PRO G 170 31.24 8.53 22.30
N THR G 171 31.04 9.84 22.08
CA THR G 171 29.94 10.41 21.25
C THR G 171 30.29 10.46 19.75
N ASN G 172 31.53 10.19 19.34
CA ASN G 172 31.93 10.09 17.91
C ASN G 172 30.95 9.18 17.16
N GLY G 173 30.66 9.47 15.88
CA GLY G 173 30.00 8.54 14.96
C GLY G 173 30.82 7.26 14.84
N VAL G 174 30.18 6.17 14.43
CA VAL G 174 30.77 4.79 14.50
C VAL G 174 32.08 4.76 13.70
N GLY G 175 32.09 5.43 12.53
CA GLY G 175 33.26 5.56 11.65
C GLY G 175 34.47 6.14 12.36
N TYR G 176 34.27 6.96 13.39
CA TYR G 176 35.37 7.64 14.14
C TYR G 176 35.57 7.00 15.52
N GLN G 177 34.91 5.87 15.80
CA GLN G 177 35.12 5.14 17.08
C GLN G 177 36.33 4.24 16.99
N PRO G 178 37.00 3.91 18.10
CA PRO G 178 38.16 3.04 18.05
C PRO G 178 37.73 1.60 17.79
N TYR G 179 38.51 0.91 16.98
CA TYR G 179 38.39 -0.55 16.74
C TYR G 179 39.74 -1.17 17.04
N ARG G 180 39.72 -2.24 17.81
CA ARG G 180 40.89 -3.12 18.02
C ARG G 180 40.96 -4.11 16.85
N VAL G 181 42.17 -4.36 16.35
CA VAL G 181 42.43 -5.23 15.18
C VAL G 181 43.49 -6.27 15.56
N VAL G 182 43.24 -7.51 15.19
CA VAL G 182 44.25 -8.59 15.23
C VAL G 182 44.35 -9.17 13.83
N VAL G 183 45.57 -9.19 13.30
CA VAL G 183 45.93 -9.83 12.01
C VAL G 183 46.73 -11.08 12.33
N LEU G 184 46.21 -12.23 11.93
CA LEU G 184 46.90 -13.53 12.05
C LEU G 184 47.52 -13.84 10.68
N SER G 185 48.85 -13.83 10.62
CA SER G 185 49.66 -14.25 9.45
C SER G 185 49.98 -15.73 9.58
N PHE G 186 49.74 -16.51 8.54
CA PHE G 186 50.03 -17.97 8.53
C PHE G 186 51.25 -18.21 7.67
N GLU G 187 52.33 -18.70 8.26
CA GLU G 187 53.67 -18.82 7.61
C GLU G 187 53.89 -20.30 7.27
N LEU G 188 54.36 -20.58 6.06
CA LEU G 188 54.73 -21.93 5.62
C LEU G 188 56.17 -21.93 5.14
N LEU G 189 57.12 -22.28 5.99
CA LEU G 189 58.56 -22.44 5.58
C LEU G 189 58.81 -23.92 5.32
N HIS G 190 59.97 -24.26 4.79
CA HIS G 190 60.48 -25.65 4.69
C HIS G 190 61.07 -26.02 6.06
N ALA G 191 60.18 -26.31 7.01
CA ALA G 191 60.46 -26.65 8.42
C ALA G 191 59.32 -27.51 8.94
N PRO G 192 59.46 -28.23 10.07
CA PRO G 192 58.29 -28.85 10.71
C PRO G 192 57.21 -27.83 11.04
N ALA G 193 55.94 -28.17 10.78
CA ALA G 193 54.77 -27.36 11.17
C ALA G 193 54.69 -27.43 12.69
N THR G 194 54.51 -26.31 13.37
CA THR G 194 54.54 -26.26 14.86
C THR G 194 53.21 -25.73 15.37
N VAL G 195 52.38 -25.17 14.51
CA VAL G 195 51.02 -24.71 14.89
C VAL G 195 50.00 -25.50 14.07
N CYS G 196 49.23 -26.34 14.75
CA CYS G 196 48.20 -27.24 14.16
C CYS G 196 46.92 -27.08 14.97
N GLY G 197 45.78 -27.30 14.32
CA GLY G 197 44.46 -27.38 14.98
C GLY G 197 44.37 -28.63 15.86
N PRO G 198 43.30 -28.75 16.66
CA PRO G 198 43.09 -29.93 17.52
C PRO G 198 43.20 -31.30 16.81
N LYS G 199 43.13 -31.24 15.48
CA LYS G 199 43.62 -32.23 14.47
C LYS G 199 44.90 -31.68 13.78
N GLN H 1 38.68 -1.14 -7.73
CA GLN H 1 37.24 -0.83 -8.07
C GLN H 1 36.74 -1.89 -9.06
N VAL H 2 35.83 -2.74 -8.60
CA VAL H 2 35.19 -3.81 -9.42
C VAL H 2 33.74 -3.42 -9.67
N GLN H 3 33.30 -3.50 -10.92
CA GLN H 3 31.85 -3.37 -11.23
C GLN H 3 31.28 -4.77 -11.45
N LEU H 4 30.01 -4.91 -11.08
CA LEU H 4 29.24 -6.17 -11.08
C LEU H 4 27.88 -5.89 -11.73
N VAL H 5 27.50 -6.70 -12.70
CA VAL H 5 26.18 -6.57 -13.39
C VAL H 5 25.49 -7.94 -13.38
N GLU H 6 24.34 -8.00 -12.72
CA GLU H 6 23.41 -9.15 -12.70
C GLU H 6 22.61 -9.18 -14.01
N SER H 7 22.25 -10.38 -14.48
CA SER H 7 21.29 -10.65 -15.58
C SER H 7 20.55 -11.97 -15.32
N GLY H 8 19.50 -12.27 -16.10
CA GLY H 8 18.74 -13.54 -16.02
C GLY H 8 17.53 -13.45 -15.10
N GLY H 9 17.22 -12.27 -14.56
CA GLY H 9 16.07 -12.09 -13.65
C GLY H 9 14.75 -12.05 -14.41
N GLY H 10 13.64 -11.79 -13.72
CA GLY H 10 12.33 -11.58 -14.35
C GLY H 10 11.24 -12.44 -13.72
N LEU H 11 10.14 -12.63 -14.44
CA LEU H 11 8.89 -13.28 -13.96
C LEU H 11 9.04 -14.79 -14.13
N VAL H 12 8.57 -15.59 -13.18
CA VAL H 12 8.52 -17.07 -13.32
C VAL H 12 7.37 -17.59 -12.44
N GLN H 13 6.71 -18.68 -12.84
CA GLN H 13 5.62 -19.29 -12.02
C GLN H 13 6.25 -20.15 -10.92
N ALA H 14 5.61 -20.19 -9.75
CA ALA H 14 5.94 -21.07 -8.61
C ALA H 14 6.24 -22.48 -9.12
N GLY H 15 7.27 -23.12 -8.55
CA GLY H 15 7.79 -24.42 -9.02
C GLY H 15 8.70 -24.29 -10.22
N GLY H 16 8.82 -23.10 -10.84
CA GLY H 16 9.69 -22.88 -12.03
C GLY H 16 11.15 -22.69 -11.65
N SER H 17 12.00 -22.41 -12.65
CA SER H 17 13.48 -22.20 -12.53
C SER H 17 13.92 -20.89 -13.18
N LEU H 18 15.05 -20.38 -12.69
CA LEU H 18 15.79 -19.21 -13.24
C LEU H 18 17.27 -19.42 -12.94
N ARG H 19 18.13 -19.06 -13.87
CA ARG H 19 19.58 -18.93 -13.61
C ARG H 19 19.96 -17.44 -13.70
N LEU H 20 20.19 -16.83 -12.54
CA LEU H 20 20.83 -15.50 -12.43
C LEU H 20 22.31 -15.68 -12.77
N ALA H 21 22.87 -14.69 -13.47
CA ALA H 21 24.33 -14.56 -13.67
C ALA H 21 24.78 -13.18 -13.25
N CYS H 22 26.04 -13.08 -12.85
CA CYS H 22 26.67 -11.80 -12.51
C CYS H 22 28.10 -11.81 -13.03
N ILE H 23 28.44 -10.81 -13.84
CA ILE H 23 29.76 -10.68 -14.49
C ILE H 23 30.48 -9.49 -13.82
N ALA H 24 31.76 -9.67 -13.53
CA ALA H 24 32.66 -8.70 -12.86
C ALA H 24 33.63 -8.14 -13.91
N SER H 25 34.03 -6.88 -13.74
CA SER H 25 35.20 -6.25 -14.41
C SER H 25 36.47 -6.88 -13.85
N GLY H 26 37.63 -6.54 -14.40
CA GLY H 26 38.92 -6.88 -13.79
C GLY H 26 39.52 -8.19 -14.27
N ARG H 27 40.80 -8.42 -14.01
CA ARG H 27 41.53 -9.59 -14.51
C ARG H 27 41.93 -10.51 -13.36
N THR H 28 41.38 -10.34 -12.17
CA THR H 28 41.71 -11.17 -10.98
C THR H 28 40.42 -11.63 -10.33
N PHE H 29 39.43 -12.00 -11.14
CA PHE H 29 38.13 -12.53 -10.64
C PHE H 29 38.35 -13.70 -9.67
N HIS H 30 39.34 -14.55 -9.95
CA HIS H 30 39.76 -15.72 -9.13
C HIS H 30 40.14 -15.28 -7.70
N SER H 31 40.45 -14.01 -7.47
CA SER H 31 40.85 -13.49 -6.13
C SER H 31 39.61 -13.16 -5.29
N TYR H 32 38.40 -13.25 -5.85
CA TYR H 32 37.17 -12.74 -5.19
C TYR H 32 36.32 -13.92 -4.72
N VAL H 33 35.90 -13.85 -3.46
CA VAL H 33 34.71 -14.57 -2.95
C VAL H 33 33.49 -13.87 -3.56
N MET H 34 32.61 -14.63 -4.21
CA MET H 34 31.39 -14.08 -4.87
C MET H 34 30.15 -14.51 -4.08
N ALA H 35 29.15 -13.63 -3.99
CA ALA H 35 27.95 -13.88 -3.18
C ALA H 35 26.70 -13.30 -3.84
N TRP H 36 25.56 -13.88 -3.47
CA TRP H 36 24.20 -13.42 -3.79
C TRP H 36 23.47 -13.08 -2.50
N PHE H 37 22.87 -11.90 -2.46
CA PHE H 37 21.91 -11.46 -1.43
C PHE H 37 20.62 -11.12 -2.13
N ARG H 38 19.53 -11.01 -1.38
CA ARG H 38 18.25 -10.53 -1.94
C ARG H 38 17.55 -9.62 -0.94
N GLN H 39 16.65 -8.79 -1.44
CA GLN H 39 15.93 -7.81 -0.61
C GLN H 39 14.54 -7.62 -1.19
N ALA H 40 13.51 -8.00 -0.45
CA ALA H 40 12.08 -7.68 -0.73
C ALA H 40 11.82 -6.28 -0.20
N PRO H 41 10.81 -5.54 -0.71
CA PRO H 41 10.60 -4.17 -0.29
C PRO H 41 10.44 -3.88 1.21
N GLY H 42 9.80 -4.67 2.11
CA GLY H 42 9.72 -4.34 3.54
C GLY H 42 10.96 -4.77 4.34
N LYS H 43 11.94 -5.41 3.71
CA LYS H 43 12.87 -6.37 4.38
C LYS H 43 14.30 -5.86 4.24
N GLU H 44 15.21 -6.35 5.09
CA GLU H 44 16.65 -6.06 4.99
C GLU H 44 17.26 -7.02 3.97
N ARG H 45 18.49 -6.75 3.54
CA ARG H 45 19.27 -7.65 2.66
C ARG H 45 19.47 -8.99 3.39
N GLU H 46 19.04 -10.06 2.75
CA GLU H 46 19.10 -11.44 3.27
C GLU H 46 20.17 -12.18 2.45
N PHE H 47 21.10 -12.86 3.12
CA PHE H 47 22.11 -13.70 2.46
C PHE H 47 21.42 -14.87 1.76
N VAL H 48 21.83 -15.14 0.52
CA VAL H 48 21.30 -16.27 -0.29
C VAL H 48 22.39 -17.34 -0.44
N ALA H 49 23.55 -16.97 -0.97
CA ALA H 49 24.64 -17.94 -1.29
C ALA H 49 25.99 -17.24 -1.49
N ALA H 50 27.07 -18.00 -1.28
CA ALA H 50 28.45 -17.52 -1.49
C ALA H 50 29.33 -18.70 -1.91
N ILE H 51 30.39 -18.38 -2.65
CA ILE H 51 31.35 -19.36 -3.19
C ILE H 51 32.76 -18.82 -3.02
N SER H 52 33.63 -19.63 -2.43
CA SER H 52 35.05 -19.26 -2.18
C SER H 52 35.83 -19.29 -3.50
N TRP H 53 37.09 -18.88 -3.45
CA TRP H 53 37.98 -18.72 -4.62
C TRP H 53 38.04 -20.02 -5.45
N SER H 54 38.30 -21.13 -4.80
CA SER H 54 38.51 -22.48 -5.40
C SER H 54 37.17 -23.08 -5.82
N SER H 55 36.04 -22.44 -5.48
CA SER H 55 34.66 -22.98 -5.57
C SER H 55 34.32 -23.86 -4.35
N THR H 56 35.22 -24.10 -3.39
CA THR H 56 35.21 -25.40 -2.66
C THR H 56 34.47 -25.35 -1.33
N PRO H 57 34.51 -24.25 -0.55
CA PRO H 57 33.41 -23.99 0.38
C PRO H 57 32.37 -23.21 -0.45
N THR H 58 31.16 -23.75 -0.55
CA THR H 58 29.93 -23.01 -0.93
C THR H 58 29.06 -22.87 0.31
N TYR H 59 28.24 -21.82 0.36
CA TYR H 59 27.37 -21.51 1.51
C TYR H 59 26.00 -21.10 1.00
N TYR H 60 24.96 -21.40 1.77
CA TYR H 60 23.54 -21.18 1.41
C TYR H 60 22.78 -20.69 2.63
N GLY H 61 21.87 -19.72 2.43
CA GLY H 61 20.86 -19.33 3.42
C GLY H 61 19.93 -20.49 3.72
N GLU H 62 19.40 -20.54 4.93
CA GLU H 62 18.61 -21.70 5.43
C GLU H 62 17.44 -21.94 4.47
N SER H 63 16.78 -20.89 3.99
CA SER H 63 15.47 -21.02 3.30
C SER H 63 15.67 -21.40 1.84
N VAL H 64 16.90 -21.37 1.31
CA VAL H 64 17.15 -21.76 -0.11
C VAL H 64 17.97 -23.04 -0.20
N LYS H 65 18.53 -23.49 0.93
CA LYS H 65 19.37 -24.73 0.99
C LYS H 65 18.63 -25.86 0.28
N GLY H 66 19.30 -26.54 -0.65
CA GLY H 66 18.74 -27.66 -1.43
C GLY H 66 18.13 -27.24 -2.75
N ARG H 67 17.61 -26.02 -2.87
CA ARG H 67 16.85 -25.56 -4.07
C ARG H 67 17.76 -24.72 -4.99
N PHE H 68 18.74 -24.00 -4.42
CA PHE H 68 19.61 -23.05 -5.15
C PHE H 68 21.03 -23.61 -5.21
N THR H 69 21.72 -23.42 -6.33
CA THR H 69 23.13 -23.83 -6.53
C THR H 69 23.92 -22.62 -7.00
N ILE H 70 24.96 -22.24 -6.26
CA ILE H 70 25.91 -21.18 -6.69
C ILE H 70 27.09 -21.88 -7.36
N SER H 71 27.64 -21.27 -8.41
CA SER H 71 28.80 -21.79 -9.17
C SER H 71 29.53 -20.60 -9.79
N ARG H 72 30.77 -20.79 -10.21
CA ARG H 72 31.59 -19.71 -10.80
C ARG H 72 32.33 -20.24 -12.00
N ASP H 73 32.53 -19.41 -13.00
CA ASP H 73 33.35 -19.69 -14.21
C ASP H 73 34.37 -18.56 -14.31
N ASN H 74 35.58 -18.81 -13.81
CA ASN H 74 36.64 -17.79 -13.70
C ASN H 74 37.01 -17.29 -15.10
N ALA H 75 36.97 -18.13 -16.13
CA ALA H 75 37.30 -17.76 -17.53
C ALA H 75 36.34 -16.66 -18.03
N LYS H 76 35.13 -16.57 -17.47
CA LYS H 76 34.10 -15.59 -17.91
C LYS H 76 33.81 -14.56 -16.82
N ASN H 77 34.61 -14.50 -15.75
CA ASN H 77 34.40 -13.51 -14.67
C ASN H 77 32.96 -13.56 -14.16
N THR H 78 32.35 -14.75 -14.13
CA THR H 78 30.90 -14.88 -13.87
C THR H 78 30.66 -15.84 -12.71
N VAL H 79 29.76 -15.42 -11.82
CA VAL H 79 29.12 -16.26 -10.77
C VAL H 79 27.67 -16.49 -11.18
N TYR H 80 27.16 -17.70 -10.98
CA TYR H 80 25.78 -18.11 -11.36
C TYR H 80 24.99 -18.49 -10.10
N LEU H 81 23.68 -18.24 -10.13
CA LEU H 81 22.72 -18.77 -9.13
C LEU H 81 21.61 -19.53 -9.87
N GLN H 82 21.67 -20.86 -9.83
CA GLN H 82 20.61 -21.77 -10.32
C GLN H 82 19.54 -21.79 -9.23
N MET H 83 18.34 -21.32 -9.53
CA MET H 83 17.22 -21.28 -8.55
C MET H 83 16.16 -22.24 -9.06
N ASN H 84 15.96 -23.35 -8.35
CA ASN H 84 14.96 -24.39 -8.70
C ASN H 84 13.80 -24.33 -7.71
N ARG H 85 12.63 -24.83 -8.13
CA ARG H 85 11.44 -25.02 -7.26
C ARG H 85 11.19 -23.69 -6.53
N LEU H 86 11.07 -22.61 -7.30
CA LEU H 86 10.89 -21.23 -6.77
C LEU H 86 9.52 -21.11 -6.10
N LYS H 87 9.47 -20.39 -4.99
CA LYS H 87 8.24 -20.12 -4.19
C LYS H 87 8.01 -18.61 -4.20
N PRO H 88 6.77 -18.13 -3.99
CA PRO H 88 6.50 -16.69 -3.89
C PRO H 88 7.44 -15.93 -2.95
N GLU H 89 7.83 -16.53 -1.83
CA GLU H 89 8.72 -15.95 -0.78
C GLU H 89 10.13 -15.68 -1.34
N ASP H 90 10.44 -16.17 -2.55
CA ASP H 90 11.76 -15.96 -3.23
C ASP H 90 11.73 -14.64 -4.02
N THR H 91 10.56 -14.03 -4.20
CA THR H 91 10.40 -12.74 -4.91
C THR H 91 11.21 -11.67 -4.18
N ALA H 92 12.11 -10.99 -4.88
CA ALA H 92 12.98 -9.92 -4.31
C ALA H 92 13.91 -9.38 -5.40
N VAL H 93 14.63 -8.33 -5.08
CA VAL H 93 15.82 -7.86 -5.84
C VAL H 93 16.98 -8.74 -5.39
N TYR H 94 17.67 -9.34 -6.34
CA TYR H 94 18.84 -10.21 -6.11
C TYR H 94 20.09 -9.41 -6.45
N PHE H 95 20.98 -9.27 -5.47
CA PHE H 95 22.27 -8.53 -5.57
C PHE H 95 23.44 -9.50 -5.61
N CYS H 96 24.29 -9.25 -6.59
CA CYS H 96 25.64 -9.83 -6.71
C CYS H 96 26.57 -9.06 -5.76
N ALA H 97 27.47 -9.75 -5.07
CA ALA H 97 28.47 -9.09 -4.22
C ALA H 97 29.81 -9.81 -4.32
N ALA H 98 30.90 -9.10 -4.01
CA ALA H 98 32.27 -9.62 -4.14
C ALA H 98 33.18 -9.04 -3.06
N ASP H 99 34.15 -9.83 -2.64
CA ASP H 99 35.21 -9.41 -1.69
C ASP H 99 36.44 -10.29 -1.86
N ARG H 100 37.61 -9.72 -1.60
CA ARG H 100 38.90 -10.46 -1.61
C ARG H 100 38.90 -11.50 -0.49
N GLY H 101 38.24 -11.22 0.63
CA GLY H 101 38.25 -12.06 1.83
C GLY H 101 37.02 -12.94 1.93
N GLU H 102 37.19 -14.14 2.48
CA GLU H 102 36.11 -15.05 2.88
C GLU H 102 35.86 -14.85 4.38
N SER H 103 34.64 -14.47 4.74
CA SER H 103 34.24 -14.13 6.14
C SER H 103 33.75 -15.38 6.87
N TYR H 104 34.15 -15.53 8.13
CA TYR H 104 33.44 -16.44 9.07
C TYR H 104 31.98 -16.01 9.12
N TYR H 105 31.68 -14.72 9.08
CA TYR H 105 30.30 -14.15 9.13
C TYR H 105 29.86 -13.85 7.69
N TYR H 106 29.84 -14.89 6.87
CA TYR H 106 29.63 -14.82 5.40
C TYR H 106 28.24 -14.27 5.06
N THR H 107 27.30 -14.26 6.01
CA THR H 107 25.92 -13.73 5.82
C THR H 107 25.86 -12.23 6.05
N ARG H 108 26.91 -11.58 6.56
CA ARG H 108 26.88 -10.12 6.82
C ARG H 108 27.16 -9.35 5.53
N PRO H 109 26.22 -8.47 5.11
CA PRO H 109 26.49 -7.56 4.00
C PRO H 109 27.78 -6.75 4.13
N THR H 110 28.11 -6.28 5.35
CA THR H 110 29.29 -5.42 5.62
C THR H 110 30.60 -6.18 5.32
N GLU H 111 30.60 -7.50 5.20
CA GLU H 111 31.82 -8.29 4.89
C GLU H 111 32.10 -8.27 3.38
N TYR H 112 31.26 -7.68 2.54
CA TYR H 112 31.46 -7.62 1.07
C TYR H 112 31.63 -6.16 0.62
N GLU H 113 32.78 -5.83 0.03
CA GLU H 113 33.10 -4.44 -0.38
C GLU H 113 32.28 -4.02 -1.61
N PHE H 114 32.08 -4.91 -2.58
CA PHE H 114 31.52 -4.58 -3.92
C PHE H 114 30.11 -5.18 -4.07
N TRP H 115 29.19 -4.35 -4.58
CA TRP H 115 27.77 -4.69 -4.76
C TRP H 115 27.30 -4.30 -6.16
N GLY H 116 26.60 -5.19 -6.84
CA GLY H 116 25.80 -4.84 -8.02
C GLY H 116 24.60 -4.00 -7.62
N GLN H 117 23.84 -3.50 -8.61
CA GLN H 117 22.64 -2.67 -8.38
C GLN H 117 21.42 -3.56 -8.14
N GLY H 118 21.52 -4.84 -8.48
CA GLY H 118 20.45 -5.84 -8.27
C GLY H 118 19.55 -6.01 -9.48
N THR H 119 18.84 -7.14 -9.56
CA THR H 119 17.88 -7.49 -10.62
C THR H 119 16.63 -8.11 -9.97
N GLN H 120 15.45 -7.76 -10.45
CA GLN H 120 14.16 -8.25 -9.90
C GLN H 120 13.96 -9.70 -10.34
N VAL H 121 13.65 -10.56 -9.38
CA VAL H 121 13.03 -11.89 -9.60
C VAL H 121 11.62 -11.84 -9.03
N THR H 122 10.60 -12.19 -9.81
CA THR H 122 9.18 -12.23 -9.35
C THR H 122 8.65 -13.65 -9.58
N VAL H 123 8.16 -14.28 -8.52
CA VAL H 123 7.54 -15.64 -8.56
C VAL H 123 6.04 -15.47 -8.29
N SER H 124 5.18 -15.64 -9.30
CA SER H 124 3.70 -15.55 -9.16
C SER H 124 3.15 -16.88 -8.64
N SER H 125 1.92 -16.86 -8.10
CA SER H 125 1.24 -17.97 -7.41
C SER H 125 0.14 -18.55 -8.30
N ASN I 2 -1.62 -69.58 27.12
CA ASN I 2 -2.79 -68.66 26.97
C ASN I 2 -2.51 -67.36 27.73
N ILE I 3 -2.40 -66.25 26.99
CA ILE I 3 -2.47 -64.84 27.50
C ILE I 3 -3.89 -64.61 28.04
N THR I 4 -4.01 -64.17 29.30
CA THR I 4 -5.32 -63.99 30.02
C THR I 4 -5.43 -62.63 30.72
N ASN I 5 -4.31 -61.91 30.89
CA ASN I 5 -4.26 -60.59 31.57
C ASN I 5 -4.88 -59.50 30.68
N LEU I 6 -5.76 -58.68 31.24
CA LEU I 6 -6.53 -57.67 30.46
C LEU I 6 -5.60 -56.50 30.13
N CYS I 7 -5.77 -55.91 28.94
CA CYS I 7 -5.00 -54.74 28.49
C CYS I 7 -5.35 -53.59 29.43
N PRO I 8 -4.35 -52.83 29.92
CA PRO I 8 -4.60 -51.83 30.97
C PRO I 8 -5.12 -50.52 30.37
N PHE I 9 -6.37 -50.55 29.87
CA PHE I 9 -7.06 -49.36 29.32
C PHE I 9 -7.26 -48.29 30.40
N GLY I 10 -7.48 -48.71 31.65
CA GLY I 10 -7.56 -47.81 32.82
C GLY I 10 -6.38 -46.85 32.90
N GLU I 11 -5.15 -47.34 32.72
CA GLU I 11 -3.91 -46.53 32.81
C GLU I 11 -3.89 -45.44 31.73
N VAL I 12 -4.59 -45.67 30.62
CA VAL I 12 -4.67 -44.71 29.48
C VAL I 12 -5.79 -43.69 29.75
N PHE I 13 -7.02 -44.16 29.86
CA PHE I 13 -8.25 -43.32 29.88
C PHE I 13 -8.36 -42.55 31.21
N ASN I 14 -7.85 -43.13 32.29
CA ASN I 14 -7.95 -42.60 33.67
C ASN I 14 -6.57 -42.23 34.22
N ALA I 15 -5.56 -42.03 33.35
CA ALA I 15 -4.26 -41.45 33.75
C ALA I 15 -4.56 -40.15 34.53
N THR I 16 -3.85 -39.90 35.62
CA THR I 16 -4.11 -38.68 36.44
C THR I 16 -3.61 -37.45 35.66
N ARG I 17 -2.63 -37.62 34.77
CA ARG I 17 -2.07 -36.55 33.92
C ARG I 17 -2.28 -36.86 32.44
N PHE I 18 -2.60 -35.82 31.67
CA PHE I 18 -2.74 -35.89 30.20
C PHE I 18 -1.80 -34.87 29.58
N ALA I 19 -1.22 -35.22 28.43
CA ALA I 19 -0.24 -34.39 27.71
C ALA I 19 -0.95 -33.21 27.02
N SER I 20 -0.21 -32.14 26.80
CA SER I 20 -0.48 -31.15 25.75
C SER I 20 -0.45 -31.87 24.39
N VAL I 21 -1.34 -31.46 23.48
CA VAL I 21 -1.47 -32.08 22.14
C VAL I 21 -0.12 -32.03 21.39
N TYR I 22 0.64 -30.94 21.48
CA TYR I 22 1.90 -30.80 20.69
C TYR I 22 2.91 -31.87 21.17
N ALA I 23 2.85 -32.24 22.44
CA ALA I 23 3.73 -33.22 23.11
C ALA I 23 2.93 -34.47 23.46
N TRP I 24 2.11 -34.93 22.52
CA TRP I 24 1.15 -36.02 22.74
C TRP I 24 1.88 -37.27 23.26
N ASN I 25 1.24 -37.98 24.18
CA ASN I 25 1.79 -39.15 24.89
C ASN I 25 1.38 -40.41 24.13
N ARG I 26 2.33 -41.35 24.00
CA ARG I 26 2.15 -42.73 23.45
C ARG I 26 2.31 -43.77 24.55
N LYS I 27 1.34 -44.65 24.72
CA LYS I 27 1.52 -45.89 25.51
C LYS I 27 1.39 -47.06 24.53
N ARG I 28 2.33 -47.99 24.59
CA ARG I 28 2.26 -49.26 23.84
C ARG I 28 1.34 -50.21 24.59
N ILE I 29 0.42 -50.84 23.88
CA ILE I 29 -0.41 -51.93 24.46
C ILE I 29 -0.05 -53.23 23.72
N SER I 30 0.38 -54.26 24.46
CA SER I 30 0.75 -55.58 23.85
C SER I 30 0.69 -56.70 24.88
N ASN I 31 0.63 -57.93 24.39
CA ASN I 31 0.72 -59.17 25.20
C ASN I 31 -0.33 -59.09 26.29
N CYS I 32 -1.57 -58.87 25.85
CA CYS I 32 -2.75 -58.72 26.74
C CYS I 32 -4.04 -58.95 25.94
N VAL I 33 -5.11 -59.29 26.66
CA VAL I 33 -6.49 -59.44 26.10
C VAL I 33 -7.15 -58.07 26.13
N ALA I 34 -7.55 -57.54 24.97
CA ALA I 34 -8.25 -56.23 24.85
C ALA I 34 -9.74 -56.50 25.04
N ASP I 35 -10.22 -56.31 26.27
CA ASP I 35 -11.66 -56.29 26.57
C ASP I 35 -12.15 -54.85 26.47
N TYR I 36 -12.95 -54.56 25.46
CA TYR I 36 -13.45 -53.20 25.16
C TYR I 36 -14.77 -52.96 25.87
N SER I 37 -15.32 -53.95 26.59
CA SER I 37 -16.65 -53.77 27.23
C SER I 37 -16.55 -52.66 28.29
N VAL I 38 -15.38 -52.38 28.84
CA VAL I 38 -15.20 -51.23 29.77
C VAL I 38 -15.55 -49.92 29.01
N LEU I 39 -15.10 -49.77 27.77
CA LEU I 39 -15.40 -48.57 26.93
C LEU I 39 -16.85 -48.58 26.45
N TYR I 40 -17.41 -49.76 26.15
CA TYR I 40 -18.80 -49.92 25.63
C TYR I 40 -19.80 -49.40 26.66
N ASN I 41 -19.47 -49.51 27.96
CA ASN I 41 -20.37 -49.23 29.09
C ASN I 41 -20.18 -47.81 29.63
N SER I 42 -19.43 -46.96 28.91
CA SER I 42 -19.21 -45.53 29.25
C SER I 42 -20.30 -44.67 28.59
N ALA I 43 -20.89 -43.77 29.37
CA ALA I 43 -21.94 -42.83 28.94
C ALA I 43 -21.34 -41.42 28.77
N SER I 44 -20.04 -41.27 29.05
CA SER I 44 -19.37 -39.94 29.04
C SER I 44 -18.84 -39.59 27.64
N PHE I 45 -18.54 -40.59 26.79
CA PHE I 45 -17.71 -40.29 25.58
C PHE I 45 -18.51 -39.42 24.62
N SER I 46 -17.92 -38.32 24.14
CA SER I 46 -18.56 -37.38 23.18
C SER I 46 -18.53 -37.99 21.77
N THR I 47 -17.53 -38.81 21.49
CA THR I 47 -17.31 -39.45 20.17
C THR I 47 -16.56 -40.77 20.37
N PHE I 48 -16.87 -41.76 19.56
CA PHE I 48 -16.22 -43.09 19.60
C PHE I 48 -16.39 -43.67 18.21
N LYS I 49 -15.40 -43.43 17.35
CA LYS I 49 -15.42 -43.90 15.96
C LYS I 49 -14.18 -44.75 15.67
N CYS I 50 -14.35 -45.77 14.84
CA CYS I 50 -13.24 -46.60 14.34
C CYS I 50 -13.13 -46.42 12.82
N TYR I 51 -11.94 -46.67 12.31
CA TYR I 51 -11.52 -46.53 10.90
C TYR I 51 -10.87 -47.86 10.49
N GLY I 52 -11.35 -48.52 9.44
CA GLY I 52 -10.83 -49.79 8.95
C GLY I 52 -11.30 -51.00 9.77
N VAL I 53 -12.01 -50.81 10.89
CA VAL I 53 -12.68 -51.92 11.64
C VAL I 53 -13.98 -51.41 12.24
N SER I 54 -14.97 -52.27 12.41
CA SER I 54 -16.25 -51.88 13.05
C SER I 54 -16.04 -51.85 14.57
N PRO I 55 -16.50 -50.81 15.30
CA PRO I 55 -16.47 -50.81 16.76
C PRO I 55 -17.14 -52.04 17.38
N THR I 56 -18.12 -52.62 16.68
CA THR I 56 -18.89 -53.80 17.15
C THR I 56 -18.00 -55.05 17.15
N LYS I 57 -16.84 -55.02 16.49
CA LYS I 57 -16.02 -56.23 16.31
C LYS I 57 -14.73 -56.14 17.12
N LEU I 58 -14.51 -55.09 17.91
CA LEU I 58 -13.23 -54.90 18.63
C LEU I 58 -12.94 -56.10 19.55
N ASN I 59 -13.96 -56.74 20.12
CA ASN I 59 -13.73 -57.90 21.04
C ASN I 59 -13.41 -59.18 20.27
N ASP I 60 -13.41 -59.16 18.93
CA ASP I 60 -13.20 -60.37 18.09
C ASP I 60 -11.93 -60.26 17.25
N LEU I 61 -11.16 -59.18 17.36
CA LEU I 61 -10.03 -58.93 16.43
C LEU I 61 -8.69 -59.07 17.13
N CYS I 62 -7.67 -59.46 16.36
CA CYS I 62 -6.26 -59.58 16.80
C CYS I 62 -5.40 -58.58 16.03
N PHE I 63 -4.42 -57.97 16.69
CA PHE I 63 -3.49 -56.97 16.12
C PHE I 63 -2.07 -57.35 16.52
N THR I 64 -1.10 -56.98 15.69
CA THR I 64 0.34 -57.22 15.90
C THR I 64 0.82 -56.24 16.96
N ASN I 65 0.23 -55.05 17.01
CA ASN I 65 0.63 -53.97 17.94
C ASN I 65 -0.53 -53.00 18.13
N VAL I 66 -0.68 -52.42 19.32
CA VAL I 66 -1.65 -51.33 19.54
C VAL I 66 -0.91 -50.17 20.22
N TYR I 67 -1.14 -48.94 19.76
CA TYR I 67 -0.65 -47.72 20.42
C TYR I 67 -1.85 -46.90 20.91
N ALA I 68 -1.74 -46.37 22.12
CA ALA I 68 -2.69 -45.41 22.70
C ALA I 68 -1.99 -44.06 22.82
N ASP I 69 -2.38 -43.13 21.96
CA ASP I 69 -1.97 -41.71 21.99
C ASP I 69 -3.06 -40.94 22.75
N SER I 70 -2.67 -40.08 23.67
CA SER I 70 -3.65 -39.29 24.46
C SER I 70 -3.12 -37.86 24.64
N PHE I 71 -4.06 -36.92 24.76
CA PHE I 71 -3.77 -35.48 24.89
C PHE I 71 -5.06 -34.70 25.15
N VAL I 72 -4.94 -33.39 25.37
CA VAL I 72 -6.09 -32.47 25.55
C VAL I 72 -6.12 -31.46 24.38
N ILE I 73 -7.32 -31.19 23.88
CA ILE I 73 -7.62 -30.13 22.88
C ILE I 73 -8.96 -29.48 23.26
N ARG I 74 -9.37 -28.44 22.52
CA ARG I 74 -10.72 -27.81 22.64
C ARG I 74 -11.77 -28.74 22.04
N GLY I 75 -13.02 -28.60 22.51
CA GLY I 75 -14.19 -29.31 22.00
C GLY I 75 -14.27 -29.27 20.49
N ASP I 76 -14.18 -28.08 19.88
CA ASP I 76 -14.47 -27.98 18.42
C ASP I 76 -13.22 -28.36 17.61
N GLU I 77 -12.13 -28.79 18.24
CA GLU I 77 -10.95 -29.34 17.53
C GLU I 77 -11.03 -30.87 17.49
N VAL I 78 -11.93 -31.51 18.23
CA VAL I 78 -12.02 -33.00 18.26
C VAL I 78 -12.28 -33.55 16.84
N ARG I 79 -13.08 -32.87 16.01
CA ARG I 79 -13.36 -33.31 14.61
C ARG I 79 -12.05 -33.40 13.79
N GLN I 80 -10.96 -32.75 14.21
CA GLN I 80 -9.66 -32.78 13.49
C GLN I 80 -8.91 -34.08 13.77
N ILE I 81 -9.28 -34.82 14.80
CA ILE I 81 -8.60 -36.10 15.16
C ILE I 81 -9.28 -37.20 14.37
N ALA I 82 -9.03 -37.20 13.07
CA ALA I 82 -9.68 -38.08 12.08
C ALA I 82 -8.88 -37.99 10.79
N PRO I 83 -8.83 -39.09 10.01
CA PRO I 83 -8.20 -39.04 8.70
C PRO I 83 -8.81 -37.95 7.82
N GLY I 84 -7.93 -37.23 7.10
CA GLY I 84 -8.31 -36.34 6.00
C GLY I 84 -8.67 -34.95 6.48
N GLN I 85 -8.39 -34.62 7.75
CA GLN I 85 -8.74 -33.30 8.36
C GLN I 85 -7.60 -32.31 8.17
N THR I 86 -7.94 -31.02 8.14
CA THR I 86 -6.97 -29.90 8.27
C THR I 86 -7.42 -28.96 9.38
N GLY I 87 -6.51 -28.05 9.78
CA GLY I 87 -6.63 -27.14 10.93
C GLY I 87 -5.36 -27.13 11.75
N LYS I 88 -5.26 -26.23 12.72
CA LYS I 88 -4.06 -26.07 13.56
C LYS I 88 -3.67 -27.44 14.11
N ILE I 89 -4.64 -28.24 14.58
CA ILE I 89 -4.32 -29.49 15.32
C ILE I 89 -3.86 -30.57 14.33
N ALA I 90 -4.65 -30.87 13.31
CA ALA I 90 -4.30 -31.87 12.27
C ALA I 90 -2.96 -31.48 11.60
N ASP I 91 -2.73 -30.19 11.34
CA ASP I 91 -1.59 -29.74 10.52
C ASP I 91 -0.31 -29.63 11.37
N TYR I 92 -0.39 -29.16 12.62
CA TYR I 92 0.80 -28.68 13.37
C TYR I 92 1.02 -29.47 14.68
N ASN I 93 0.09 -30.34 15.11
CA ASN I 93 0.14 -30.94 16.46
C ASN I 93 0.06 -32.47 16.41
N TYR I 94 -1.03 -33.00 15.86
CA TYR I 94 -1.28 -34.46 15.79
C TYR I 94 -2.02 -34.79 14.49
N LYS I 95 -1.36 -35.55 13.63
CA LYS I 95 -1.83 -35.85 12.25
C LYS I 95 -2.10 -37.34 12.14
N LEU I 96 -3.33 -37.73 11.84
CA LEU I 96 -3.67 -39.14 11.51
C LEU I 96 -3.50 -39.31 10.01
N PRO I 97 -3.01 -40.50 9.58
CA PRO I 97 -2.86 -40.82 8.17
C PRO I 97 -4.24 -40.96 7.51
N ASP I 98 -4.29 -40.81 6.19
CA ASP I 98 -5.59 -40.91 5.45
C ASP I 98 -6.13 -42.35 5.52
N ASP I 99 -5.27 -43.37 5.64
CA ASP I 99 -5.65 -44.80 5.67
C ASP I 99 -5.60 -45.31 7.12
N PHE I 100 -5.77 -44.45 8.10
CA PHE I 100 -5.73 -44.81 9.54
C PHE I 100 -6.55 -46.06 9.81
N THR I 101 -5.98 -47.01 10.55
CA THR I 101 -6.71 -48.15 11.15
C THR I 101 -6.69 -48.00 12.67
N GLY I 102 -7.83 -47.81 13.29
CA GLY I 102 -7.93 -47.61 14.75
C GLY I 102 -9.19 -46.88 15.16
N CYS I 103 -9.23 -46.40 16.40
CA CYS I 103 -10.43 -45.74 16.99
C CYS I 103 -10.01 -44.45 17.68
N VAL I 104 -10.91 -43.49 17.67
CA VAL I 104 -10.74 -42.16 18.30
C VAL I 104 -11.89 -41.98 19.29
N ILE I 105 -11.52 -41.76 20.55
CA ILE I 105 -12.49 -41.54 21.66
C ILE I 105 -12.12 -40.21 22.30
N ALA I 106 -13.12 -39.41 22.61
CA ALA I 106 -12.95 -38.14 23.35
C ALA I 106 -14.08 -38.00 24.35
N TRP I 107 -13.83 -37.18 25.37
CA TRP I 107 -14.84 -36.79 26.38
C TRP I 107 -14.50 -35.40 26.91
N ASN I 108 -15.55 -34.65 27.24
CA ASN I 108 -15.45 -33.34 27.91
C ASN I 108 -14.72 -33.54 29.26
N SER I 109 -13.66 -32.78 29.50
CA SER I 109 -12.87 -32.85 30.76
C SER I 109 -12.89 -31.48 31.45
N ASN I 110 -13.95 -30.70 31.23
CA ASN I 110 -14.08 -29.35 31.83
C ASN I 110 -13.89 -29.48 33.34
N ASN I 111 -14.47 -30.51 33.96
CA ASN I 111 -14.49 -30.67 35.43
C ASN I 111 -13.08 -30.94 35.97
N LEU I 112 -12.17 -31.48 35.19
CA LEU I 112 -10.79 -31.80 35.65
C LEU I 112 -9.79 -30.74 35.15
N ASP I 113 -9.96 -30.23 33.93
CA ASP I 113 -8.88 -29.53 33.18
C ASP I 113 -9.11 -28.02 33.06
N SER I 114 -10.15 -27.46 33.67
CA SER I 114 -10.37 -25.99 33.66
C SER I 114 -10.30 -25.47 35.10
N LYS I 115 -9.86 -24.24 35.31
CA LYS I 115 -9.69 -23.63 36.65
C LYS I 115 -10.31 -22.24 36.65
N VAL I 116 -10.73 -21.78 37.84
CA VAL I 116 -11.09 -20.35 38.08
C VAL I 116 -9.83 -19.53 37.75
N GLY I 117 -9.97 -18.54 36.87
CA GLY I 117 -8.84 -17.71 36.40
C GLY I 117 -8.10 -18.38 35.24
N GLY I 118 -8.52 -19.58 34.83
CA GLY I 118 -8.05 -20.22 33.58
C GLY I 118 -6.89 -21.16 33.82
N ASN I 119 -6.96 -22.37 33.25
CA ASN I 119 -5.84 -23.35 33.23
C ASN I 119 -4.99 -23.10 31.97
N TYR I 120 -3.76 -22.65 32.16
CA TYR I 120 -2.82 -22.29 31.06
C TYR I 120 -1.77 -23.40 30.91
N ASN I 121 -1.94 -24.56 31.57
CA ASN I 121 -0.97 -25.69 31.47
C ASN I 121 -1.02 -26.36 30.09
N TYR I 122 -2.16 -26.39 29.40
CA TYR I 122 -2.29 -27.11 28.11
C TYR I 122 -1.92 -26.19 26.96
N LEU I 123 -0.99 -26.65 26.12
CA LEU I 123 -0.40 -25.90 25.00
C LEU I 123 -0.75 -26.59 23.68
N TYR I 124 -0.75 -25.83 22.59
CA TYR I 124 -0.82 -26.34 21.20
C TYR I 124 0.16 -25.54 20.34
N ARG I 125 0.71 -26.16 19.30
CA ARG I 125 1.56 -25.45 18.32
C ARG I 125 0.64 -24.63 17.40
N LEU I 126 0.87 -23.32 17.36
CA LEU I 126 0.00 -22.35 16.63
C LEU I 126 0.60 -22.07 15.25
N PHE I 127 1.94 -22.10 15.16
CA PHE I 127 2.74 -21.79 13.96
C PHE I 127 3.69 -22.95 13.67
N ARG I 128 3.83 -23.29 12.41
CA ARG I 128 4.87 -24.24 11.94
C ARG I 128 5.12 -23.98 10.46
N LYS I 129 6.38 -24.16 10.02
CA LYS I 129 6.81 -23.84 8.65
C LYS I 129 6.18 -24.82 7.66
N SER I 130 5.80 -26.02 8.10
CA SER I 130 5.16 -27.02 7.22
C SER I 130 4.34 -28.01 8.04
N ASN I 131 3.44 -28.76 7.41
CA ASN I 131 2.50 -29.67 8.10
C ASN I 131 3.26 -30.89 8.64
N LEU I 132 2.83 -31.42 9.79
CA LEU I 132 3.32 -32.71 10.32
C LEU I 132 2.99 -33.81 9.32
N LYS I 133 3.91 -34.76 9.16
CA LYS I 133 3.63 -36.09 8.59
C LYS I 133 2.78 -36.88 9.59
N PRO I 134 2.00 -37.88 9.13
CA PRO I 134 1.20 -38.70 10.03
C PRO I 134 2.02 -39.29 11.17
N PHE I 135 1.54 -39.15 12.41
CA PHE I 135 2.14 -39.65 13.67
C PHE I 135 3.49 -38.97 13.95
N GLU I 136 3.79 -37.85 13.29
CA GLU I 136 4.98 -37.04 13.63
C GLU I 136 4.67 -36.27 14.92
N ARG I 137 5.72 -35.98 15.69
CA ARG I 137 5.64 -35.28 16.98
C ARG I 137 6.70 -34.19 16.97
N ASP I 138 6.33 -32.95 17.26
CA ASP I 138 7.28 -31.81 17.25
C ASP I 138 7.17 -31.17 18.63
N ILE I 139 8.24 -31.24 19.42
CA ILE I 139 8.30 -30.65 20.79
C ILE I 139 9.34 -29.53 20.79
N SER I 140 9.80 -29.07 19.61
CA SER I 140 10.73 -27.93 19.48
C SER I 140 10.02 -26.65 19.91
N THR I 141 10.79 -25.68 20.40
CA THR I 141 10.28 -24.41 20.96
C THR I 141 11.11 -23.28 20.36
N GLU I 142 11.53 -23.40 19.10
CA GLU I 142 12.30 -22.32 18.41
C GLU I 142 11.31 -21.21 18.06
N ILE I 143 11.72 -19.95 18.23
CA ILE I 143 10.87 -18.76 17.94
C ILE I 143 10.53 -18.83 16.46
N TYR I 144 9.24 -18.76 16.11
CA TYR I 144 8.74 -18.82 14.72
C TYR I 144 8.88 -17.43 14.11
N GLN I 145 9.60 -17.37 12.99
CA GLN I 145 9.78 -16.13 12.21
C GLN I 145 8.59 -16.00 11.26
N ALA I 146 7.65 -15.13 11.64
CA ALA I 146 6.38 -14.88 10.92
C ALA I 146 6.60 -13.77 9.88
N GLY I 147 7.69 -13.02 9.98
CA GLY I 147 7.93 -11.84 9.13
C GLY I 147 9.40 -11.69 8.79
N SER I 148 9.75 -10.51 8.26
CA SER I 148 11.01 -10.22 7.54
C SER I 148 12.22 -10.45 8.43
N THR I 149 12.23 -9.86 9.64
CA THR I 149 13.46 -9.75 10.48
C THR I 149 13.76 -11.13 11.07
N PRO I 150 15.05 -11.56 11.17
CA PRO I 150 15.40 -12.76 11.93
C PRO I 150 15.15 -12.53 13.43
N CYS I 151 14.84 -13.58 14.19
CA CYS I 151 14.26 -13.47 15.55
C CYS I 151 15.32 -13.60 16.65
N ASN I 152 16.51 -14.12 16.33
CA ASN I 152 17.65 -14.27 17.28
C ASN I 152 17.18 -14.96 18.57
N GLY I 153 16.26 -15.92 18.46
CA GLY I 153 15.73 -16.73 19.58
C GLY I 153 15.08 -15.90 20.68
N VAL I 154 14.53 -14.72 20.34
CA VAL I 154 13.81 -13.82 21.29
C VAL I 154 12.42 -13.53 20.70
N GLU I 155 11.40 -13.47 21.55
CA GLU I 155 10.01 -13.10 21.22
C GLU I 155 9.88 -11.60 20.97
N GLY I 156 8.93 -11.21 20.13
CA GLY I 156 8.60 -9.80 19.81
C GLY I 156 7.74 -9.70 18.56
N PHE I 157 7.69 -8.51 17.96
CA PHE I 157 6.96 -8.23 16.69
C PHE I 157 7.39 -9.25 15.63
N ASN I 158 6.42 -9.98 15.05
CA ASN I 158 6.61 -10.96 13.93
C ASN I 158 7.53 -12.11 14.37
N CYS I 159 7.74 -12.26 15.69
CA CYS I 159 8.65 -13.28 16.29
C CYS I 159 7.90 -13.96 17.43
N TYR I 160 7.10 -14.96 17.10
CA TYR I 160 6.19 -15.62 18.07
C TYR I 160 6.85 -16.89 18.57
N PHE I 161 6.74 -17.10 19.87
CA PHE I 161 6.97 -18.42 20.50
C PHE I 161 5.90 -19.31 19.92
N PRO I 162 6.25 -20.50 19.36
CA PRO I 162 5.35 -21.22 18.47
C PRO I 162 4.23 -22.00 19.20
N LEU I 163 4.33 -22.12 20.54
CA LEU I 163 3.32 -22.77 21.38
C LEU I 163 2.45 -21.67 21.98
N GLN I 164 1.15 -21.95 22.05
CA GLN I 164 0.14 -21.07 22.64
C GLN I 164 -0.63 -21.90 23.68
N SER I 165 -1.05 -21.21 24.73
CA SER I 165 -1.78 -21.82 25.87
C SER I 165 -3.27 -21.81 25.53
N TYR I 166 -4.03 -22.83 25.96
CA TYR I 166 -5.49 -22.90 25.74
C TYR I 166 -6.21 -21.97 26.71
N GLY I 167 -5.73 -21.85 27.95
CA GLY I 167 -6.43 -20.99 28.94
C GLY I 167 -7.88 -21.43 29.08
N PHE I 168 -8.11 -22.59 29.69
CA PHE I 168 -9.44 -23.23 29.83
C PHE I 168 -10.12 -22.68 31.09
N GLN I 169 -11.28 -22.04 30.93
CA GLN I 169 -12.09 -21.55 32.06
C GLN I 169 -13.39 -22.33 32.12
N PRO I 170 -13.87 -22.66 33.34
CA PRO I 170 -15.07 -23.48 33.50
C PRO I 170 -16.29 -22.84 32.81
N THR I 171 -16.30 -21.52 32.63
CA THR I 171 -17.42 -20.74 32.02
C THR I 171 -17.33 -20.70 30.48
N ASN I 172 -16.24 -21.15 29.86
CA ASN I 172 -16.12 -21.22 28.37
C ASN I 172 -17.33 -21.92 27.77
N GLY I 173 -17.76 -21.52 26.57
CA GLY I 173 -18.68 -22.31 25.74
C GLY I 173 -18.12 -23.71 25.48
N VAL I 174 -18.99 -24.68 25.17
CA VAL I 174 -18.60 -26.13 25.09
C VAL I 174 -17.47 -26.32 24.08
N GLY I 175 -17.53 -25.63 22.93
CA GLY I 175 -16.52 -25.66 21.86
C GLY I 175 -15.14 -25.25 22.37
N TYR I 176 -15.06 -24.43 23.42
CA TYR I 176 -13.78 -23.94 23.98
C TYR I 176 -13.45 -24.65 25.31
N GLN I 177 -14.21 -25.68 25.69
CA GLN I 177 -13.89 -26.49 26.90
C GLN I 177 -12.86 -27.55 26.54
N PRO I 178 -12.07 -28.02 27.52
CA PRO I 178 -11.07 -29.05 27.25
C PRO I 178 -11.78 -30.40 27.02
N TYR I 179 -11.25 -31.16 26.07
CA TYR I 179 -11.63 -32.57 25.81
C TYR I 179 -10.37 -33.40 25.86
N ARG I 180 -10.43 -34.51 26.60
CA ARG I 180 -9.39 -35.55 26.58
C ARG I 180 -9.67 -36.47 25.40
N VAL I 181 -8.60 -36.88 24.72
CA VAL I 181 -8.65 -37.72 23.50
C VAL I 181 -7.74 -38.93 23.70
N VAL I 182 -8.23 -40.11 23.32
CA VAL I 182 -7.41 -41.33 23.17
C VAL I 182 -7.59 -41.83 21.74
N VAL I 183 -6.46 -42.02 21.06
CA VAL I 183 -6.38 -42.62 19.69
C VAL I 183 -5.74 -43.99 19.85
N LEU I 184 -6.48 -45.04 19.50
CA LEU I 184 -5.96 -46.42 19.47
C LEU I 184 -5.58 -46.72 18.02
N SER I 185 -4.28 -46.90 17.77
CA SER I 185 -3.68 -47.32 16.47
C SER I 185 -3.55 -48.83 16.47
N PHE I 186 -4.08 -49.48 15.43
CA PHE I 186 -4.01 -50.94 15.28
C PHE I 186 -3.05 -51.19 14.12
N GLU I 187 -2.03 -51.98 14.38
CA GLU I 187 -1.10 -52.52 13.36
C GLU I 187 -1.48 -53.96 13.02
N LEU I 188 -1.48 -54.28 11.73
CA LEU I 188 -1.64 -55.66 11.23
C LEU I 188 -0.44 -56.06 10.35
N LEU I 189 0.72 -56.31 10.94
CA LEU I 189 1.97 -56.60 10.19
C LEU I 189 2.16 -58.10 10.03
N HIS I 190 3.16 -58.50 9.27
CA HIS I 190 3.55 -59.92 9.13
C HIS I 190 4.41 -60.32 10.31
N ALA I 191 3.76 -60.50 11.46
CA ALA I 191 4.35 -60.82 12.78
C ALA I 191 3.29 -61.54 13.64
N PRO I 192 3.64 -62.23 14.73
CA PRO I 192 2.65 -62.71 15.69
C PRO I 192 1.77 -61.57 16.21
N ALA I 193 0.48 -61.85 16.36
CA ALA I 193 -0.48 -60.98 17.07
C ALA I 193 -0.06 -60.92 18.54
N THR I 194 -0.11 -59.76 19.15
CA THR I 194 0.20 -59.60 20.59
C THR I 194 -1.06 -59.15 21.33
N VAL I 195 -2.07 -58.61 20.64
CA VAL I 195 -3.31 -58.14 21.31
C VAL I 195 -4.50 -58.82 20.64
N CYS I 196 -5.32 -59.56 21.40
CA CYS I 196 -6.59 -60.18 20.94
C CYS I 196 -7.73 -59.82 21.89
N GLY I 197 -8.97 -59.80 21.37
CA GLY I 197 -10.17 -59.67 22.18
C GLY I 197 -10.45 -60.97 22.94
N PRO I 198 -11.41 -60.98 23.89
CA PRO I 198 -11.76 -62.19 24.62
C PRO I 198 -12.18 -63.39 23.77
N LYS I 199 -12.77 -63.15 22.58
CA LYS I 199 -13.45 -64.17 21.73
C LYS I 199 -12.52 -64.67 20.61
N GLN J 1 -14.27 -31.41 2.13
CA GLN J 1 -15.63 -30.96 1.77
C GLN J 1 -16.23 -31.98 0.79
N VAL J 2 -17.24 -32.72 1.22
CA VAL J 2 -18.06 -33.63 0.37
C VAL J 2 -19.45 -33.00 0.26
N GLN J 3 -20.01 -32.94 -0.94
CA GLN J 3 -21.44 -32.58 -1.10
C GLN J 3 -22.24 -33.88 -1.33
N LEU J 4 -23.48 -33.85 -0.88
CA LEU J 4 -24.43 -34.97 -0.90
C LEU J 4 -25.77 -34.44 -1.43
N VAL J 5 -26.34 -35.14 -2.41
CA VAL J 5 -27.65 -34.78 -3.00
C VAL J 5 -28.54 -36.04 -3.00
N GLU J 6 -29.66 -35.94 -2.27
CA GLU J 6 -30.74 -36.96 -2.23
C GLU J 6 -31.61 -36.81 -3.47
N SER J 7 -32.16 -37.92 -3.97
CA SER J 7 -33.21 -38.00 -5.02
C SER J 7 -34.12 -39.20 -4.75
N GLY J 8 -35.26 -39.27 -5.44
CA GLY J 8 -36.21 -40.39 -5.33
C GLY J 8 -37.30 -40.18 -4.29
N GLY J 9 -37.34 -39.00 -3.65
CA GLY J 9 -38.39 -38.66 -2.65
C GLY J 9 -39.69 -38.30 -3.33
N GLY J 10 -40.71 -37.92 -2.56
CA GLY J 10 -42.00 -37.46 -3.11
C GLY J 10 -43.16 -38.18 -2.44
N LEU J 11 -44.29 -38.15 -3.14
CA LEU J 11 -45.61 -38.61 -2.63
C LEU J 11 -45.72 -40.12 -2.90
N VAL J 12 -46.25 -40.89 -1.95
CA VAL J 12 -46.51 -42.34 -2.16
C VAL J 12 -47.67 -42.75 -1.24
N GLN J 13 -48.49 -43.70 -1.70
CA GLN J 13 -49.65 -44.24 -0.91
C GLN J 13 -49.12 -45.21 0.14
N ALA J 14 -49.75 -45.22 1.32
CA ALA J 14 -49.51 -46.17 2.43
C ALA J 14 -49.45 -47.59 1.86
N GLY J 15 -48.53 -48.41 2.35
CA GLY J 15 -48.24 -49.76 1.81
C GLY J 15 -47.36 -49.71 0.58
N GLY J 16 -47.08 -48.53 0.02
CA GLY J 16 -46.27 -48.37 -1.21
C GLY J 16 -44.79 -48.43 -0.89
N SER J 17 -43.96 -48.23 -1.93
CA SER J 17 -42.48 -48.28 -1.89
C SER J 17 -41.87 -47.03 -2.50
N LEU J 18 -40.66 -46.72 -2.06
CA LEU J 18 -39.78 -45.66 -2.58
C LEU J 18 -38.35 -46.12 -2.42
N ARG J 19 -37.51 -45.86 -3.41
CA ARG J 19 -36.05 -45.97 -3.28
C ARG J 19 -35.45 -44.56 -3.33
N LEU J 20 -35.05 -44.07 -2.15
CA LEU J 20 -34.22 -42.87 -2.01
C LEU J 20 -32.80 -43.25 -2.48
N ALA J 21 -32.14 -42.32 -3.16
CA ALA J 21 -30.71 -42.40 -3.49
C ALA J 21 -30.02 -41.13 -3.04
N CYS J 22 -28.74 -41.25 -2.74
CA CYS J 22 -27.91 -40.09 -2.39
C CYS J 22 -26.54 -40.29 -3.03
N ILE J 23 -26.12 -39.29 -3.81
CA ILE J 23 -24.82 -39.32 -4.55
C ILE J 23 -23.88 -38.32 -3.86
N ALA J 24 -22.62 -38.71 -3.70
CA ALA J 24 -21.55 -37.90 -3.08
C ALA J 24 -20.58 -37.41 -4.16
N SER J 25 -20.03 -36.21 -3.97
CA SER J 25 -18.84 -35.72 -4.71
C SER J 25 -17.63 -36.56 -4.31
N GLY J 26 -16.48 -36.33 -4.94
CA GLY J 26 -15.20 -36.92 -4.49
C GLY J 26 -14.87 -38.24 -5.16
N ARG J 27 -13.65 -38.71 -4.99
CA ARG J 27 -13.15 -39.96 -5.61
C ARG J 27 -12.85 -40.98 -4.52
N THR J 28 -13.29 -40.79 -3.28
CA THR J 28 -12.96 -41.69 -2.15
C THR J 28 -14.24 -42.10 -1.40
N PHE J 29 -15.34 -42.25 -2.14
CA PHE J 29 -16.65 -42.63 -1.58
C PHE J 29 -16.53 -43.90 -0.73
N HIS J 30 -15.71 -44.87 -1.16
CA HIS J 30 -15.47 -46.15 -0.46
C HIS J 30 -14.97 -45.91 0.98
N SER J 31 -14.38 -44.74 1.27
CA SER J 31 -13.79 -44.44 2.59
C SER J 31 -14.86 -43.91 3.54
N TYR J 32 -16.10 -43.73 3.08
CA TYR J 32 -17.19 -43.10 3.88
C TYR J 32 -18.17 -44.16 4.36
N VAL J 33 -18.48 -44.12 5.64
CA VAL J 33 -19.74 -44.69 6.22
C VAL J 33 -20.87 -43.78 5.77
N MET J 34 -21.91 -44.36 5.17
CA MET J 34 -23.07 -43.59 4.67
C MET J 34 -24.30 -43.86 5.55
N ALA J 35 -25.12 -42.85 5.78
CA ALA J 35 -26.28 -42.94 6.70
C ALA J 35 -27.47 -42.14 6.17
N TRP J 36 -28.65 -42.56 6.63
CA TRP J 36 -29.95 -41.87 6.45
C TRP J 36 -30.49 -41.50 7.83
N PHE J 37 -30.90 -40.25 7.98
CA PHE J 37 -31.69 -39.75 9.11
C PHE J 37 -32.99 -39.18 8.52
N ARG J 38 -34.00 -38.96 9.36
CA ARG J 38 -35.22 -38.26 8.92
C ARG J 38 -35.68 -37.30 10.02
N GLN J 39 -36.48 -36.33 9.63
CA GLN J 39 -36.99 -35.31 10.57
C GLN J 39 -38.40 -34.96 10.14
N ALA J 40 -39.37 -35.34 10.98
CA ALA J 40 -40.77 -34.90 10.89
C ALA J 40 -40.86 -33.50 11.48
N PRO J 41 -41.79 -32.66 11.01
CA PRO J 41 -41.96 -31.33 11.60
C PRO J 41 -42.34 -31.44 13.09
N GLY J 42 -41.67 -30.67 13.94
CA GLY J 42 -41.87 -30.68 15.40
C GLY J 42 -41.01 -31.71 16.11
N LYS J 43 -40.30 -32.57 15.39
CA LYS J 43 -39.45 -33.64 15.99
C LYS J 43 -37.98 -33.36 15.73
N GLU J 44 -37.12 -34.08 16.43
CA GLU J 44 -35.65 -34.03 16.24
C GLU J 44 -35.31 -34.97 15.07
N ARG J 45 -34.08 -34.88 14.56
CA ARG J 45 -33.51 -35.85 13.60
C ARG J 45 -33.48 -37.23 14.25
N GLU J 46 -34.11 -38.19 13.59
CA GLU J 46 -34.20 -39.61 14.01
C GLU J 46 -33.27 -40.42 13.09
N PHE J 47 -32.40 -41.25 13.66
CA PHE J 47 -31.54 -42.20 12.91
C PHE J 47 -32.44 -43.20 12.17
N VAL J 48 -32.18 -43.45 10.89
CA VAL J 48 -32.95 -44.43 10.08
C VAL J 48 -32.06 -45.65 9.76
N ALA J 49 -30.89 -45.44 9.17
CA ALA J 49 -30.00 -46.53 8.70
C ALA J 49 -28.58 -46.03 8.43
N ALA J 50 -27.63 -46.95 8.49
CA ALA J 50 -26.21 -46.71 8.18
C ALA J 50 -25.57 -47.98 7.61
N ILE J 51 -24.53 -47.79 6.79
CA ILE J 51 -23.80 -48.89 6.11
C ILE J 51 -22.30 -48.60 6.17
N SER J 52 -21.52 -49.58 6.62
CA SER J 52 -20.06 -49.48 6.74
C SER J 52 -19.43 -49.61 5.35
N TRP J 53 -18.11 -49.44 5.29
CA TRP J 53 -17.31 -49.33 4.03
C TRP J 53 -17.56 -50.57 3.16
N SER J 54 -17.42 -51.76 3.73
CA SER J 54 -17.55 -53.07 3.06
C SER J 54 -19.01 -53.41 2.75
N SER J 55 -19.95 -52.61 3.23
CA SER J 55 -21.41 -52.90 3.26
C SER J 55 -21.79 -53.77 4.46
N THR J 56 -20.87 -54.22 5.32
CA THR J 56 -21.04 -55.53 6.00
C THR J 56 -21.62 -55.41 7.40
N PRO J 57 -21.32 -54.37 8.21
CA PRO J 57 -22.27 -53.98 9.26
C PRO J 57 -23.22 -52.99 8.58
N THR J 58 -24.51 -53.30 8.56
CA THR J 58 -25.62 -52.34 8.35
C THR J 58 -26.33 -52.14 9.68
N TYR J 59 -26.93 -50.98 9.87
CA TYR J 59 -27.64 -50.60 11.11
C TYR J 59 -28.99 -49.97 10.73
N TYR J 60 -30.00 -50.17 11.57
CA TYR J 60 -31.39 -49.70 11.32
C TYR J 60 -32.00 -49.18 12.63
N GLY J 61 -32.75 -48.08 12.53
CA GLY J 61 -33.62 -47.61 13.62
C GLY J 61 -34.73 -48.61 13.89
N GLU J 62 -35.19 -48.67 15.13
CA GLU J 62 -36.07 -49.78 15.56
C GLU J 62 -37.35 -49.77 14.72
N SER J 63 -37.87 -48.60 14.38
CA SER J 63 -39.22 -48.43 13.78
C SER J 63 -39.19 -48.73 12.28
N VAL J 64 -38.02 -48.87 11.66
CA VAL J 64 -37.95 -49.18 10.21
C VAL J 64 -37.36 -50.58 9.99
N LYS J 65 -36.78 -51.19 11.02
CA LYS J 65 -36.18 -52.55 10.93
C LYS J 65 -37.20 -53.49 10.26
N GLY J 66 -36.78 -54.22 9.24
CA GLY J 66 -37.64 -55.18 8.51
C GLY J 66 -38.24 -54.58 7.25
N ARG J 67 -38.51 -53.28 7.24
CA ARG J 67 -39.21 -52.59 6.12
C ARG J 67 -38.21 -51.91 5.18
N PHE J 68 -37.08 -51.41 5.71
CA PHE J 68 -36.12 -50.56 4.97
C PHE J 68 -34.80 -51.33 4.78
N THR J 69 -34.18 -51.19 3.61
CA THR J 69 -32.86 -51.78 3.29
C THR J 69 -31.93 -50.67 2.82
N ILE J 70 -30.80 -50.51 3.48
CA ILE J 70 -29.71 -49.59 3.02
C ILE J 70 -28.71 -50.43 2.22
N SER J 71 -28.16 -49.86 1.15
CA SER J 71 -27.16 -50.49 0.26
C SER J 71 -26.31 -49.39 -0.37
N ARG J 72 -25.15 -49.75 -0.92
CA ARG J 72 -24.24 -48.75 -1.54
C ARG J 72 -23.70 -49.33 -2.85
N ASP J 73 -23.42 -48.45 -3.81
CA ASP J 73 -22.73 -48.78 -5.07
C ASP J 73 -21.55 -47.81 -5.18
N ASN J 74 -20.38 -48.27 -4.76
CA ASN J 74 -19.14 -47.46 -4.69
C ASN J 74 -18.79 -46.88 -6.06
N ALA J 75 -19.01 -47.64 -7.13
CA ALA J 75 -18.68 -47.23 -8.52
C ALA J 75 -19.49 -45.98 -8.90
N LYS J 76 -20.65 -45.75 -8.27
CA LYS J 76 -21.53 -44.60 -8.60
C LYS J 76 -21.62 -43.61 -7.45
N ASN J 77 -20.76 -43.72 -6.45
CA ASN J 77 -20.74 -42.77 -5.32
C ASN J 77 -22.13 -42.66 -4.70
N THR J 78 -22.90 -43.73 -4.67
CA THR J 78 -24.34 -43.67 -4.30
C THR J 78 -24.65 -44.67 -3.17
N VAL J 79 -25.40 -44.19 -2.17
CA VAL J 79 -26.06 -45.01 -1.12
C VAL J 79 -27.57 -44.97 -1.41
N TYR J 80 -28.25 -46.10 -1.21
CA TYR J 80 -29.70 -46.28 -1.48
C TYR J 80 -30.43 -46.59 -0.18
N LEU J 81 -31.69 -46.15 -0.08
CA LEU J 81 -32.63 -46.59 0.98
C LEU J 81 -33.91 -47.12 0.29
N GLN J 82 -34.06 -48.44 0.25
CA GLN J 82 -35.27 -49.15 -0.20
C GLN J 82 -36.25 -49.07 0.97
N MET J 83 -37.38 -48.38 0.79
CA MET J 83 -38.40 -48.23 1.85
C MET J 83 -39.64 -48.98 1.37
N ASN J 84 -39.98 -50.08 2.03
CA ASN J 84 -41.16 -50.92 1.70
C ASN J 84 -42.24 -50.72 2.78
N ARG J 85 -43.49 -51.00 2.41
CA ARG J 85 -44.64 -51.04 3.35
C ARG J 85 -44.62 -49.75 4.16
N LEU J 86 -44.63 -48.62 3.45
CA LEU J 86 -44.56 -47.27 4.05
C LEU J 86 -45.86 -46.96 4.78
N LYS J 87 -45.75 -46.31 5.94
CA LYS J 87 -46.87 -45.90 6.82
C LYS J 87 -46.85 -44.38 6.90
N PRO J 88 -48.00 -43.73 7.20
CA PRO J 88 -48.03 -42.28 7.37
C PRO J 88 -46.93 -41.73 8.31
N GLU J 89 -46.59 -42.44 9.38
CA GLU J 89 -45.57 -42.02 10.39
C GLU J 89 -44.17 -41.99 9.77
N ASP J 90 -43.99 -42.47 8.54
CA ASP J 90 -42.69 -42.42 7.81
C ASP J 90 -42.52 -41.09 7.07
N THR J 91 -43.60 -40.30 6.99
CA THR J 91 -43.57 -38.95 6.37
C THR J 91 -42.56 -38.09 7.11
N ALA J 92 -41.59 -37.52 6.40
CA ALA J 92 -40.51 -36.68 6.96
C ALA J 92 -39.59 -36.20 5.85
N VAL J 93 -38.69 -35.28 6.19
CA VAL J 93 -37.50 -34.97 5.37
C VAL J 93 -36.46 -36.06 5.68
N TYR J 94 -35.96 -36.71 4.63
CA TYR J 94 -34.92 -37.77 4.73
C TYR J 94 -33.59 -37.16 4.32
N PHE J 95 -32.62 -37.21 5.23
CA PHE J 95 -31.26 -36.65 5.08
C PHE J 95 -30.25 -37.78 4.87
N CYS J 96 -29.45 -37.61 3.83
CA CYS J 96 -28.21 -38.37 3.58
C CYS J 96 -27.12 -37.83 4.51
N ALA J 97 -26.29 -38.68 5.07
CA ALA J 97 -25.12 -38.23 5.85
C ALA J 97 -23.92 -39.15 5.55
N ALA J 98 -22.71 -38.61 5.75
CA ALA J 98 -21.45 -39.34 5.50
C ALA J 98 -20.40 -38.96 6.53
N ASP J 99 -19.56 -39.95 6.85
CA ASP J 99 -18.38 -39.76 7.73
C ASP J 99 -17.30 -40.78 7.38
N ARG J 100 -16.03 -40.42 7.56
CA ARG J 100 -14.91 -41.37 7.39
C ARG J 100 -15.01 -42.49 8.42
N GLY J 101 -15.50 -42.17 9.63
CA GLY J 101 -15.54 -43.08 10.77
C GLY J 101 -16.88 -43.78 10.89
N GLU J 102 -16.86 -45.02 11.35
CA GLU J 102 -18.02 -45.80 11.82
C GLU J 102 -18.07 -45.65 13.34
N SER J 103 -19.17 -45.11 13.85
CA SER J 103 -19.33 -44.75 15.29
C SER J 103 -19.92 -45.93 16.06
N TYR J 104 -19.39 -46.20 17.24
CA TYR J 104 -20.09 -47.06 18.20
C TYR J 104 -21.44 -46.41 18.52
N TYR J 105 -21.51 -45.07 18.56
CA TYR J 105 -22.77 -44.30 18.79
C TYR J 105 -23.38 -43.88 17.43
N TYR J 106 -23.67 -44.87 16.59
CA TYR J 106 -24.02 -44.66 15.15
C TYR J 106 -25.34 -43.90 14.99
N THR J 107 -26.16 -43.79 16.03
CA THR J 107 -27.46 -43.04 15.95
C THR J 107 -27.25 -41.54 16.25
N ARG J 108 -26.06 -41.12 16.69
CA ARG J 108 -25.83 -39.68 17.03
C ARG J 108 -25.55 -38.86 15.77
N PRO J 109 -26.37 -37.84 15.47
CA PRO J 109 -26.07 -36.92 14.37
C PRO J 109 -24.66 -36.29 14.43
N THR J 110 -24.15 -35.96 15.63
CA THR J 110 -22.81 -35.34 15.85
C THR J 110 -21.69 -36.27 15.38
N GLU J 111 -21.92 -37.56 15.19
CA GLU J 111 -20.88 -38.50 14.69
C GLU J 111 -20.76 -38.44 13.16
N TYR J 112 -21.58 -37.68 12.46
CA TYR J 112 -21.52 -37.56 10.97
C TYR J 112 -21.16 -36.12 10.56
N GLU J 113 -20.03 -35.92 9.89
CA GLU J 113 -19.56 -34.57 9.52
C GLU J 113 -20.42 -33.96 8.39
N PHE J 114 -20.83 -34.74 7.39
CA PHE J 114 -21.45 -34.26 6.13
C PHE J 114 -22.92 -34.64 6.07
N TRP J 115 -23.75 -33.67 5.69
CA TRP J 115 -25.22 -33.79 5.61
C TRP J 115 -25.73 -33.22 4.29
N GLY J 116 -26.61 -33.97 3.61
CA GLY J 116 -27.42 -33.43 2.50
C GLY J 116 -28.43 -32.42 3.02
N GLN J 117 -29.17 -31.76 2.13
CA GLN J 117 -30.22 -30.77 2.50
C GLN J 117 -31.51 -31.50 2.83
N GLY J 118 -31.63 -32.76 2.40
CA GLY J 118 -32.82 -33.60 2.65
C GLY J 118 -33.81 -33.53 1.50
N THR J 119 -34.69 -34.52 1.44
CA THR J 119 -35.76 -34.62 0.43
C THR J 119 -37.02 -35.07 1.17
N GLN J 120 -38.16 -34.46 0.82
CA GLN J 120 -39.47 -34.78 1.43
C GLN J 120 -39.92 -36.15 0.92
N VAL J 121 -40.30 -37.02 1.85
CA VAL J 121 -41.12 -38.23 1.60
C VAL J 121 -42.47 -37.99 2.27
N THR J 122 -43.56 -38.09 1.51
CA THR J 122 -44.94 -37.94 2.04
C THR J 122 -45.69 -39.24 1.77
N VAL J 123 -46.22 -39.86 2.82
CA VAL J 123 -47.06 -41.09 2.73
C VAL J 123 -48.50 -40.69 3.08
N SER J 124 -49.40 -40.66 2.08
CA SER J 124 -50.84 -40.34 2.24
C SER J 124 -51.58 -41.62 2.65
N SER J 125 -52.83 -41.51 3.12
CA SER J 125 -53.65 -42.65 3.63
C SER J 125 -54.78 -42.97 2.63
N ILE K 3 -27.39 49.16 11.81
CA ILE K 3 -26.32 48.13 11.77
C ILE K 3 -25.57 48.23 10.43
N THR K 4 -24.25 48.38 10.52
CA THR K 4 -23.21 48.81 9.53
C THR K 4 -21.98 49.21 10.36
N ASN K 5 -22.21 50.00 11.42
CA ASN K 5 -21.19 50.54 12.34
C ASN K 5 -20.66 49.42 13.22
N LEU K 6 -19.33 49.32 13.34
CA LEU K 6 -18.66 48.25 14.10
C LEU K 6 -18.82 48.55 15.59
N CYS K 7 -18.97 47.50 16.40
CA CYS K 7 -19.10 47.62 17.88
C CYS K 7 -17.82 48.25 18.42
N PRO K 8 -17.91 49.23 19.33
CA PRO K 8 -16.73 49.96 19.79
C PRO K 8 -15.93 49.20 20.86
N PHE K 9 -15.36 48.05 20.47
CA PHE K 9 -14.45 47.22 21.30
C PHE K 9 -13.19 48.05 21.64
N GLY K 10 -12.71 48.90 20.74
CA GLY K 10 -11.53 49.75 20.97
C GLY K 10 -11.67 50.58 22.24
N GLU K 11 -12.87 51.17 22.47
CA GLU K 11 -13.13 52.03 23.64
C GLU K 11 -12.99 51.24 24.95
N VAL K 12 -13.21 49.92 24.88
CA VAL K 12 -13.14 49.01 26.06
C VAL K 12 -11.70 48.54 26.26
N PHE K 13 -11.13 47.85 25.25
CA PHE K 13 -9.83 47.13 25.36
C PHE K 13 -8.68 48.14 25.46
N ASN K 14 -8.84 49.31 24.82
CA ASN K 14 -7.77 50.34 24.72
C ASN K 14 -8.14 51.60 25.49
N ALA K 15 -9.11 51.55 26.41
CA ALA K 15 -9.34 52.60 27.43
C ALA K 15 -8.01 52.89 28.10
N THR K 16 -7.65 54.15 28.32
CA THR K 16 -6.33 54.50 28.89
C THR K 16 -6.33 54.13 30.39
N ARG K 17 -7.51 54.14 30.99
CA ARG K 17 -7.71 53.84 32.43
C ARG K 17 -8.63 52.64 32.56
N PHE K 18 -8.30 51.79 33.52
CA PHE K 18 -9.05 50.56 33.89
C PHE K 18 -9.42 50.68 35.37
N ALA K 19 -10.56 50.10 35.73
CA ALA K 19 -11.08 50.06 37.10
C ALA K 19 -10.27 49.09 37.97
N SER K 20 -10.23 49.35 39.26
CA SER K 20 -9.95 48.32 40.30
C SER K 20 -11.02 47.25 40.19
N VAL K 21 -10.64 46.00 40.41
CA VAL K 21 -11.56 44.84 40.28
C VAL K 21 -12.80 45.01 41.18
N TYR K 22 -12.67 45.53 42.40
CA TYR K 22 -13.81 45.64 43.35
C TYR K 22 -14.85 46.62 42.78
N ALA K 23 -14.39 47.62 42.02
CA ALA K 23 -15.23 48.68 41.40
C ALA K 23 -15.25 48.49 39.88
N TRP K 24 -15.42 47.24 39.44
CA TRP K 24 -15.30 46.87 38.02
C TRP K 24 -16.26 47.68 37.16
N ASN K 25 -15.83 48.02 35.97
CA ASN K 25 -16.56 48.90 35.04
C ASN K 25 -17.38 48.05 34.06
N ARG K 26 -18.62 48.45 33.78
CA ARG K 26 -19.52 47.89 32.71
C ARG K 26 -19.72 48.88 31.56
N LYS K 27 -19.52 48.44 30.33
CA LYS K 27 -20.02 49.16 29.14
C LYS K 27 -21.04 48.26 28.45
N ARG K 28 -22.19 48.81 28.07
CA ARG K 28 -23.17 48.13 27.20
C ARG K 28 -22.70 48.29 25.76
N ILE K 29 -22.71 47.21 24.99
CA ILE K 29 -22.52 47.23 23.51
C ILE K 29 -23.83 46.77 22.87
N SER K 30 -24.37 47.56 21.94
CA SER K 30 -25.64 47.27 21.23
C SER K 30 -25.75 48.02 19.91
N ASN K 31 -26.66 47.60 19.03
CA ASN K 31 -26.98 48.30 17.77
C ASN K 31 -25.67 48.54 17.01
N CYS K 32 -24.93 47.47 16.78
CA CYS K 32 -23.63 47.48 16.08
C CYS K 32 -23.28 46.09 15.54
N VAL K 33 -22.37 46.02 14.57
CA VAL K 33 -21.80 44.76 14.01
C VAL K 33 -20.59 44.39 14.88
N ALA K 34 -20.62 43.22 15.52
CA ALA K 34 -19.52 42.70 16.36
C ALA K 34 -18.58 41.92 15.43
N ASP K 35 -17.56 42.62 14.93
CA ASP K 35 -16.45 41.96 14.21
C ASP K 35 -15.37 41.62 15.23
N TYR K 36 -15.17 40.33 15.48
CA TYR K 36 -14.22 39.83 16.50
C TYR K 36 -12.84 39.67 15.87
N SER K 37 -12.67 39.87 14.55
CA SER K 37 -11.37 39.65 13.89
C SER K 37 -10.33 40.61 14.45
N VAL K 38 -10.72 41.77 15.01
CA VAL K 38 -9.74 42.66 15.69
C VAL K 38 -9.11 41.89 16.87
N LEU K 39 -9.91 41.16 17.66
CA LEU K 39 -9.42 40.36 18.81
C LEU K 39 -8.66 39.11 18.33
N TYR K 40 -9.11 38.48 17.23
CA TYR K 40 -8.49 37.25 16.68
C TYR K 40 -7.03 37.52 16.24
N ASN K 41 -6.72 38.76 15.85
CA ASN K 41 -5.42 39.16 15.25
C ASN K 41 -4.48 39.72 16.32
N SER K 42 -4.84 39.62 17.59
CA SER K 42 -3.94 39.94 18.74
C SER K 42 -3.21 38.67 19.16
N ALA K 43 -1.87 38.74 19.27
CA ALA K 43 -0.99 37.70 19.81
C ALA K 43 -0.52 38.13 21.20
N SER K 44 -1.03 39.26 21.70
CA SER K 44 -0.67 39.79 23.04
C SER K 44 -1.56 39.22 24.14
N PHE K 45 -2.75 38.72 23.82
CA PHE K 45 -3.68 38.25 24.89
C PHE K 45 -3.07 37.02 25.54
N SER K 46 -3.05 36.98 26.88
CA SER K 46 -2.54 35.83 27.68
C SER K 46 -3.59 34.70 27.63
N THR K 47 -4.87 35.05 27.52
CA THR K 47 -5.99 34.10 27.60
C THR K 47 -7.16 34.68 26.80
N PHE K 48 -7.92 33.80 26.17
CA PHE K 48 -9.11 34.17 25.37
C PHE K 48 -9.97 32.92 25.33
N LYS K 49 -10.87 32.79 26.29
CA LYS K 49 -11.73 31.61 26.43
C LYS K 49 -13.20 32.03 26.43
N CYS K 50 -14.03 31.20 25.80
CA CYS K 50 -15.48 31.40 25.74
C CYS K 50 -16.17 30.25 26.46
N TYR K 51 -17.37 30.53 26.96
CA TYR K 51 -18.26 29.63 27.73
C TYR K 51 -19.63 29.66 27.06
N GLY K 52 -20.16 28.49 26.70
CA GLY K 52 -21.48 28.37 26.08
C GLY K 52 -21.47 28.63 24.58
N VAL K 53 -20.37 29.14 24.01
CA VAL K 53 -20.19 29.26 22.54
C VAL K 53 -18.72 29.02 22.22
N SER K 54 -18.47 28.47 21.04
CA SER K 54 -17.11 28.27 20.52
C SER K 54 -16.58 29.61 20.02
N PRO K 55 -15.31 29.95 20.33
CA PRO K 55 -14.66 31.14 19.76
C PRO K 55 -14.72 31.20 18.23
N THR K 56 -14.78 30.03 17.59
CA THR K 56 -14.86 29.89 16.11
C THR K 56 -16.19 30.41 15.59
N LYS K 57 -17.20 30.59 16.43
CA LYS K 57 -18.56 30.94 15.98
C LYS K 57 -18.91 32.39 16.32
N LEU K 58 -18.01 33.17 16.94
CA LEU K 58 -18.38 34.52 17.45
C LEU K 58 -18.85 35.42 16.30
N ASN K 59 -18.29 35.26 15.09
CA ASN K 59 -18.65 36.14 13.96
C ASN K 59 -19.98 35.69 13.33
N ASP K 60 -20.61 34.61 13.79
CA ASP K 60 -21.84 34.04 13.18
C ASP K 60 -23.04 34.13 14.12
N LEU K 61 -22.90 34.74 15.29
CA LEU K 61 -23.98 34.74 16.31
C LEU K 61 -24.56 36.15 16.47
N CYS K 62 -25.85 36.20 16.84
CA CYS K 62 -26.60 37.43 17.16
C CYS K 62 -27.03 37.36 18.62
N PHE K 63 -26.98 38.48 19.33
CA PHE K 63 -27.38 38.65 20.74
C PHE K 63 -28.23 39.92 20.88
N THR K 64 -29.00 40.03 21.95
CA THR K 64 -29.84 41.22 22.27
C THR K 64 -28.92 42.36 22.70
N ASN K 65 -27.87 42.00 23.43
CA ASN K 65 -26.89 42.94 23.98
C ASN K 65 -25.59 42.20 24.25
N VAL K 66 -24.52 42.94 24.32
CA VAL K 66 -23.23 42.46 24.86
C VAL K 66 -22.84 43.42 25.98
N TYR K 67 -22.32 42.89 27.08
CA TYR K 67 -21.77 43.71 28.18
C TYR K 67 -20.27 43.45 28.27
N ALA K 68 -19.52 44.54 28.38
CA ALA K 68 -18.05 44.51 28.50
C ALA K 68 -17.72 45.03 29.91
N ASP K 69 -17.30 44.09 30.77
CA ASP K 69 -16.79 44.36 32.13
C ASP K 69 -15.27 44.37 32.04
N SER K 70 -14.61 45.36 32.64
CA SER K 70 -13.14 45.44 32.61
C SER K 70 -12.59 45.88 33.95
N PHE K 71 -11.37 45.45 34.26
CA PHE K 71 -10.68 45.72 35.53
C PHE K 71 -9.25 45.18 35.48
N VAL K 72 -8.47 45.43 36.54
CA VAL K 72 -7.08 44.92 36.71
C VAL K 72 -7.02 43.94 37.89
N ILE K 73 -6.29 42.84 37.72
CA ILE K 73 -5.96 41.85 38.80
C ILE K 73 -4.52 41.38 38.60
N ARG K 74 -3.99 40.55 39.51
CA ARG K 74 -2.67 39.89 39.39
C ARG K 74 -2.76 38.77 38.35
N GLY K 75 -1.64 38.44 37.73
CA GLY K 75 -1.49 37.34 36.77
C GLY K 75 -2.09 36.05 37.29
N ASP K 76 -1.78 35.63 38.51
CA ASP K 76 -2.19 34.27 38.95
C ASP K 76 -3.62 34.31 39.49
N GLU K 77 -4.32 35.46 39.42
CA GLU K 77 -5.76 35.54 39.73
C GLU K 77 -6.59 35.43 38.45
N VAL K 78 -5.98 35.49 37.26
CA VAL K 78 -6.75 35.49 35.98
C VAL K 78 -7.62 34.22 35.87
N ARG K 79 -7.12 33.06 36.30
CA ARG K 79 -7.87 31.78 36.33
C ARG K 79 -9.20 31.92 37.11
N GLN K 80 -9.35 32.89 38.03
CA GLN K 80 -10.57 33.07 38.85
C GLN K 80 -11.67 33.76 38.04
N ILE K 81 -11.35 34.37 36.90
CA ILE K 81 -12.39 35.02 36.07
C ILE K 81 -12.99 33.97 35.13
N ALA K 82 -13.78 33.08 35.71
CA ALA K 82 -14.37 31.92 35.01
C ALA K 82 -15.51 31.37 35.86
N PRO K 83 -16.57 30.83 35.25
CA PRO K 83 -17.63 30.18 36.02
C PRO K 83 -17.04 29.05 36.88
N GLY K 84 -17.49 28.92 38.13
CA GLY K 84 -17.19 27.76 38.99
C GLY K 84 -15.92 27.94 39.77
N GLN K 85 -15.29 29.13 39.75
CA GLN K 85 -14.03 29.45 40.47
C GLN K 85 -14.32 29.93 41.89
N THR K 86 -13.38 29.71 42.81
CA THR K 86 -13.35 30.35 44.14
C THR K 86 -11.98 31.01 44.35
N GLY K 87 -11.91 31.86 45.37
CA GLY K 87 -10.76 32.73 45.70
C GLY K 87 -11.23 34.13 46.01
N LYS K 88 -10.33 34.97 46.49
CA LYS K 88 -10.62 36.38 46.89
C LYS K 88 -11.38 37.03 45.74
N ILE K 89 -10.95 36.86 44.49
CA ILE K 89 -11.49 37.63 43.35
C ILE K 89 -12.89 37.09 42.98
N ALA K 90 -13.01 35.79 42.71
CA ALA K 90 -14.30 35.15 42.37
C ALA K 90 -15.32 35.37 43.50
N ASP K 91 -14.90 35.32 44.76
CA ASP K 91 -15.84 35.32 45.91
C ASP K 91 -16.21 36.76 46.28
N TYR K 92 -15.28 37.72 46.25
CA TYR K 92 -15.42 39.02 46.95
C TYR K 92 -15.34 40.22 46.00
N ASN K 93 -15.00 40.04 44.72
CA ASN K 93 -14.72 41.17 43.81
C ASN K 93 -15.56 41.08 42.53
N TYR K 94 -15.45 39.96 41.80
CA TYR K 94 -16.14 39.78 40.50
C TYR K 94 -16.48 38.30 40.32
N LYS K 95 -17.78 38.02 40.29
CA LYS K 95 -18.32 36.63 40.26
C LYS K 95 -19.05 36.40 38.94
N LEU K 96 -18.62 35.41 38.17
CA LEU K 96 -19.36 34.95 36.97
C LEU K 96 -20.34 33.88 37.41
N PRO K 97 -21.55 33.85 36.80
CA PRO K 97 -22.54 32.81 37.08
C PRO K 97 -22.06 31.45 36.56
N ASP K 98 -22.61 30.35 37.07
CA ASP K 98 -22.20 29.00 36.64
C ASP K 98 -22.57 28.77 35.16
N ASP K 99 -23.65 29.36 34.67
CA ASP K 99 -24.17 29.17 33.29
C ASP K 99 -23.78 30.38 32.42
N PHE K 100 -22.70 31.07 32.77
CA PHE K 100 -22.15 32.20 32.00
C PHE K 100 -22.09 31.83 30.51
N THR K 101 -22.57 32.74 29.67
CA THR K 101 -22.35 32.71 28.20
C THR K 101 -21.55 33.94 27.83
N GLY K 102 -20.33 33.75 27.32
CA GLY K 102 -19.46 34.87 26.93
C GLY K 102 -18.01 34.49 26.88
N CYS K 103 -17.12 35.47 26.84
CA CYS K 103 -15.66 35.25 26.68
C CYS K 103 -14.92 36.13 27.69
N VAL K 104 -13.77 35.62 28.12
CA VAL K 104 -12.86 36.27 29.10
C VAL K 104 -11.52 36.43 28.40
N ILE K 105 -11.06 37.67 28.29
CA ILE K 105 -9.78 38.03 27.61
C ILE K 105 -8.94 38.81 28.64
N ALA K 106 -7.66 38.51 28.70
CA ALA K 106 -6.72 39.19 29.60
C ALA K 106 -5.40 39.35 28.86
N TRP K 107 -4.62 40.34 29.32
CA TRP K 107 -3.23 40.57 28.85
C TRP K 107 -2.42 41.20 29.97
N ASN K 108 -1.14 40.86 30.00
CA ASN K 108 -0.14 41.47 30.91
C ASN K 108 -0.10 42.98 30.64
N SER K 109 -0.24 43.80 31.68
CA SER K 109 -0.23 45.28 31.58
C SER K 109 0.88 45.83 32.47
N ASN K 110 1.93 45.04 32.70
CA ASN K 110 3.07 45.48 33.54
C ASN K 110 3.60 46.83 33.02
N ASN K 111 3.69 46.99 31.70
CA ASN K 111 4.23 48.19 31.01
C ASN K 111 3.38 49.44 31.33
N LEU K 112 2.08 49.30 31.59
CA LEU K 112 1.16 50.45 31.80
C LEU K 112 0.89 50.63 33.31
N ASP K 113 0.76 49.54 34.07
CA ASP K 113 0.07 49.54 35.39
C ASP K 113 1.04 49.31 36.54
N SER K 114 2.35 49.23 36.32
CA SER K 114 3.32 49.08 37.43
C SER K 114 4.23 50.31 37.46
N LYS K 115 4.74 50.71 38.63
CA LYS K 115 5.58 51.93 38.77
C LYS K 115 6.80 51.56 39.61
N VAL K 116 7.91 52.29 39.42
CA VAL K 116 9.08 52.22 40.33
C VAL K 116 8.58 52.65 41.72
N GLY K 117 8.82 51.84 42.74
CA GLY K 117 8.33 52.07 44.10
C GLY K 117 6.90 51.61 44.29
N GLY K 118 6.28 51.03 43.25
CA GLY K 118 5.00 50.29 43.37
C GLY K 118 3.81 51.16 43.05
N ASN K 119 2.89 50.65 42.21
CA ASN K 119 1.60 51.29 41.92
C ASN K 119 0.57 50.77 42.93
N TYR K 120 0.09 51.63 43.81
CA TYR K 120 -0.85 51.30 44.90
C TYR K 120 -2.26 51.79 44.53
N ASN K 121 -2.49 52.23 43.30
CA ASN K 121 -3.83 52.72 42.83
C ASN K 121 -4.81 51.57 42.67
N TYR K 122 -4.38 50.34 42.32
CA TYR K 122 -5.32 49.23 42.09
C TYR K 122 -5.61 48.49 43.40
N LEU K 123 -6.90 48.37 43.71
CA LEU K 123 -7.42 47.79 44.97
C LEU K 123 -8.21 46.52 44.67
N TYR K 124 -8.30 45.63 45.65
CA TYR K 124 -9.21 44.45 45.64
C TYR K 124 -9.83 44.32 47.04
N ARG K 125 -11.04 43.79 47.12
CA ARG K 125 -11.70 43.48 48.42
C ARG K 125 -11.06 42.20 48.97
N LEU K 126 -10.51 42.27 50.18
CA LEU K 126 -9.76 41.16 50.81
C LEU K 126 -10.70 40.37 51.75
N PHE K 127 -11.64 41.08 52.37
CA PHE K 127 -12.60 40.56 53.38
C PHE K 127 -14.02 40.90 52.96
N ARG K 128 -14.93 39.95 53.14
CA ARG K 128 -16.38 40.17 52.97
C ARG K 128 -17.14 39.12 53.78
N LYS K 129 -18.30 39.51 54.33
CA LYS K 129 -19.11 38.66 55.25
C LYS K 129 -19.67 37.47 54.47
N SER K 130 -19.87 37.61 53.18
CA SER K 130 -20.45 36.56 52.31
C SER K 130 -20.02 36.81 50.87
N ASN K 131 -20.14 35.79 50.03
CA ASN K 131 -19.67 35.82 48.62
C ASN K 131 -20.61 36.72 47.82
N LEU K 132 -20.08 37.41 46.82
CA LEU K 132 -20.86 38.14 45.80
C LEU K 132 -21.80 37.17 45.09
N LYS K 133 -23.01 37.63 44.80
CA LYS K 133 -23.88 37.02 43.76
C LYS K 133 -23.28 37.32 42.39
N PRO K 134 -23.58 36.50 41.36
CA PRO K 134 -23.03 36.73 40.03
C PRO K 134 -23.34 38.15 39.53
N PHE K 135 -22.32 38.84 39.03
CA PHE K 135 -22.39 40.22 38.47
C PHE K 135 -22.77 41.25 39.56
N GLU K 136 -22.65 40.89 40.83
CA GLU K 136 -22.80 41.87 41.94
C GLU K 136 -21.52 42.73 42.00
N ARG K 137 -21.68 43.96 42.46
CA ARG K 137 -20.58 44.94 42.58
C ARG K 137 -20.67 45.61 43.94
N ASP K 138 -19.61 45.58 44.73
CA ASP K 138 -19.60 46.10 46.12
C ASP K 138 -18.47 47.13 46.18
N ILE K 139 -18.81 48.41 46.39
CA ILE K 139 -17.81 49.50 46.50
C ILE K 139 -17.79 50.06 47.93
N SER K 140 -18.47 49.39 48.86
CA SER K 140 -18.53 49.80 50.28
C SER K 140 -17.14 49.64 50.93
N THR K 141 -16.88 50.43 51.96
CA THR K 141 -15.62 50.46 52.72
C THR K 141 -15.95 50.37 54.21
N GLU K 142 -16.86 49.48 54.56
CA GLU K 142 -17.27 49.21 55.97
C GLU K 142 -16.15 48.41 56.64
N ILE K 143 -15.83 48.74 57.89
CA ILE K 143 -14.83 48.02 58.71
C ILE K 143 -15.33 46.57 58.83
N TYR K 144 -14.49 45.61 58.46
CA TYR K 144 -14.83 44.17 58.53
C TYR K 144 -14.51 43.66 59.93
N GLN K 145 -15.51 43.06 60.58
CA GLN K 145 -15.35 42.35 61.87
C GLN K 145 -14.84 40.94 61.63
N ALA K 146 -13.54 40.73 61.82
CA ALA K 146 -12.83 39.45 61.59
C ALA K 146 -12.83 38.61 62.87
N GLY K 147 -13.22 39.19 64.01
CA GLY K 147 -13.13 38.54 65.32
C GLY K 147 -14.47 38.52 66.06
N SER K 148 -14.48 37.92 67.23
CA SER K 148 -15.59 37.97 68.22
C SER K 148 -15.99 39.41 68.56
N THR K 149 -15.01 40.28 68.83
CA THR K 149 -15.21 41.69 69.29
C THR K 149 -15.89 42.53 68.22
N PRO K 150 -16.90 43.36 68.57
CA PRO K 150 -17.47 44.32 67.62
C PRO K 150 -16.44 45.42 67.31
N CYS K 151 -16.55 46.07 66.15
CA CYS K 151 -15.55 47.03 65.63
C CYS K 151 -15.87 48.48 65.97
N ASN K 152 -17.14 48.77 66.28
CA ASN K 152 -17.61 50.11 66.69
C ASN K 152 -17.12 51.20 65.71
N GLY K 153 -17.06 50.89 64.42
CA GLY K 153 -16.67 51.81 63.32
C GLY K 153 -15.26 52.37 63.49
N VAL K 154 -14.37 51.62 64.12
CA VAL K 154 -12.93 51.99 64.32
C VAL K 154 -12.07 50.83 63.77
N GLU K 155 -10.98 51.15 63.09
CA GLU K 155 -9.99 50.16 62.59
C GLU K 155 -9.09 49.70 63.75
N GLY K 156 -8.61 48.46 63.72
CA GLY K 156 -7.73 47.90 64.77
C GLY K 156 -7.55 46.40 64.61
N PHE K 157 -7.06 45.73 65.65
CA PHE K 157 -6.94 44.25 65.75
C PHE K 157 -8.30 43.63 65.42
N ASN K 158 -8.32 42.73 64.43
CA ASN K 158 -9.50 41.95 63.96
C ASN K 158 -10.56 42.90 63.41
N CYS K 159 -10.22 44.14 63.08
CA CYS K 159 -11.14 45.19 62.60
C CYS K 159 -10.55 45.90 61.39
N TYR K 160 -10.69 45.29 60.22
CA TYR K 160 -9.88 45.62 59.02
C TYR K 160 -10.72 46.47 58.08
N PHE K 161 -10.08 47.48 57.51
CA PHE K 161 -10.55 48.18 56.29
C PHE K 161 -10.53 47.12 55.20
N PRO K 162 -11.64 46.91 54.45
CA PRO K 162 -11.81 45.70 53.65
C PRO K 162 -11.08 45.72 52.29
N LEU K 163 -10.60 46.88 51.85
CA LEU K 163 -9.90 47.00 50.54
C LEU K 163 -8.39 46.98 50.80
N GLN K 164 -7.67 46.28 49.93
CA GLN K 164 -6.21 46.17 49.98
C GLN K 164 -5.66 46.57 48.61
N SER K 165 -4.48 47.16 48.61
CA SER K 165 -3.78 47.65 47.42
C SER K 165 -2.95 46.50 46.85
N TYR K 166 -2.82 46.41 45.53
CA TYR K 166 -1.98 45.39 44.86
C TYR K 166 -0.50 45.77 45.01
N GLY K 167 -0.15 47.05 44.92
CA GLY K 167 1.26 47.44 44.97
C GLY K 167 2.05 46.73 43.86
N PHE K 168 1.83 47.10 42.61
CA PHE K 168 2.45 46.47 41.42
C PHE K 168 3.82 47.09 41.14
N GLN K 169 4.89 46.30 41.19
CA GLN K 169 6.25 46.76 40.84
C GLN K 169 6.72 46.07 39.58
N PRO K 170 7.43 46.80 38.69
CA PRO K 170 7.83 46.24 37.40
C PRO K 170 8.68 44.96 37.55
N THR K 171 9.39 44.80 38.68
CA THR K 171 10.30 43.64 38.95
C THR K 171 9.55 42.45 39.58
N ASN K 172 8.28 42.59 39.98
CA ASN K 172 7.44 41.45 40.45
C ASN K 172 7.55 40.25 39.49
N GLY K 173 7.50 39.02 40.00
CA GLY K 173 7.28 37.81 39.15
C GLY K 173 5.97 37.94 38.38
N VAL K 174 5.84 37.21 37.27
CA VAL K 174 4.71 37.36 36.31
C VAL K 174 3.37 37.19 37.04
N GLY K 175 3.29 36.22 37.95
CA GLY K 175 2.10 35.93 38.77
C GLY K 175 1.64 37.13 39.57
N TYR K 176 2.55 38.04 39.92
CA TYR K 176 2.22 39.25 40.73
C TYR K 176 2.21 40.51 39.85
N GLN K 177 2.30 40.37 38.52
CA GLN K 177 2.20 41.53 37.59
C GLN K 177 0.75 41.83 37.31
N PRO K 178 0.41 43.09 36.97
CA PRO K 178 -0.97 43.43 36.67
C PRO K 178 -1.37 42.85 35.32
N TYR K 179 -2.59 42.36 35.25
CA TYR K 179 -3.27 41.92 33.99
C TYR K 179 -4.57 42.69 33.88
N ARG K 180 -4.82 43.25 32.71
CA ARG K 180 -6.11 43.84 32.33
C ARG K 180 -7.02 42.72 31.84
N VAL K 181 -8.28 42.79 32.21
CA VAL K 181 -9.32 41.77 31.90
C VAL K 181 -10.51 42.46 31.25
N VAL K 182 -11.03 41.87 30.19
CA VAL K 182 -12.35 42.21 29.60
C VAL K 182 -13.17 40.93 29.57
N VAL K 183 -14.37 41.01 30.16
CA VAL K 183 -15.39 39.93 30.15
C VAL K 183 -16.52 40.40 29.24
N LEU K 184 -16.76 39.65 28.17
CA LEU K 184 -17.89 39.91 27.25
C LEU K 184 -19.00 38.93 27.67
N SER K 185 -20.10 39.49 28.16
CA SER K 185 -21.37 38.78 28.43
C SER K 185 -22.25 38.84 27.19
N PHE K 186 -22.79 37.70 26.76
CA PHE K 186 -23.72 37.64 25.61
C PHE K 186 -25.13 37.44 26.16
N GLU K 187 -26.00 38.39 25.92
CA GLU K 187 -27.37 38.40 26.46
C GLU K 187 -28.33 37.95 25.37
N LEU K 188 -29.16 36.96 25.71
CA LEU K 188 -30.21 36.45 24.82
C LEU K 188 -31.52 36.57 25.58
N LEU K 189 -32.22 37.66 25.31
CA LEU K 189 -33.66 37.80 25.67
C LEU K 189 -34.43 37.30 24.43
N HIS K 190 -35.72 36.96 24.54
CA HIS K 190 -36.56 36.76 23.32
C HIS K 190 -37.08 38.15 22.93
N ALA K 191 -36.17 38.84 22.23
CA ALA K 191 -36.30 40.20 21.64
C ALA K 191 -35.45 40.25 20.37
N PRO K 192 -35.65 41.23 19.47
CA PRO K 192 -34.76 41.37 18.32
C PRO K 192 -33.29 41.51 18.75
N ALA K 193 -32.41 40.84 18.01
CA ALA K 193 -30.96 40.90 18.18
C ALA K 193 -30.53 42.31 17.79
N THR K 194 -29.63 42.94 18.53
CA THR K 194 -29.06 44.25 18.13
C THR K 194 -27.56 44.12 17.86
N VAL K 195 -26.94 43.04 18.29
CA VAL K 195 -25.49 42.80 18.03
C VAL K 195 -25.34 41.51 17.24
N CYS K 196 -24.84 41.61 16.01
CA CYS K 196 -24.61 40.48 15.07
C CYS K 196 -23.19 40.54 14.52
N GLY K 197 -22.64 39.41 14.13
CA GLY K 197 -21.38 39.32 13.37
C GLY K 197 -21.57 39.86 11.95
N PRO K 198 -20.47 40.03 11.19
CA PRO K 198 -20.56 40.48 9.79
C PRO K 198 -21.45 39.62 8.88
N LYS K 199 -21.65 38.36 9.28
CA LYS K 199 -22.18 37.22 8.48
C LYS K 199 -23.69 37.04 8.79
N GLN L 1 -12.13 20.97 41.90
CA GLN L 1 -11.01 20.09 41.56
C GLN L 1 -11.57 18.92 40.72
N VAL L 2 -11.02 18.75 39.53
CA VAL L 2 -11.24 17.54 38.69
C VAL L 2 -9.94 16.72 38.66
N GLN L 3 -10.01 15.41 38.86
CA GLN L 3 -8.86 14.53 38.62
C GLN L 3 -9.06 13.82 37.28
N LEU L 4 -7.95 13.53 36.62
CA LEU L 4 -7.89 12.93 35.26
C LEU L 4 -6.89 11.77 35.28
N VAL L 5 -7.27 10.60 34.79
CA VAL L 5 -6.37 9.43 34.69
C VAL L 5 -6.39 8.88 33.25
N GLU L 6 -5.23 8.93 32.59
CA GLU L 6 -4.98 8.35 31.26
C GLU L 6 -4.75 6.84 31.42
N SER L 7 -5.15 6.06 30.40
CA SER L 7 -4.80 4.64 30.22
C SER L 7 -4.68 4.32 28.72
N GLY L 8 -4.21 3.13 28.38
CA GLY L 8 -4.14 2.62 26.99
C GLY L 8 -2.78 2.85 26.35
N GLY L 9 -1.82 3.43 27.07
CA GLY L 9 -0.48 3.68 26.52
C GLY L 9 0.37 2.42 26.45
N GLY L 10 1.62 2.55 26.04
CA GLY L 10 2.60 1.44 26.01
C GLY L 10 3.34 1.38 24.68
N LEU L 11 3.97 0.22 24.43
CA LEU L 11 4.85 -0.04 23.26
C LEU L 11 3.97 -0.44 22.08
N VAL L 12 4.26 0.07 20.88
CA VAL L 12 3.51 -0.29 19.64
C VAL L 12 4.47 -0.14 18.46
N GLN L 13 4.33 -0.98 17.43
CA GLN L 13 5.22 -0.94 16.23
C GLN L 13 4.73 0.19 15.32
N ALA L 14 5.66 0.88 14.64
CA ALA L 14 5.42 1.88 13.59
C ALA L 14 4.35 1.36 12.64
N GLY L 15 3.42 2.23 12.21
CA GLY L 15 2.26 1.86 11.40
C GLY L 15 1.14 1.27 12.23
N GLY L 16 1.35 0.97 13.51
CA GLY L 16 0.34 0.37 14.40
C GLY L 16 -0.66 1.40 14.90
N SER L 17 -1.57 0.96 15.77
CA SER L 17 -2.64 1.76 16.40
C SER L 17 -2.64 1.62 17.92
N LEU L 18 -3.16 2.64 18.58
CA LEU L 18 -3.42 2.70 20.03
C LEU L 18 -4.63 3.60 20.24
N ARG L 19 -5.48 3.22 21.17
CA ARG L 19 -6.52 4.12 21.73
C ARG L 19 -6.17 4.49 23.17
N LEU L 20 -5.72 5.72 23.37
CA LEU L 20 -5.59 6.34 24.70
C LEU L 20 -7.00 6.68 25.19
N ALA L 21 -7.23 6.50 26.48
CA ALA L 21 -8.45 6.98 27.15
C ALA L 21 -8.08 7.80 28.38
N CYS L 22 -8.94 8.73 28.74
CA CYS L 22 -8.78 9.54 29.95
C CYS L 22 -10.14 9.73 30.60
N ILE L 23 -10.26 9.35 31.87
CA ILE L 23 -11.51 9.44 32.65
C ILE L 23 -11.35 10.56 33.69
N ALA L 24 -12.40 11.37 33.83
CA ALA L 24 -12.48 12.52 34.75
C ALA L 24 -13.39 12.16 35.93
N SER L 25 -13.07 12.70 37.11
CA SER L 25 -13.98 12.74 38.29
C SER L 25 -15.13 13.72 37.97
N GLY L 26 -16.11 13.85 38.83
CA GLY L 26 -17.12 14.92 38.73
C GLY L 26 -18.39 14.47 38.02
N ARG L 27 -19.47 15.22 38.20
CA ARG L 27 -20.78 14.93 37.59
C ARG L 27 -21.12 15.98 36.52
N THR L 28 -20.18 16.78 36.05
CA THR L 28 -20.43 17.82 35.02
C THR L 28 -19.36 17.71 33.92
N PHE L 29 -19.02 16.48 33.54
CA PHE L 29 -18.03 16.21 32.48
C PHE L 29 -18.40 16.96 31.19
N HIS L 30 -19.69 17.02 30.86
CA HIS L 30 -20.25 17.70 29.65
C HIS L 30 -19.93 19.20 29.70
N SER L 31 -19.57 19.77 30.84
CA SER L 31 -19.19 21.22 30.96
C SER L 31 -17.73 21.45 30.54
N TYR L 32 -16.96 20.39 30.28
CA TYR L 32 -15.49 20.51 30.08
C TYR L 32 -15.14 20.33 28.60
N VAL L 33 -14.33 21.25 28.10
CA VAL L 33 -13.49 21.04 26.90
C VAL L 33 -12.38 20.07 27.31
N MET L 34 -12.23 18.97 26.56
CA MET L 34 -11.19 17.94 26.86
C MET L 34 -10.09 18.02 25.79
N ALA L 35 -8.85 17.79 26.21
CA ALA L 35 -7.69 17.91 25.30
C ALA L 35 -6.63 16.87 25.61
N TRP L 36 -5.81 16.60 24.60
CA TRP L 36 -4.58 15.78 24.66
C TRP L 36 -3.39 16.65 24.27
N PHE L 37 -2.35 16.61 25.08
CA PHE L 37 -1.01 17.16 24.77
C PHE L 37 -0.02 16.01 24.89
N ARG L 38 1.19 16.20 24.36
CA ARG L 38 2.26 15.21 24.55
C ARG L 38 3.59 15.94 24.77
N GLN L 39 4.53 15.23 25.36
CA GLN L 39 5.85 15.80 25.68
C GLN L 39 6.90 14.70 25.54
N ALA L 40 7.80 14.84 24.59
CA ALA L 40 9.04 14.03 24.49
C ALA L 40 10.06 14.62 25.44
N PRO L 41 10.96 13.81 26.02
CA PRO L 41 11.93 14.33 26.99
C PRO L 41 12.84 15.38 26.33
N GLY L 42 13.02 16.53 27.00
CA GLY L 42 13.85 17.64 26.50
C GLY L 42 13.06 18.62 25.64
N LYS L 43 11.80 18.30 25.28
CA LYS L 43 10.97 19.18 24.40
C LYS L 43 9.80 19.75 25.19
N GLU L 44 9.09 20.74 24.64
CA GLU L 44 7.98 21.42 25.35
C GLU L 44 6.72 20.57 25.16
N ARG L 45 5.69 20.82 25.96
CA ARG L 45 4.33 20.24 25.76
C ARG L 45 3.82 20.72 24.40
N GLU L 46 3.46 19.77 23.55
CA GLU L 46 2.93 19.99 22.19
C GLU L 46 1.44 19.64 22.21
N PHE L 47 0.60 20.54 21.69
CA PHE L 47 -0.86 20.28 21.52
C PHE L 47 -1.06 19.14 20.54
N VAL L 48 -1.93 18.19 20.87
CA VAL L 48 -2.29 17.04 19.98
C VAL L 48 -3.72 17.21 19.47
N ALA L 49 -4.70 17.35 20.37
CA ALA L 49 -6.14 17.38 19.99
C ALA L 49 -7.01 17.94 21.13
N ALA L 50 -8.17 18.47 20.76
CA ALA L 50 -9.18 19.00 21.70
C ALA L 50 -10.58 18.83 21.11
N ILE L 51 -11.56 18.72 22.00
CA ILE L 51 -12.98 18.48 21.64
C ILE L 51 -13.86 19.36 22.53
N SER L 52 -14.75 20.11 21.89
CA SER L 52 -15.68 21.04 22.59
C SER L 52 -16.79 20.22 23.25
N TRP L 53 -17.63 20.90 24.02
CA TRP L 53 -18.69 20.29 24.88
C TRP L 53 -19.60 19.37 24.04
N SER L 54 -20.12 19.88 22.92
CA SER L 54 -21.08 19.19 22.01
C SER L 54 -20.37 18.12 21.18
N SER L 55 -19.05 18.02 21.27
CA SER L 55 -18.14 17.25 20.36
C SER L 55 -17.83 18.02 19.07
N THR L 56 -18.35 19.24 18.84
CA THR L 56 -18.67 19.66 17.45
C THR L 56 -17.58 20.51 16.80
N PRO L 57 -16.86 21.39 17.52
CA PRO L 57 -15.52 21.76 17.04
C PRO L 57 -14.59 20.70 17.66
N THR L 58 -13.86 19.96 16.82
CA THR L 58 -12.63 19.22 17.20
C THR L 58 -11.43 19.97 16.63
N TYR L 59 -10.28 19.83 17.28
CA TYR L 59 -9.02 20.49 16.87
C TYR L 59 -7.90 19.46 16.92
N TYR L 60 -6.91 19.63 16.04
CA TYR L 60 -5.76 18.71 15.88
C TYR L 60 -4.50 19.53 15.63
N GLY L 61 -3.39 19.10 16.23
CA GLY L 61 -2.05 19.60 15.86
C GLY L 61 -1.71 19.24 14.42
N GLU L 62 -0.89 20.03 13.77
CA GLU L 62 -0.55 19.88 12.34
C GLU L 62 -0.01 18.48 12.09
N SER L 63 0.83 17.95 12.98
CA SER L 63 1.62 16.72 12.68
C SER L 63 0.78 15.46 12.93
N VAL L 64 -0.40 15.58 13.54
CA VAL L 64 -1.26 14.38 13.79
C VAL L 64 -2.55 14.47 12.96
N LYS L 65 -2.83 15.62 12.36
CA LYS L 65 -4.04 15.81 11.51
C LYS L 65 -4.12 14.66 10.50
N GLY L 66 -5.27 14.01 10.39
CA GLY L 66 -5.51 12.87 9.47
C GLY L 66 -5.29 11.52 10.15
N ARG L 67 -4.39 11.42 11.12
CA ARG L 67 -3.96 10.13 11.71
C ARG L 67 -4.69 9.87 13.04
N PHE L 68 -5.01 10.91 13.79
CA PHE L 68 -5.55 10.83 15.19
C PHE L 68 -6.98 11.34 15.20
N THR L 69 -7.85 10.72 15.99
CA THR L 69 -9.27 11.10 16.14
C THR L 69 -9.56 11.23 17.62
N ILE L 70 -10.01 12.43 18.03
CA ILE L 70 -10.45 12.66 19.44
C ILE L 70 -11.97 12.48 19.47
N SER L 71 -12.49 11.91 20.54
CA SER L 71 -13.94 11.67 20.75
C SER L 71 -14.19 11.66 22.27
N ARG L 72 -15.44 11.83 22.67
CA ARG L 72 -15.82 11.86 24.10
C ARG L 72 -17.09 11.03 24.27
N ASP L 73 -17.23 10.41 25.43
CA ASP L 73 -18.42 9.67 25.85
C ASP L 73 -18.79 10.23 27.23
N ASN L 74 -19.73 11.17 27.24
CA ASN L 74 -20.12 11.91 28.46
C ASN L 74 -20.69 10.92 29.48
N ALA L 75 -21.38 9.85 29.04
CA ALA L 75 -21.95 8.83 29.96
C ALA L 75 -20.83 8.16 30.78
N LYS L 76 -19.60 8.14 30.29
CA LYS L 76 -18.45 7.47 30.97
C LYS L 76 -17.39 8.47 31.43
N ASN L 77 -17.67 9.77 31.38
CA ASN L 77 -16.71 10.82 31.80
C ASN L 77 -15.36 10.59 31.09
N THR L 78 -15.36 10.14 29.84
CA THR L 78 -14.13 9.69 29.15
C THR L 78 -13.97 10.43 27.81
N VAL L 79 -12.74 10.88 27.58
CA VAL L 79 -12.25 11.36 26.26
C VAL L 79 -11.28 10.30 25.73
N TYR L 80 -11.33 10.03 24.42
CA TYR L 80 -10.50 9.02 23.73
C TYR L 80 -9.61 9.71 22.70
N LEU L 81 -8.43 9.13 22.49
CA LEU L 81 -7.55 9.50 21.34
C LEU L 81 -7.22 8.21 20.56
N GLN L 82 -7.85 8.05 19.39
CA GLN L 82 -7.56 6.98 18.41
C GLN L 82 -6.32 7.46 17.65
N MET L 83 -5.20 6.75 17.77
CA MET L 83 -3.93 7.09 17.10
C MET L 83 -3.65 5.99 16.07
N ASN L 84 -3.75 6.33 14.79
CA ASN L 84 -3.49 5.40 13.66
C ASN L 84 -2.16 5.77 12.99
N ARG L 85 -1.57 4.80 12.29
CA ARG L 85 -0.36 5.01 11.46
C ARG L 85 0.69 5.73 12.32
N LEU L 86 0.99 5.19 13.49
CA LEU L 86 1.96 5.78 14.45
C LEU L 86 3.38 5.74 13.87
N LYS L 87 4.14 6.81 14.09
CA LYS L 87 5.54 6.99 13.64
C LYS L 87 6.42 7.14 14.87
N PRO L 88 7.73 6.83 14.81
CA PRO L 88 8.63 7.05 15.95
C PRO L 88 8.53 8.44 16.60
N GLU L 89 8.30 9.50 15.81
CA GLU L 89 8.15 10.91 16.23
C GLU L 89 6.94 11.10 17.14
N ASP L 90 6.05 10.10 17.23
CA ASP L 90 4.84 10.15 18.10
C ASP L 90 5.16 9.65 19.51
N THR L 91 6.34 9.07 19.71
CA THR L 91 6.81 8.62 21.05
C THR L 91 6.86 9.83 21.99
N ALA L 92 6.16 9.75 23.11
CA ALA L 92 6.08 10.83 24.13
C ALA L 92 5.21 10.39 25.31
N VAL L 93 5.20 11.19 26.36
CA VAL L 93 4.17 11.14 27.42
C VAL L 93 2.96 11.91 26.88
N TYR L 94 1.80 11.28 26.90
CA TYR L 94 0.52 11.87 26.45
C TYR L 94 -0.28 12.26 27.69
N PHE L 95 -0.61 13.55 27.79
CA PHE L 95 -1.35 14.17 28.91
C PHE L 95 -2.78 14.50 28.46
N CYS L 96 -3.71 14.07 29.30
CA CYS L 96 -5.12 14.49 29.29
C CYS L 96 -5.22 15.87 29.94
N ALA L 97 -6.04 16.77 29.39
CA ALA L 97 -6.31 18.06 30.04
C ALA L 97 -7.78 18.42 29.90
N ALA L 98 -8.26 19.30 30.80
CA ALA L 98 -9.67 19.73 30.85
C ALA L 98 -9.77 21.18 31.30
N ASP L 99 -10.78 21.88 30.78
CA ASP L 99 -11.15 23.25 31.18
C ASP L 99 -12.63 23.49 30.89
N ARG L 100 -13.26 24.33 31.68
CA ARG L 100 -14.67 24.76 31.45
C ARG L 100 -14.74 25.56 30.14
N GLY L 101 -13.70 26.31 29.82
CA GLY L 101 -13.67 27.24 28.67
C GLY L 101 -12.99 26.62 27.46
N GLU L 102 -13.51 26.99 26.29
CA GLU L 102 -12.88 26.71 24.97
C GLU L 102 -12.06 27.94 24.56
N SER L 103 -10.77 27.78 24.33
CA SER L 103 -9.83 28.88 24.01
C SER L 103 -9.75 29.11 22.50
N TYR L 104 -9.76 30.38 22.08
CA TYR L 104 -9.29 30.76 20.74
C TYR L 104 -7.85 30.27 20.58
N TYR L 105 -7.02 30.30 21.63
CA TYR L 105 -5.61 29.82 21.61
C TYR L 105 -5.57 28.38 22.16
N TYR L 106 -6.30 27.48 21.52
CA TYR L 106 -6.58 26.11 22.04
C TYR L 106 -5.30 25.27 22.14
N THR L 107 -4.19 25.68 21.51
CA THR L 107 -2.89 24.95 21.59
C THR L 107 -2.10 25.36 22.84
N ARG L 108 -2.50 26.39 23.57
CA ARG L 108 -1.73 26.87 24.76
C ARG L 108 -2.02 26.00 25.98
N PRO L 109 -0.99 25.37 26.58
CA PRO L 109 -1.16 24.66 27.84
C PRO L 109 -1.84 25.47 28.95
N THR L 110 -1.50 26.76 29.06
CA THR L 110 -2.01 27.67 30.13
C THR L 110 -3.51 27.88 29.99
N GLU L 111 -4.14 27.54 28.87
CA GLU L 111 -5.62 27.68 28.69
C GLU L 111 -6.37 26.49 29.33
N TYR L 112 -5.68 25.48 29.86
CA TYR L 112 -6.33 24.30 30.47
C TYR L 112 -5.95 24.21 31.95
N GLU L 113 -6.92 24.27 32.86
CA GLU L 113 -6.66 24.31 34.32
C GLU L 113 -6.21 22.94 34.83
N PHE L 114 -6.78 21.84 34.35
CA PHE L 114 -6.62 20.48 34.91
C PHE L 114 -5.81 19.61 33.96
N TRP L 115 -4.84 18.89 34.51
CA TRP L 115 -3.88 18.03 33.80
C TRP L 115 -3.77 16.67 34.48
N GLY L 116 -3.83 15.60 33.68
CA GLY L 116 -3.40 14.27 34.15
C GLY L 116 -1.88 14.22 34.34
N GLN L 117 -1.37 13.12 34.87
CA GLN L 117 0.09 12.92 35.10
C GLN L 117 0.74 12.40 33.80
N GLY L 118 -0.06 11.93 32.85
CA GLY L 118 0.41 11.45 31.55
C GLY L 118 0.64 9.93 31.53
N THR L 119 0.68 9.34 30.33
CA THR L 119 0.99 7.92 30.07
C THR L 119 1.96 7.84 28.88
N GLN L 120 2.98 6.99 28.98
CA GLN L 120 4.01 6.80 27.95
C GLN L 120 3.39 6.05 26.77
N VAL L 121 3.58 6.59 25.57
CA VAL L 121 3.43 5.88 24.27
C VAL L 121 4.83 5.76 23.65
N THR L 122 5.26 4.56 23.30
CA THR L 122 6.57 4.30 22.65
C THR L 122 6.33 3.59 21.32
N VAL L 123 6.82 4.18 20.22
CA VAL L 123 6.67 3.61 18.85
C VAL L 123 8.07 3.16 18.40
N SER L 124 8.32 1.84 18.31
CA SER L 124 9.60 1.26 17.81
C SER L 124 9.60 1.28 16.28
N SER L 125 10.79 1.22 15.67
CA SER L 125 10.97 1.28 14.19
C SER L 125 11.39 -0.10 13.66
#